data_2EL9
#
_entry.id   2EL9
#
_cell.length_a   60.113
_cell.length_b   108.345
_cell.length_c   193.645
_cell.angle_alpha   90.00
_cell.angle_beta   98.21
_cell.angle_gamma   90.00
#
_symmetry.space_group_name_H-M   'P 1 21 1'
#
loop_
_entity.id
_entity.type
_entity.pdbx_description
1 polymer 'Histidyl-tRNA synthetase'
2 non-polymer "5'-O-[(L-HISTIDYLAMINO)SULFONYL]ADENOSINE"
3 water water
#
_entity_poly.entity_id   1
_entity_poly.type   'polypeptide(L)'
_entity_poly.pdbx_seq_one_letter_code
;GPGYQDPMAKNIQAIRGMNDYLPGETAIWQRIEGTLKNVLGSYGYSEIRLPIVEQTPLFKRAIGEVTDVVEKEMYTFEDR
NGDSLTLRPEGTAGCVRAGIEHGLLYNQEQRLWYIGPMFRHERPQKGRYRQFHQLGCEVFGLQGPDIDAELIMLTARWWR
ALGISEHVTLELNSIGSLEARANYRDALVAFLEQHKEKLDEDCKRRMYTNPLRVLDSKNPEVQALLNDAPALGDYLDEES
REHFAGLCKLLESAGIAYTVNQRLVRGLDYYNRTVFEWVTNSLGSQGTVCAGGRYDGLVEQLGGRATPAVGFAMGLERLV
LLVQAVNPEFKADPVVDIYLVASGADTQSAAMALAERLRDELPGVKLMTNHGGGNFKKQFARADKWGARVAVVLGESEVA
NGTAVVKDLRSGEQTAVAQDSVAAHLRTLLG
;
_entity_poly.pdbx_strand_id   A,B,C,D
#
loop_
_chem_comp.id
_chem_comp.type
_chem_comp.name
_chem_comp.formula
HSS non-polymer 5'-O-[(L-HISTIDYLAMINO)SULFONYL]ADENOSINE 'C16 H21 N9 O7 S'
#
# COMPACT_ATOMS: atom_id res chain seq x y z
N LYS A 10 5.90 14.50 -17.87
CA LYS A 10 6.50 13.66 -16.80
C LYS A 10 5.90 12.24 -16.73
N ASN A 11 6.33 11.53 -15.70
CA ASN A 11 5.96 10.15 -15.43
C ASN A 11 4.60 9.58 -15.75
N ILE A 12 4.62 8.39 -16.36
CA ILE A 12 3.40 7.67 -16.66
C ILE A 12 3.43 6.57 -15.64
N GLN A 13 2.26 6.20 -15.15
CA GLN A 13 2.20 5.15 -14.16
C GLN A 13 1.48 3.92 -14.68
N ALA A 14 1.82 2.76 -14.15
CA ALA A 14 1.16 1.56 -14.61
C ALA A 14 -0.34 1.75 -14.40
N ILE A 15 -1.14 1.22 -15.31
CA ILE A 15 -2.57 1.31 -15.18
C ILE A 15 -2.94 0.67 -13.84
N ARG A 16 -3.99 1.17 -13.20
CA ARG A 16 -4.42 0.65 -11.93
C ARG A 16 -4.88 -0.79 -12.11
N GLY A 17 -4.42 -1.68 -11.24
CA GLY A 17 -4.82 -3.07 -11.33
C GLY A 17 -3.91 -3.90 -12.24
N MET A 18 -2.74 -3.35 -12.55
CA MET A 18 -1.78 -4.05 -13.39
C MET A 18 -0.40 -3.84 -12.82
N ASN A 19 0.21 -4.97 -12.45
CA ASN A 19 1.49 -4.97 -11.79
C ASN A 19 2.74 -5.21 -12.58
N ASP A 20 3.83 -4.83 -11.93
CA ASP A 20 5.18 -4.98 -12.44
C ASP A 20 5.96 -5.91 -11.55
N TYR A 21 5.97 -7.19 -11.85
CA TYR A 21 6.74 -8.10 -11.04
C TYR A 21 8.21 -7.79 -11.34
N LEU A 22 8.84 -7.09 -10.41
CA LEU A 22 10.23 -6.71 -10.54
C LEU A 22 11.15 -7.92 -10.36
N PRO A 23 12.42 -7.81 -10.79
CA PRO A 23 13.37 -8.90 -10.67
C PRO A 23 13.17 -9.80 -9.43
N GLY A 24 13.54 -9.29 -8.25
CA GLY A 24 13.40 -10.07 -7.02
C GLY A 24 12.17 -10.96 -6.94
N GLU A 25 11.04 -10.38 -7.30
CA GLU A 25 9.74 -11.04 -7.25
C GLU A 25 9.66 -12.21 -8.22
N THR A 26 10.16 -11.93 -9.41
CA THR A 26 10.16 -12.84 -10.54
C THR A 26 10.90 -14.13 -10.24
N ALA A 27 11.99 -14.04 -9.48
CA ALA A 27 12.76 -15.24 -9.15
C ALA A 27 11.91 -16.26 -8.40
N ILE A 28 11.09 -15.76 -7.48
CA ILE A 28 10.18 -16.58 -6.68
C ILE A 28 9.20 -17.26 -7.60
N TRP A 29 8.54 -16.45 -8.44
CA TRP A 29 7.56 -16.91 -9.43
C TRP A 29 8.13 -18.05 -10.30
N GLN A 30 9.34 -17.82 -10.79
CA GLN A 30 10.08 -18.77 -11.60
C GLN A 30 10.17 -20.11 -10.87
N ARG A 31 10.59 -20.08 -9.62
CA ARG A 31 10.69 -21.33 -8.90
C ARG A 31 9.34 -22.05 -8.74
N ILE A 32 8.31 -21.31 -8.35
CA ILE A 32 7.00 -21.89 -8.14
C ILE A 32 6.42 -22.41 -9.45
N GLU A 33 6.46 -21.57 -10.48
CA GLU A 33 5.94 -21.97 -11.77
C GLU A 33 6.61 -23.31 -12.21
N GLY A 34 7.92 -23.41 -11.96
CA GLY A 34 8.63 -24.62 -12.33
C GLY A 34 8.10 -25.87 -11.65
N THR A 35 7.86 -25.76 -10.35
CA THR A 35 7.37 -26.89 -9.59
C THR A 35 6.01 -27.28 -10.15
N LEU A 36 5.14 -26.29 -10.32
CA LEU A 36 3.81 -26.53 -10.84
C LEU A 36 3.86 -27.30 -12.16
N LYS A 37 4.64 -26.74 -13.09
CA LYS A 37 4.78 -27.31 -14.41
C LYS A 37 5.34 -28.71 -14.34
N ASN A 38 6.29 -28.88 -13.43
CA ASN A 38 6.92 -30.17 -13.23
C ASN A 38 5.88 -31.23 -12.83
N VAL A 39 5.04 -30.89 -11.85
CA VAL A 39 3.99 -31.80 -11.42
C VAL A 39 3.02 -32.05 -12.61
N LEU A 40 2.62 -30.98 -13.30
CA LEU A 40 1.71 -31.12 -14.43
C LEU A 40 2.27 -32.12 -15.43
N GLY A 41 3.60 -32.19 -15.52
CA GLY A 41 4.21 -33.12 -16.47
C GLY A 41 4.21 -34.56 -15.99
N SER A 42 4.34 -34.73 -14.67
CA SER A 42 4.37 -36.05 -14.06
C SER A 42 3.02 -36.73 -14.24
N TYR A 43 1.98 -35.92 -14.52
CA TYR A 43 0.66 -36.48 -14.79
C TYR A 43 0.33 -36.72 -16.27
N GLY A 44 1.25 -36.41 -17.18
CA GLY A 44 1.00 -36.63 -18.61
C GLY A 44 0.31 -35.50 -19.40
N TYR A 45 0.01 -34.38 -18.73
CA TYR A 45 -0.65 -33.26 -19.37
C TYR A 45 0.23 -32.49 -20.35
N SER A 46 -0.41 -31.79 -21.29
CA SER A 46 0.32 -31.03 -22.31
C SER A 46 0.00 -29.53 -22.28
N GLU A 47 0.99 -28.70 -22.59
CA GLU A 47 0.72 -27.26 -22.60
C GLU A 47 0.05 -26.85 -23.91
N ILE A 48 -0.90 -25.95 -23.80
CA ILE A 48 -1.56 -25.39 -24.97
C ILE A 48 -1.50 -23.85 -24.80
N ARG A 49 -1.35 -23.13 -25.89
CA ARG A 49 -1.32 -21.67 -25.81
C ARG A 49 -2.40 -21.03 -26.67
N LEU A 50 -3.14 -20.13 -26.05
CA LEU A 50 -4.27 -19.45 -26.71
C LEU A 50 -4.10 -17.94 -26.72
N PRO A 51 -4.76 -17.25 -27.67
CA PRO A 51 -4.66 -15.79 -27.80
C PRO A 51 -5.13 -15.01 -26.59
N ILE A 52 -4.61 -13.81 -26.45
CA ILE A 52 -4.96 -12.92 -25.36
C ILE A 52 -6.35 -12.37 -25.63
N VAL A 53 -6.67 -12.09 -26.89
CA VAL A 53 -7.98 -11.54 -27.24
C VAL A 53 -8.76 -12.47 -28.15
N GLU A 54 -10.09 -12.43 -28.01
CA GLU A 54 -11.00 -13.25 -28.82
C GLU A 54 -12.25 -12.43 -29.07
N GLN A 55 -13.00 -12.79 -30.11
CA GLN A 55 -14.24 -12.11 -30.43
C GLN A 55 -15.18 -12.11 -29.23
N THR A 56 -15.76 -10.98 -28.92
CA THR A 56 -16.64 -10.87 -27.77
C THR A 56 -17.74 -11.94 -27.68
N PRO A 57 -18.40 -12.25 -28.79
CA PRO A 57 -19.43 -13.28 -28.70
C PRO A 57 -19.03 -14.49 -27.84
N LEU A 58 -17.80 -14.97 -28.04
CA LEU A 58 -17.28 -16.13 -27.31
C LEU A 58 -17.57 -16.12 -25.82
N PHE A 59 -17.24 -15.03 -25.13
CA PHE A 59 -17.48 -14.97 -23.69
C PHE A 59 -18.93 -14.59 -23.41
N LYS A 60 -19.64 -14.15 -24.43
CA LYS A 60 -21.04 -13.82 -24.25
C LYS A 60 -21.75 -15.17 -24.21
N ARG A 61 -21.49 -15.97 -25.27
CA ARG A 61 -22.06 -17.30 -25.40
C ARG A 61 -21.65 -18.25 -24.27
N ALA A 62 -20.42 -18.75 -24.34
CA ALA A 62 -19.90 -19.68 -23.36
C ALA A 62 -20.04 -19.27 -21.90
N ILE A 63 -19.67 -18.04 -21.55
CA ILE A 63 -19.78 -17.65 -20.15
C ILE A 63 -21.18 -17.22 -19.73
N GLY A 64 -21.93 -16.65 -20.68
CA GLY A 64 -23.29 -16.20 -20.39
C GLY A 64 -23.48 -14.69 -20.55
N GLU A 65 -24.74 -14.26 -20.63
CA GLU A 65 -25.05 -12.84 -20.77
C GLU A 65 -25.41 -12.26 -19.40
N VAL A 66 -25.86 -13.14 -18.52
CA VAL A 66 -26.28 -12.75 -17.20
C VAL A 66 -25.13 -12.66 -16.20
N THR A 67 -24.03 -13.34 -16.49
CA THR A 67 -22.88 -13.33 -15.58
C THR A 67 -22.32 -11.93 -15.27
N ASP A 68 -21.94 -11.70 -14.02
CA ASP A 68 -21.39 -10.41 -13.59
C ASP A 68 -20.11 -10.14 -14.38
N VAL A 69 -19.52 -11.21 -14.89
CA VAL A 69 -18.28 -11.13 -15.66
C VAL A 69 -18.53 -10.40 -16.97
N VAL A 70 -19.31 -11.01 -17.86
CA VAL A 70 -19.61 -10.42 -19.16
C VAL A 70 -20.32 -9.09 -19.02
N GLU A 71 -21.34 -9.08 -18.18
CA GLU A 71 -22.13 -7.88 -17.96
C GLU A 71 -21.24 -6.68 -17.58
N LYS A 72 -20.59 -6.74 -16.43
CA LYS A 72 -19.78 -5.61 -15.98
C LYS A 72 -18.30 -5.83 -15.71
N GLU A 73 -17.65 -6.79 -16.39
CA GLU A 73 -16.24 -7.05 -16.10
C GLU A 73 -15.20 -7.21 -17.23
N MET A 74 -15.66 -7.36 -18.46
CA MET A 74 -14.76 -7.56 -19.58
C MET A 74 -14.17 -6.30 -20.18
N TYR A 75 -13.08 -6.47 -20.94
CA TYR A 75 -12.43 -5.36 -21.63
C TYR A 75 -12.77 -5.58 -23.09
N THR A 76 -13.78 -4.86 -23.58
CA THR A 76 -14.16 -5.03 -24.97
C THR A 76 -13.89 -3.76 -25.74
N PHE A 77 -13.53 -3.91 -27.00
CA PHE A 77 -13.28 -2.77 -27.85
C PHE A 77 -13.58 -3.20 -29.28
N GLU A 78 -13.70 -2.22 -30.18
CA GLU A 78 -14.04 -2.49 -31.56
C GLU A 78 -12.81 -2.39 -32.43
N ASP A 79 -12.48 -3.48 -33.10
CA ASP A 79 -11.33 -3.50 -33.97
C ASP A 79 -11.52 -2.49 -35.11
N ARG A 80 -10.46 -2.21 -35.84
CA ARG A 80 -10.54 -1.29 -36.97
C ARG A 80 -11.54 -1.76 -38.03
N ASN A 81 -11.81 -3.07 -38.11
CA ASN A 81 -12.75 -3.57 -39.11
C ASN A 81 -14.15 -3.63 -38.53
N GLY A 82 -14.30 -3.13 -37.31
CA GLY A 82 -15.60 -3.10 -36.66
C GLY A 82 -16.04 -4.34 -35.88
N ASP A 83 -15.10 -5.22 -35.54
CA ASP A 83 -15.45 -6.42 -34.77
C ASP A 83 -15.31 -6.18 -33.27
N SER A 84 -16.25 -6.68 -32.51
CA SER A 84 -16.22 -6.53 -31.06
C SER A 84 -15.15 -7.49 -30.54
N LEU A 85 -14.16 -6.94 -29.85
CA LEU A 85 -13.07 -7.74 -29.33
C LEU A 85 -13.07 -7.66 -27.85
N THR A 86 -12.65 -8.76 -27.23
CA THR A 86 -12.58 -8.81 -25.79
C THR A 86 -11.28 -9.45 -25.30
N LEU A 87 -10.71 -8.83 -24.27
CA LEU A 87 -9.51 -9.27 -23.59
C LEU A 87 -9.97 -10.41 -22.69
N ARG A 88 -9.46 -11.61 -22.96
CA ARG A 88 -9.83 -12.81 -22.22
C ARG A 88 -9.83 -12.67 -20.70
N PRO A 89 -10.99 -12.90 -20.07
CA PRO A 89 -11.26 -12.85 -18.63
C PRO A 89 -11.01 -14.22 -18.00
N GLU A 90 -10.72 -15.19 -18.87
CA GLU A 90 -10.43 -16.58 -18.50
C GLU A 90 -10.03 -17.31 -19.79
N GLY A 91 -9.59 -18.56 -19.67
CA GLY A 91 -9.17 -19.31 -20.85
C GLY A 91 -9.95 -20.55 -21.25
N THR A 92 -10.88 -20.99 -20.41
CA THR A 92 -11.68 -22.18 -20.73
C THR A 92 -12.43 -22.01 -22.04
N ALA A 93 -13.03 -20.84 -22.22
CA ALA A 93 -13.77 -20.55 -23.44
C ALA A 93 -12.78 -20.58 -24.59
N GLY A 94 -11.65 -19.91 -24.37
CA GLY A 94 -10.61 -19.84 -25.38
C GLY A 94 -10.18 -21.23 -25.79
N CYS A 95 -9.98 -22.10 -24.80
CA CYS A 95 -9.53 -23.45 -25.10
C CYS A 95 -10.53 -24.21 -25.97
N VAL A 96 -11.77 -24.34 -25.52
CA VAL A 96 -12.80 -25.06 -26.27
C VAL A 96 -12.81 -24.56 -27.70
N ARG A 97 -12.74 -23.22 -27.84
CA ARG A 97 -12.74 -22.53 -29.13
C ARG A 97 -11.66 -23.00 -30.09
N ALA A 98 -10.43 -23.04 -29.58
CA ALA A 98 -9.31 -23.49 -30.39
C ALA A 98 -9.43 -25.00 -30.54
N GLY A 99 -10.13 -25.60 -29.58
CA GLY A 99 -10.33 -27.04 -29.55
C GLY A 99 -11.21 -27.51 -30.69
N ILE A 100 -12.37 -26.86 -30.80
CA ILE A 100 -13.33 -27.17 -31.84
C ILE A 100 -12.71 -26.78 -33.18
N GLU A 101 -12.11 -25.60 -33.23
CA GLU A 101 -11.50 -25.08 -34.45
C GLU A 101 -10.33 -25.87 -35.02
N HIS A 102 -9.57 -26.55 -34.18
CA HIS A 102 -8.44 -27.30 -34.70
C HIS A 102 -8.70 -28.79 -34.67
N GLY A 103 -9.93 -29.14 -34.30
CA GLY A 103 -10.35 -30.53 -34.26
C GLY A 103 -9.39 -31.39 -33.47
N LEU A 104 -9.50 -31.28 -32.15
CA LEU A 104 -8.66 -32.03 -31.25
C LEU A 104 -9.59 -32.57 -30.20
N LEU A 105 -10.89 -32.41 -30.43
CA LEU A 105 -11.87 -32.87 -29.46
C LEU A 105 -12.86 -33.91 -29.99
N TYR A 106 -12.88 -34.17 -31.29
CA TYR A 106 -13.83 -35.16 -31.80
C TYR A 106 -13.44 -36.57 -31.44
N ASN A 107 -14.08 -37.10 -30.40
CA ASN A 107 -13.80 -38.45 -29.93
C ASN A 107 -12.32 -38.55 -29.58
N GLN A 108 -11.80 -37.55 -28.88
CA GLN A 108 -10.40 -37.58 -28.50
C GLN A 108 -10.24 -37.18 -27.06
N GLU A 109 -9.17 -37.67 -26.45
CA GLU A 109 -8.94 -37.33 -25.07
C GLU A 109 -7.85 -36.28 -25.10
N GLN A 110 -8.00 -35.24 -24.31
CA GLN A 110 -6.98 -34.21 -24.27
C GLN A 110 -6.82 -33.75 -22.84
N ARG A 111 -5.58 -33.78 -22.35
CA ARG A 111 -5.29 -33.33 -21.00
C ARG A 111 -4.28 -32.24 -21.25
N LEU A 112 -4.78 -31.02 -21.09
CA LEU A 112 -4.01 -29.83 -21.36
C LEU A 112 -3.96 -28.84 -20.21
N TRP A 113 -2.94 -27.99 -20.24
CA TRP A 113 -2.78 -26.95 -19.24
C TRP A 113 -2.28 -25.69 -19.94
N TYR A 114 -2.47 -24.55 -19.30
CA TYR A 114 -2.06 -23.28 -19.86
C TYR A 114 -1.75 -22.28 -18.75
N ILE A 115 -0.93 -21.30 -19.09
CA ILE A 115 -0.55 -20.29 -18.12
C ILE A 115 -0.45 -18.96 -18.85
N GLY A 116 -0.87 -17.89 -18.20
CA GLY A 116 -0.80 -16.61 -18.87
C GLY A 116 -1.72 -15.62 -18.22
N PRO A 117 -1.68 -14.37 -18.66
CA PRO A 117 -2.53 -13.33 -18.08
C PRO A 117 -4.01 -13.49 -18.41
N MET A 118 -4.82 -12.87 -17.57
CA MET A 118 -6.27 -12.86 -17.71
C MET A 118 -6.74 -11.45 -17.35
N PHE A 119 -7.85 -11.02 -17.93
CA PHE A 119 -8.35 -9.67 -17.66
C PHE A 119 -9.82 -9.56 -17.26
N ARG A 120 -10.07 -8.73 -16.25
CA ARG A 120 -11.43 -8.48 -15.76
C ARG A 120 -11.44 -7.14 -15.03
N HIS A 121 -12.45 -6.32 -15.30
CA HIS A 121 -12.53 -5.02 -14.64
C HIS A 121 -13.34 -5.05 -13.34
N GLU A 122 -12.75 -5.62 -12.30
CA GLU A 122 -13.34 -5.70 -10.98
C GLU A 122 -12.63 -4.58 -10.24
N ARG A 123 -12.90 -4.38 -8.94
CA ARG A 123 -12.17 -3.31 -8.26
C ARG A 123 -11.01 -3.88 -7.47
N PRO A 124 -9.81 -3.26 -7.60
CA PRO A 124 -8.57 -3.65 -6.92
C PRO A 124 -8.68 -3.98 -5.43
N GLN A 125 -8.28 -5.20 -5.09
CA GLN A 125 -8.27 -5.71 -3.71
C GLN A 125 -6.84 -6.21 -3.48
N LYS A 126 -6.62 -6.92 -2.38
CA LYS A 126 -5.30 -7.45 -2.09
C LYS A 126 -5.09 -8.66 -3.00
N GLY A 127 -6.08 -9.56 -3.01
CA GLY A 127 -5.98 -10.74 -3.85
C GLY A 127 -6.67 -10.57 -5.19
N ARG A 128 -7.02 -9.33 -5.54
CA ARG A 128 -7.68 -9.09 -6.81
C ARG A 128 -6.97 -8.01 -7.63
N TYR A 129 -6.72 -8.36 -8.90
CA TYR A 129 -6.00 -7.48 -9.81
C TYR A 129 -6.72 -7.46 -11.17
N ARG A 130 -6.59 -6.37 -11.94
CA ARG A 130 -7.27 -6.28 -13.25
C ARG A 130 -6.56 -7.10 -14.35
N GLN A 131 -5.25 -7.26 -14.22
CA GLN A 131 -4.52 -8.14 -15.12
C GLN A 131 -3.97 -9.12 -14.11
N PHE A 132 -4.48 -10.33 -14.09
CA PHE A 132 -4.00 -11.31 -13.13
C PHE A 132 -3.59 -12.53 -13.93
N HIS A 133 -2.93 -13.49 -13.27
CA HIS A 133 -2.47 -14.70 -13.96
C HIS A 133 -2.97 -16.04 -13.49
N GLN A 134 -3.35 -16.88 -14.43
CA GLN A 134 -3.86 -18.20 -14.10
C GLN A 134 -3.05 -19.35 -14.68
N LEU A 135 -3.10 -20.48 -14.00
CA LEU A 135 -2.47 -21.69 -14.46
C LEU A 135 -3.70 -22.58 -14.50
N GLY A 136 -4.17 -22.94 -15.69
CA GLY A 136 -5.37 -23.76 -15.76
C GLY A 136 -5.24 -25.10 -16.45
N CYS A 137 -6.11 -26.05 -16.09
CA CYS A 137 -6.14 -27.38 -16.68
C CYS A 137 -7.50 -27.65 -17.22
N GLU A 138 -7.57 -28.35 -18.34
CA GLU A 138 -8.83 -28.71 -18.96
C GLU A 138 -8.65 -30.10 -19.56
N VAL A 139 -9.66 -30.96 -19.38
CA VAL A 139 -9.59 -32.30 -19.94
C VAL A 139 -10.84 -32.57 -20.75
N PHE A 140 -10.67 -33.17 -21.92
CA PHE A 140 -11.78 -33.47 -22.80
C PHE A 140 -11.84 -34.94 -23.17
N GLY A 141 -13.03 -35.51 -23.09
CA GLY A 141 -13.22 -36.90 -23.45
C GLY A 141 -13.55 -37.86 -22.32
N LEU A 142 -13.42 -37.39 -21.08
CA LEU A 142 -13.69 -38.25 -19.94
C LEU A 142 -14.90 -37.76 -19.17
N GLN A 143 -15.78 -38.70 -18.89
CA GLN A 143 -17.05 -38.41 -18.25
C GLN A 143 -17.08 -38.70 -16.77
N GLY A 144 -16.70 -39.92 -16.45
CA GLY A 144 -16.72 -40.41 -15.08
C GLY A 144 -16.14 -39.46 -14.06
N PRO A 145 -16.34 -39.77 -12.78
CA PRO A 145 -15.83 -38.95 -11.68
C PRO A 145 -14.36 -39.26 -11.48
N ASP A 146 -13.92 -40.38 -12.08
CA ASP A 146 -12.53 -40.77 -11.93
C ASP A 146 -11.62 -39.60 -12.31
N ILE A 147 -11.74 -39.13 -13.55
CA ILE A 147 -10.93 -38.00 -14.06
C ILE A 147 -11.05 -36.74 -13.21
N ASP A 148 -12.20 -36.54 -12.58
CA ASP A 148 -12.42 -35.38 -11.73
C ASP A 148 -11.51 -35.56 -10.52
N ALA A 149 -11.40 -36.82 -10.10
CA ALA A 149 -10.57 -37.18 -8.96
C ALA A 149 -9.11 -36.83 -9.27
N GLU A 150 -8.63 -37.27 -10.43
CA GLU A 150 -7.26 -37.00 -10.84
C GLU A 150 -6.89 -35.50 -10.73
N LEU A 151 -7.76 -34.64 -11.26
CA LEU A 151 -7.49 -33.21 -11.24
C LEU A 151 -7.31 -32.73 -9.83
N ILE A 152 -8.24 -33.11 -8.94
CA ILE A 152 -8.14 -32.71 -7.54
C ILE A 152 -6.84 -33.23 -6.94
N MET A 153 -6.48 -34.46 -7.29
CA MET A 153 -5.25 -35.06 -6.81
C MET A 153 -4.07 -34.27 -7.31
N LEU A 154 -4.18 -33.80 -8.55
CA LEU A 154 -3.12 -33.00 -9.17
C LEU A 154 -2.94 -31.75 -8.33
N THR A 155 -4.03 -31.04 -8.06
CA THR A 155 -3.92 -29.84 -7.23
C THR A 155 -3.35 -30.23 -5.87
N ALA A 156 -3.78 -31.40 -5.38
CA ALA A 156 -3.30 -31.89 -4.09
C ALA A 156 -1.77 -31.97 -4.04
N ARG A 157 -1.19 -32.47 -5.13
CA ARG A 157 0.25 -32.62 -5.24
C ARG A 157 0.99 -31.31 -5.25
N TRP A 158 0.39 -30.27 -5.83
CA TRP A 158 1.04 -28.96 -5.85
C TRP A 158 1.21 -28.47 -4.42
N TRP A 159 0.12 -28.46 -3.66
CA TRP A 159 0.16 -28.01 -2.26
C TRP A 159 1.31 -28.70 -1.53
N ARG A 160 1.41 -30.02 -1.67
CA ARG A 160 2.49 -30.75 -1.04
C ARG A 160 3.79 -30.14 -1.55
N ALA A 161 3.98 -30.21 -2.87
CA ALA A 161 5.18 -29.71 -3.53
C ALA A 161 5.61 -28.32 -3.06
N LEU A 162 4.62 -27.44 -2.89
CA LEU A 162 4.85 -26.08 -2.45
C LEU A 162 4.95 -25.91 -0.92
N GLY A 163 4.40 -26.88 -0.20
CA GLY A 163 4.42 -26.87 1.26
C GLY A 163 3.34 -26.01 1.88
N ILE A 164 2.11 -26.15 1.41
CA ILE A 164 0.99 -25.35 1.90
C ILE A 164 -0.28 -26.17 2.03
N SER A 165 -0.13 -27.48 2.25
CA SER A 165 -1.29 -28.37 2.39
C SER A 165 -2.10 -28.04 3.64
N GLU A 166 -1.38 -27.54 4.65
CA GLU A 166 -1.96 -27.16 5.93
C GLU A 166 -2.71 -25.83 5.84
N HIS A 167 -2.80 -25.28 4.64
CA HIS A 167 -3.45 -23.99 4.45
C HIS A 167 -4.32 -23.94 3.21
N VAL A 168 -4.83 -25.09 2.82
CA VAL A 168 -5.66 -25.15 1.64
C VAL A 168 -6.74 -26.19 1.79
N THR A 169 -7.99 -25.73 1.84
CA THR A 169 -9.13 -26.60 2.01
C THR A 169 -9.93 -26.75 0.74
N LEU A 170 -10.34 -27.98 0.45
CA LEU A 170 -11.15 -28.28 -0.72
C LEU A 170 -12.66 -28.24 -0.34
N GLU A 171 -13.49 -27.77 -1.26
CA GLU A 171 -14.93 -27.70 -1.03
C GLU A 171 -15.62 -28.19 -2.30
N LEU A 172 -16.39 -29.26 -2.19
CA LEU A 172 -17.07 -29.80 -3.35
C LEU A 172 -18.53 -29.45 -3.41
N ASN A 173 -19.16 -29.89 -4.51
CA ASN A 173 -20.57 -29.64 -4.75
C ASN A 173 -20.98 -30.18 -6.14
N SER A 174 -22.28 -30.45 -6.30
CA SER A 174 -22.81 -30.94 -7.59
C SER A 174 -24.01 -30.10 -7.99
N ILE A 175 -24.23 -29.97 -9.29
CA ILE A 175 -25.34 -29.16 -9.79
C ILE A 175 -26.04 -29.78 -10.98
N GLY A 176 -26.04 -31.11 -11.03
CA GLY A 176 -26.70 -31.82 -12.11
C GLY A 176 -26.69 -31.14 -13.46
N SER A 177 -27.77 -30.44 -13.78
CA SER A 177 -27.86 -29.76 -15.07
C SER A 177 -28.95 -28.71 -15.12
N LEU A 178 -29.63 -28.66 -16.25
CA LEU A 178 -30.72 -27.72 -16.48
C LEU A 178 -31.92 -28.16 -15.66
N GLU A 179 -32.41 -29.37 -15.90
CA GLU A 179 -33.55 -29.91 -15.16
C GLU A 179 -33.36 -29.76 -13.65
N ALA A 180 -32.23 -30.24 -13.15
CA ALA A 180 -31.94 -30.18 -11.72
C ALA A 180 -32.16 -28.80 -11.12
N ARG A 181 -32.28 -27.80 -11.99
CA ARG A 181 -32.49 -26.43 -11.56
C ARG A 181 -33.87 -25.93 -11.99
N ALA A 182 -34.19 -26.17 -13.26
CA ALA A 182 -35.47 -25.77 -13.84
C ALA A 182 -36.61 -26.61 -13.26
N ASN A 183 -36.26 -27.39 -12.24
CA ASN A 183 -37.21 -28.26 -11.54
C ASN A 183 -37.04 -27.98 -10.05
N TYR A 184 -35.90 -27.41 -9.70
CA TYR A 184 -35.58 -27.06 -8.33
C TYR A 184 -35.92 -25.59 -8.13
N ARG A 185 -36.68 -25.01 -9.07
CA ARG A 185 -37.06 -23.60 -8.99
C ARG A 185 -37.66 -23.23 -7.62
N ASP A 186 -38.74 -23.89 -7.25
CA ASP A 186 -39.45 -23.67 -5.98
C ASP A 186 -38.55 -23.55 -4.76
N ALA A 187 -39.00 -22.76 -3.78
CA ALA A 187 -38.25 -22.56 -2.54
C ALA A 187 -38.99 -21.59 -1.63
N LEU A 232 -31.81 -27.72 -2.46
CA LEU A 232 -30.40 -27.96 -2.18
C LEU A 232 -29.90 -29.15 -3.02
N GLY A 233 -29.83 -28.96 -4.34
CA GLY A 233 -29.38 -30.04 -5.21
C GLY A 233 -30.22 -31.27 -4.93
N ASP A 234 -31.39 -31.03 -4.36
CA ASP A 234 -32.33 -32.09 -4.01
C ASP A 234 -32.67 -32.88 -5.25
N TYR A 235 -33.26 -32.20 -6.24
CA TYR A 235 -33.66 -32.82 -7.50
C TYR A 235 -32.56 -33.74 -7.98
N LEU A 236 -31.48 -33.14 -8.47
CA LEU A 236 -30.30 -33.87 -8.94
C LEU A 236 -30.62 -35.31 -9.32
N ASP A 237 -30.80 -35.59 -10.61
CA ASP A 237 -31.13 -36.96 -11.00
C ASP A 237 -30.09 -37.92 -10.43
N GLU A 238 -30.41 -39.22 -10.43
CA GLU A 238 -29.52 -40.23 -9.87
C GLU A 238 -28.08 -40.20 -10.37
N GLU A 239 -27.91 -40.30 -11.68
CA GLU A 239 -26.57 -40.28 -12.27
C GLU A 239 -25.74 -39.11 -11.75
N SER A 240 -26.41 -38.10 -11.20
CA SER A 240 -25.72 -36.94 -10.64
C SER A 240 -25.23 -37.23 -9.23
N ARG A 241 -26.07 -37.81 -8.38
CA ARG A 241 -25.62 -38.14 -7.03
C ARG A 241 -24.76 -39.38 -7.14
N GLU A 242 -24.91 -40.06 -8.27
CA GLU A 242 -24.15 -41.26 -8.60
C GLU A 242 -22.73 -40.84 -8.93
N HIS A 243 -22.62 -39.94 -9.90
CA HIS A 243 -21.34 -39.41 -10.35
C HIS A 243 -20.64 -38.62 -9.25
N PHE A 244 -21.39 -37.88 -8.43
CA PHE A 244 -20.81 -37.11 -7.33
C PHE A 244 -20.38 -38.01 -6.19
N ALA A 245 -21.17 -39.05 -5.93
CA ALA A 245 -20.87 -40.01 -4.88
C ALA A 245 -19.60 -40.76 -5.28
N GLY A 246 -19.59 -41.24 -6.53
CA GLY A 246 -18.44 -41.98 -7.04
C GLY A 246 -17.16 -41.16 -7.00
N LEU A 247 -17.31 -39.85 -7.01
CA LEU A 247 -16.17 -38.95 -6.97
C LEU A 247 -15.84 -38.69 -5.52
N CYS A 248 -16.85 -38.59 -4.68
CA CYS A 248 -16.60 -38.36 -3.26
C CYS A 248 -15.93 -39.59 -2.67
N LYS A 249 -16.03 -40.73 -3.36
CA LYS A 249 -15.42 -41.92 -2.84
C LYS A 249 -13.95 -41.96 -3.22
N LEU A 250 -13.67 -41.81 -4.51
CA LEU A 250 -12.31 -41.80 -4.99
C LEU A 250 -11.52 -40.82 -4.14
N LEU A 251 -12.15 -39.68 -3.85
CA LEU A 251 -11.50 -38.66 -3.05
C LEU A 251 -11.11 -39.15 -1.66
N GLU A 252 -11.86 -40.11 -1.13
CA GLU A 252 -11.56 -40.63 0.20
C GLU A 252 -10.42 -41.63 0.12
N SER A 253 -10.56 -42.62 -0.75
CA SER A 253 -9.54 -43.64 -0.95
C SER A 253 -8.19 -42.97 -1.21
N ALA A 254 -8.25 -41.67 -1.47
CA ALA A 254 -7.05 -40.91 -1.74
C ALA A 254 -6.61 -40.16 -0.49
N GLY A 255 -7.47 -40.19 0.53
CA GLY A 255 -7.14 -39.52 1.77
C GLY A 255 -7.11 -38.01 1.61
N ILE A 256 -7.90 -37.52 0.67
CA ILE A 256 -7.99 -36.09 0.41
C ILE A 256 -9.18 -35.55 1.18
N ALA A 257 -8.87 -34.76 2.22
CA ALA A 257 -9.87 -34.17 3.11
C ALA A 257 -10.81 -33.14 2.47
N TYR A 258 -12.06 -33.54 2.23
CA TYR A 258 -13.03 -32.62 1.62
C TYR A 258 -14.22 -32.19 2.48
N THR A 259 -14.89 -31.13 2.02
CA THR A 259 -16.04 -30.52 2.70
C THR A 259 -17.14 -30.12 1.72
N VAL A 260 -18.15 -30.97 1.52
CA VAL A 260 -19.24 -30.62 0.60
C VAL A 260 -19.98 -29.37 1.10
N ASN A 261 -20.58 -28.62 0.19
CA ASN A 261 -21.29 -27.39 0.54
C ASN A 261 -22.21 -26.93 -0.60
N GLN A 262 -23.52 -27.01 -0.40
CA GLN A 262 -24.50 -26.64 -1.42
C GLN A 262 -24.68 -25.15 -1.71
N ARG A 263 -24.09 -24.31 -0.87
CA ARG A 263 -24.19 -22.88 -1.06
C ARG A 263 -22.92 -22.38 -1.77
N LEU A 264 -22.33 -23.26 -2.57
CA LEU A 264 -21.10 -22.96 -3.31
C LEU A 264 -21.43 -22.83 -4.80
N VAL A 265 -21.43 -21.60 -5.30
CA VAL A 265 -21.75 -21.32 -6.70
C VAL A 265 -20.59 -20.67 -7.46
N ARG A 266 -20.53 -20.96 -8.76
CA ARG A 266 -19.50 -20.41 -9.64
C ARG A 266 -20.11 -19.30 -10.50
N GLY A 267 -19.40 -18.20 -10.66
CA GLY A 267 -19.92 -17.10 -11.45
C GLY A 267 -19.87 -17.32 -12.95
N LEU A 268 -19.71 -18.58 -13.37
CA LEU A 268 -19.65 -18.93 -14.80
C LEU A 268 -20.71 -19.98 -15.13
N ASP A 269 -21.49 -19.75 -16.18
CA ASP A 269 -22.54 -20.68 -16.54
C ASP A 269 -22.24 -21.70 -17.61
N TYR A 270 -21.21 -22.52 -17.40
CA TYR A 270 -20.95 -23.59 -18.36
C TYR A 270 -20.70 -24.88 -17.60
N TYR A 271 -20.74 -24.77 -16.27
CA TYR A 271 -20.55 -25.93 -15.39
C TYR A 271 -21.78 -26.82 -15.26
N ASN A 272 -21.56 -28.12 -15.11
CA ASN A 272 -22.65 -29.06 -14.89
C ASN A 272 -22.30 -29.87 -13.63
N ARG A 273 -22.46 -31.19 -13.66
CA ARG A 273 -22.19 -32.04 -12.50
C ARG A 273 -21.22 -31.58 -11.38
N THR A 274 -19.91 -31.83 -11.53
CA THR A 274 -18.93 -31.46 -10.50
C THR A 274 -18.58 -29.99 -10.41
N VAL A 275 -18.39 -29.51 -9.19
CA VAL A 275 -18.02 -28.11 -8.97
C VAL A 275 -17.23 -27.93 -7.66
N PHE A 276 -16.00 -27.41 -7.77
CA PHE A 276 -15.15 -27.24 -6.60
C PHE A 276 -14.39 -25.94 -6.49
N GLU A 277 -13.86 -25.71 -5.31
CA GLU A 277 -13.07 -24.53 -5.02
C GLU A 277 -12.10 -24.94 -3.93
N TRP A 278 -10.85 -24.48 -4.02
CA TRP A 278 -9.86 -24.77 -2.97
C TRP A 278 -9.73 -23.44 -2.27
N VAL A 279 -10.05 -23.39 -0.98
CA VAL A 279 -9.99 -22.12 -0.26
C VAL A 279 -8.89 -22.03 0.77
N THR A 280 -8.49 -20.80 1.06
CA THR A 280 -7.44 -20.55 2.03
C THR A 280 -8.02 -20.04 3.33
N ASN A 281 -7.27 -20.24 4.40
CA ASN A 281 -7.67 -19.81 5.73
C ASN A 281 -7.53 -18.31 5.92
N THR A 288 -10.06 -17.97 -1.81
CA THR A 288 -9.96 -19.09 -2.75
C THR A 288 -8.83 -18.92 -3.79
N VAL A 289 -7.96 -19.93 -3.85
CA VAL A 289 -6.79 -19.97 -4.74
C VAL A 289 -7.02 -20.72 -6.04
N CYS A 290 -7.92 -21.68 -6.02
CA CYS A 290 -8.19 -22.47 -7.21
C CYS A 290 -9.69 -22.78 -7.27
N ALA A 291 -10.21 -23.03 -8.46
CA ALA A 291 -11.62 -23.35 -8.65
C ALA A 291 -11.85 -23.86 -10.06
N GLY A 292 -12.91 -24.66 -10.24
CA GLY A 292 -13.23 -25.22 -11.55
C GLY A 292 -14.41 -26.17 -11.42
N GLY A 293 -14.64 -27.00 -12.42
CA GLY A 293 -15.75 -27.93 -12.34
C GLY A 293 -15.95 -28.55 -13.71
N ARG A 294 -17.08 -29.24 -13.92
CA ARG A 294 -17.34 -29.85 -15.23
C ARG A 294 -18.06 -28.87 -16.17
N TYR A 295 -18.10 -29.23 -17.44
CA TYR A 295 -18.76 -28.42 -18.45
C TYR A 295 -18.87 -29.27 -19.73
N ASP A 296 -19.65 -30.34 -19.63
CA ASP A 296 -19.80 -31.28 -20.74
C ASP A 296 -20.51 -30.79 -22.00
N GLY A 297 -21.46 -29.88 -21.84
CA GLY A 297 -22.20 -29.40 -23.00
C GLY A 297 -21.57 -28.22 -23.72
N LEU A 298 -20.59 -27.57 -23.08
CA LEU A 298 -19.94 -26.42 -23.69
C LEU A 298 -19.26 -26.64 -25.02
N VAL A 299 -18.64 -27.79 -25.23
CA VAL A 299 -17.96 -28.03 -26.50
C VAL A 299 -18.99 -27.98 -27.63
N GLU A 300 -20.21 -28.41 -27.32
CA GLU A 300 -21.32 -28.43 -28.26
C GLU A 300 -21.92 -27.02 -28.31
N GLN A 301 -22.23 -26.49 -27.13
CA GLN A 301 -22.81 -25.16 -27.00
C GLN A 301 -22.01 -24.05 -27.68
N LEU A 302 -20.91 -24.42 -28.31
CA LEU A 302 -20.02 -23.47 -29.00
C LEU A 302 -19.77 -23.93 -30.43
N GLY A 303 -20.48 -24.97 -30.87
CA GLY A 303 -20.32 -25.43 -32.23
C GLY A 303 -19.52 -26.70 -32.52
N GLY A 304 -19.21 -27.46 -31.49
CA GLY A 304 -18.46 -28.70 -31.71
C GLY A 304 -19.29 -29.88 -31.26
N ARG A 305 -18.88 -31.09 -31.65
CA ARG A 305 -19.60 -32.31 -31.26
C ARG A 305 -19.47 -32.53 -29.76
N ALA A 306 -20.57 -32.32 -29.03
CA ALA A 306 -20.59 -32.48 -27.58
C ALA A 306 -19.69 -33.61 -27.09
N THR A 307 -18.89 -33.29 -26.09
CA THR A 307 -17.97 -34.23 -25.49
C THR A 307 -17.81 -33.78 -24.06
N PRO A 308 -17.61 -34.72 -23.13
CA PRO A 308 -17.45 -34.36 -21.71
C PRO A 308 -16.16 -33.58 -21.46
N ALA A 309 -16.14 -32.82 -20.37
CA ALA A 309 -14.96 -32.04 -20.03
C ALA A 309 -14.98 -31.47 -18.61
N VAL A 310 -13.79 -31.38 -18.00
CA VAL A 310 -13.66 -30.82 -16.66
C VAL A 310 -12.38 -30.05 -16.64
N GLY A 311 -12.30 -29.10 -15.72
CA GLY A 311 -11.10 -28.29 -15.61
C GLY A 311 -11.17 -27.42 -14.38
N PHE A 312 -10.15 -26.60 -14.20
CA PHE A 312 -10.06 -25.67 -13.07
C PHE A 312 -8.92 -24.74 -13.45
N ALA A 313 -8.78 -23.65 -12.70
CA ALA A 313 -7.73 -22.67 -12.96
C ALA A 313 -7.37 -22.10 -11.63
N MET A 314 -6.09 -21.79 -11.46
CA MET A 314 -5.60 -21.27 -10.20
C MET A 314 -5.06 -19.86 -10.35
N GLY A 315 -5.28 -19.04 -9.32
CA GLY A 315 -4.81 -17.66 -9.34
C GLY A 315 -3.38 -17.66 -8.88
N LEU A 316 -2.46 -17.46 -9.84
CA LEU A 316 -1.05 -17.46 -9.53
C LEU A 316 -0.61 -16.40 -8.54
N GLU A 317 -1.26 -15.25 -8.51
CA GLU A 317 -0.84 -14.23 -7.53
C GLU A 317 -1.24 -14.63 -6.10
N ARG A 318 -2.37 -15.31 -5.98
CA ARG A 318 -2.84 -15.78 -4.70
C ARG A 318 -1.91 -16.89 -4.23
N LEU A 319 -1.66 -17.85 -5.11
CA LEU A 319 -0.76 -18.97 -4.81
C LEU A 319 0.62 -18.48 -4.39
N VAL A 320 1.13 -17.50 -5.10
CA VAL A 320 2.46 -17.00 -4.79
C VAL A 320 2.47 -16.34 -3.42
N LEU A 321 1.46 -15.53 -3.15
CA LEU A 321 1.39 -14.83 -1.88
C LEU A 321 1.20 -15.81 -0.71
N LEU A 322 0.40 -16.84 -0.94
CA LEU A 322 0.17 -17.85 0.07
C LEU A 322 1.48 -18.60 0.38
N VAL A 323 2.19 -18.98 -0.69
CA VAL A 323 3.46 -19.70 -0.56
C VAL A 323 4.51 -18.80 0.11
N GLN A 324 4.34 -17.49 0.01
CA GLN A 324 5.30 -16.60 0.66
C GLN A 324 4.87 -16.39 2.12
N ALA A 325 3.63 -16.74 2.44
CA ALA A 325 3.10 -16.59 3.79
C ALA A 325 3.38 -17.82 4.63
N VAL A 326 3.04 -18.99 4.09
CA VAL A 326 3.28 -20.24 4.80
C VAL A 326 4.77 -20.55 4.97
N ASN A 327 5.59 -20.31 3.93
CA ASN A 327 7.03 -20.58 4.03
C ASN A 327 7.77 -19.27 3.88
N PRO A 328 7.66 -18.37 4.88
CA PRO A 328 8.31 -17.06 4.88
C PRO A 328 9.80 -17.04 4.57
N GLU A 329 10.39 -18.21 4.41
CA GLU A 329 11.81 -18.31 4.10
C GLU A 329 12.08 -18.69 2.64
N PHE A 330 11.03 -19.19 1.96
CA PHE A 330 11.12 -19.61 0.54
C PHE A 330 11.96 -18.63 -0.26
N LYS A 331 13.16 -19.06 -0.63
CA LYS A 331 14.07 -18.21 -1.39
C LYS A 331 14.43 -18.85 -2.72
N ALA A 332 14.81 -18.02 -3.70
CA ALA A 332 15.19 -18.54 -5.01
C ALA A 332 16.70 -18.41 -5.15
N ASP A 333 17.26 -19.15 -6.08
CA ASP A 333 18.71 -19.09 -6.27
C ASP A 333 19.10 -17.65 -6.57
N PRO A 334 20.37 -17.29 -6.32
CA PRO A 334 20.86 -15.93 -6.59
C PRO A 334 20.87 -15.78 -8.09
N VAL A 335 20.85 -14.56 -8.59
CA VAL A 335 20.87 -14.39 -10.05
C VAL A 335 22.32 -14.49 -10.55
N VAL A 336 23.26 -14.48 -9.62
CA VAL A 336 24.66 -14.55 -9.97
C VAL A 336 25.49 -15.43 -9.07
N ASP A 337 26.25 -16.33 -9.70
CA ASP A 337 27.11 -17.23 -8.98
C ASP A 337 28.53 -16.71 -9.04
N ILE A 338 28.93 -16.26 -10.22
CA ILE A 338 30.30 -15.79 -10.41
C ILE A 338 30.38 -14.41 -11.00
N TYR A 339 31.04 -13.52 -10.29
CA TYR A 339 31.21 -12.17 -10.80
C TYR A 339 32.62 -12.06 -11.36
N LEU A 340 32.75 -11.68 -12.63
CA LEU A 340 34.08 -11.57 -13.22
C LEU A 340 34.64 -10.16 -13.07
N VAL A 341 35.53 -9.99 -12.11
CA VAL A 341 36.17 -8.71 -11.84
C VAL A 341 37.35 -8.46 -12.78
N ALA A 342 37.51 -7.23 -13.21
CA ALA A 342 38.63 -6.90 -14.09
C ALA A 342 38.92 -5.41 -14.07
N SER A 343 40.21 -5.09 -14.08
CA SER A 343 40.69 -3.71 -14.06
C SER A 343 41.82 -3.58 -15.08
N GLY A 344 42.50 -2.44 -15.06
CA GLY A 344 43.59 -2.22 -15.98
C GLY A 344 43.11 -1.83 -17.36
N ALA A 345 44.05 -1.51 -18.24
CA ALA A 345 43.74 -1.13 -19.60
C ALA A 345 43.82 -2.34 -20.50
N ASP A 346 42.78 -2.52 -21.32
CA ASP A 346 42.73 -3.64 -22.26
C ASP A 346 42.58 -5.02 -21.63
N THR A 347 41.85 -5.07 -20.53
CA THR A 347 41.59 -6.33 -19.88
C THR A 347 40.19 -6.68 -20.38
N GLN A 348 39.56 -5.69 -21.01
CA GLN A 348 38.21 -5.79 -21.58
C GLN A 348 37.96 -7.04 -22.42
N SER A 349 38.55 -7.09 -23.61
CA SER A 349 38.34 -8.26 -24.46
C SER A 349 38.75 -9.56 -23.77
N ALA A 350 39.78 -9.49 -22.95
CA ALA A 350 40.28 -10.64 -22.22
C ALA A 350 39.22 -11.15 -21.26
N ALA A 351 38.72 -10.26 -20.41
CA ALA A 351 37.70 -10.63 -19.44
C ALA A 351 36.45 -11.23 -20.09
N MET A 352 36.06 -10.64 -21.22
CA MET A 352 34.89 -11.11 -21.94
C MET A 352 35.19 -12.45 -22.62
N ALA A 353 36.44 -12.61 -23.06
CA ALA A 353 36.83 -13.87 -23.68
C ALA A 353 36.87 -14.95 -22.60
N LEU A 354 37.41 -14.60 -21.42
CA LEU A 354 37.45 -15.56 -20.33
C LEU A 354 36.03 -15.96 -19.93
N ALA A 355 35.15 -14.95 -19.92
CA ALA A 355 33.77 -15.17 -19.57
C ALA A 355 33.10 -16.17 -20.50
N GLU A 356 33.25 -16.02 -21.81
CA GLU A 356 32.62 -16.97 -22.74
C GLU A 356 33.21 -18.36 -22.50
N ARG A 357 34.53 -18.41 -22.42
CA ARG A 357 35.25 -19.66 -22.20
C ARG A 357 34.65 -20.39 -20.99
N LEU A 358 34.64 -19.75 -19.82
CA LEU A 358 34.06 -20.36 -18.64
C LEU A 358 32.59 -20.72 -18.87
N ARG A 359 31.92 -19.96 -19.73
CA ARG A 359 30.51 -20.22 -20.04
C ARG A 359 30.37 -21.51 -20.85
N ASP A 360 31.29 -21.72 -21.79
CA ASP A 360 31.28 -22.95 -22.59
C ASP A 360 31.62 -24.13 -21.68
N GLU A 361 32.53 -23.91 -20.74
CA GLU A 361 32.92 -24.97 -19.82
C GLU A 361 31.96 -25.20 -18.67
N LEU A 362 31.25 -24.16 -18.25
CA LEU A 362 30.32 -24.32 -17.14
C LEU A 362 28.88 -23.93 -17.43
N PRO A 363 28.24 -24.58 -18.42
CA PRO A 363 26.85 -24.13 -18.59
C PRO A 363 26.18 -24.56 -17.28
N GLY A 364 25.23 -23.76 -16.80
CA GLY A 364 24.59 -24.09 -15.54
C GLY A 364 24.93 -23.09 -14.45
N VAL A 365 26.11 -22.46 -14.55
CA VAL A 365 26.49 -21.46 -13.56
C VAL A 365 26.21 -20.10 -14.15
N LYS A 366 25.77 -19.19 -13.30
CA LYS A 366 25.47 -17.84 -13.70
C LYS A 366 26.69 -16.96 -13.51
N LEU A 367 27.21 -16.43 -14.61
CA LEU A 367 28.42 -15.61 -14.53
C LEU A 367 28.16 -14.28 -15.16
N MET A 368 28.27 -13.22 -14.37
CA MET A 368 28.05 -11.87 -14.87
C MET A 368 29.38 -11.20 -15.01
N THR A 369 29.58 -10.55 -16.13
CA THR A 369 30.83 -9.82 -16.36
C THR A 369 30.65 -8.36 -16.03
N ASN A 370 31.52 -7.84 -15.17
CA ASN A 370 31.47 -6.45 -14.77
C ASN A 370 31.80 -5.55 -15.98
N HIS A 371 31.07 -4.45 -16.13
CA HIS A 371 31.37 -3.54 -17.23
C HIS A 371 31.44 -2.11 -16.72
N GLY A 372 31.90 -1.20 -17.58
CA GLY A 372 31.99 0.20 -17.17
C GLY A 372 32.95 0.45 -16.02
N GLY A 373 34.09 -0.24 -16.06
CA GLY A 373 35.10 -0.07 -15.05
C GLY A 373 34.72 -0.23 -13.59
N GLY A 374 35.18 0.73 -12.79
CA GLY A 374 34.95 0.69 -11.36
C GLY A 374 36.21 0.13 -10.72
N ASN A 375 36.55 0.61 -9.54
CA ASN A 375 37.74 0.12 -8.85
C ASN A 375 37.31 -1.21 -8.23
N PHE A 376 38.27 -1.94 -7.69
CA PHE A 376 37.99 -3.24 -7.12
C PHE A 376 36.97 -3.21 -6.01
N LYS A 377 37.11 -2.25 -5.11
CA LYS A 377 36.20 -2.15 -4.00
C LYS A 377 34.77 -2.21 -4.56
N LYS A 378 34.53 -1.40 -5.59
CA LYS A 378 33.21 -1.38 -6.22
C LYS A 378 32.81 -2.73 -6.85
N GLN A 379 33.64 -3.24 -7.75
CA GLN A 379 33.33 -4.51 -8.39
C GLN A 379 33.00 -5.60 -7.40
N PHE A 380 33.68 -5.61 -6.25
CA PHE A 380 33.42 -6.63 -5.26
C PHE A 380 32.11 -6.36 -4.55
N ALA A 381 31.75 -5.09 -4.49
CA ALA A 381 30.52 -4.66 -3.85
C ALA A 381 29.38 -5.10 -4.77
N ARG A 382 29.60 -4.93 -6.07
CA ARG A 382 28.63 -5.33 -7.09
C ARG A 382 28.44 -6.84 -7.07
N ALA A 383 29.56 -7.58 -7.05
CA ALA A 383 29.51 -9.04 -7.02
C ALA A 383 28.65 -9.44 -5.81
N ASP A 384 28.79 -8.65 -4.76
CA ASP A 384 28.08 -8.87 -3.52
C ASP A 384 26.63 -8.56 -3.72
N LYS A 385 26.36 -7.43 -4.36
CA LYS A 385 24.99 -7.02 -4.63
C LYS A 385 24.17 -8.14 -5.33
N TRP A 386 24.77 -8.88 -6.27
CA TRP A 386 24.03 -9.93 -6.97
C TRP A 386 23.93 -11.28 -6.29
N GLY A 387 24.72 -11.49 -5.24
CA GLY A 387 24.70 -12.77 -4.57
C GLY A 387 25.80 -13.68 -5.08
N ALA A 388 26.83 -13.08 -5.66
CA ALA A 388 27.96 -13.83 -6.20
C ALA A 388 28.67 -14.58 -5.08
N ARG A 389 28.83 -15.90 -5.23
CA ARG A 389 29.50 -16.71 -4.23
C ARG A 389 30.99 -16.73 -4.48
N VAL A 390 31.36 -16.40 -5.70
CA VAL A 390 32.76 -16.39 -6.10
C VAL A 390 33.00 -15.24 -7.08
N ALA A 391 34.23 -14.76 -7.11
CA ALA A 391 34.61 -13.70 -8.02
C ALA A 391 35.87 -14.19 -8.76
N VAL A 392 35.92 -14.03 -10.09
CA VAL A 392 37.14 -14.41 -10.79
C VAL A 392 37.76 -13.06 -11.19
N VAL A 393 38.94 -12.78 -10.66
CA VAL A 393 39.63 -11.51 -10.92
C VAL A 393 40.68 -11.60 -12.03
N LEU A 394 40.57 -10.71 -13.00
CA LEU A 394 41.49 -10.69 -14.11
C LEU A 394 42.09 -9.31 -14.30
N GLY A 395 43.28 -9.13 -13.73
CA GLY A 395 43.99 -7.87 -13.83
C GLY A 395 45.05 -7.95 -14.91
N GLU A 396 45.92 -6.95 -14.95
CA GLU A 396 46.98 -6.92 -15.95
C GLU A 396 47.95 -8.08 -15.76
N SER A 397 48.30 -8.34 -14.50
CA SER A 397 49.19 -9.44 -14.16
C SER A 397 48.62 -10.73 -14.73
N GLU A 398 47.55 -11.20 -14.11
CA GLU A 398 46.84 -12.41 -14.51
C GLU A 398 46.87 -12.57 -16.02
N VAL A 399 46.55 -11.47 -16.71
CA VAL A 399 46.53 -11.45 -18.16
C VAL A 399 47.85 -11.96 -18.69
N ALA A 400 48.93 -11.41 -18.13
CA ALA A 400 50.29 -11.77 -18.52
C ALA A 400 50.65 -13.20 -18.11
N ASN A 401 50.35 -13.54 -16.85
CA ASN A 401 50.65 -14.85 -16.30
C ASN A 401 49.72 -15.98 -16.77
N GLY A 402 48.71 -15.65 -17.55
CA GLY A 402 47.80 -16.67 -18.04
C GLY A 402 46.98 -17.26 -16.91
N THR A 403 46.90 -16.49 -15.83
CA THR A 403 46.14 -16.92 -14.68
C THR A 403 44.83 -16.13 -14.56
N ALA A 404 44.37 -16.00 -13.33
CA ALA A 404 43.16 -15.27 -12.97
C ALA A 404 42.95 -15.62 -11.52
N VAL A 405 42.76 -14.61 -10.69
CA VAL A 405 42.55 -14.86 -9.28
C VAL A 405 41.12 -15.31 -9.04
N VAL A 406 40.95 -16.25 -8.11
CA VAL A 406 39.63 -16.78 -7.78
C VAL A 406 39.37 -16.61 -6.30
N LYS A 407 38.58 -15.60 -5.97
CA LYS A 407 38.25 -15.29 -4.59
C LYS A 407 36.91 -15.86 -4.15
N ASP A 408 36.92 -16.61 -3.06
CA ASP A 408 35.69 -17.17 -2.51
C ASP A 408 35.16 -16.04 -1.64
N LEU A 409 34.10 -15.38 -2.09
CA LEU A 409 33.54 -14.27 -1.35
C LEU A 409 33.06 -14.68 0.05
N ARG A 410 32.62 -15.92 0.17
CA ARG A 410 32.13 -16.46 1.42
C ARG A 410 33.26 -16.53 2.46
N SER A 411 34.37 -17.19 2.12
CA SER A 411 35.49 -17.37 3.03
C SER A 411 36.64 -16.37 2.89
N GLY A 412 36.54 -15.46 1.94
CA GLY A 412 37.59 -14.48 1.77
C GLY A 412 38.84 -15.05 1.10
N GLU A 413 39.08 -16.35 1.21
CA GLU A 413 40.29 -16.89 0.60
C GLU A 413 40.36 -16.82 -0.91
N GLN A 414 41.47 -16.26 -1.41
CA GLN A 414 41.69 -16.15 -2.85
C GLN A 414 42.81 -17.09 -3.26
N THR A 415 43.04 -17.21 -4.57
CA THR A 415 44.06 -18.11 -5.08
C THR A 415 44.30 -17.96 -6.59
N ALA A 416 45.54 -17.73 -7.00
CA ALA A 416 45.88 -17.55 -8.42
C ALA A 416 45.84 -18.87 -9.19
N VAL A 417 45.06 -18.92 -10.27
CA VAL A 417 44.92 -20.16 -11.03
C VAL A 417 45.21 -20.14 -12.52
N ALA A 418 45.86 -21.19 -12.98
CA ALA A 418 46.14 -21.30 -14.39
C ALA A 418 44.76 -21.23 -15.06
N GLN A 419 44.61 -20.38 -16.07
CA GLN A 419 43.32 -20.28 -16.74
C GLN A 419 42.65 -21.61 -17.11
N ASP A 420 43.38 -22.50 -17.77
CA ASP A 420 42.81 -23.78 -18.16
C ASP A 420 42.35 -24.52 -16.90
N SER A 421 42.69 -23.97 -15.74
CA SER A 421 42.34 -24.62 -14.48
C SER A 421 41.16 -24.07 -13.70
N VAL A 422 40.85 -22.79 -13.87
CA VAL A 422 39.77 -22.16 -13.12
C VAL A 422 38.44 -22.90 -13.22
N ALA A 423 38.10 -23.36 -14.41
CA ALA A 423 36.86 -24.08 -14.62
C ALA A 423 36.68 -25.13 -13.53
N ALA A 424 37.61 -26.08 -13.47
CA ALA A 424 37.51 -27.14 -12.46
C ALA A 424 37.57 -26.57 -11.06
N HIS A 425 38.34 -25.50 -10.87
CA HIS A 425 38.46 -24.90 -9.55
C HIS A 425 37.09 -24.41 -9.13
N LEU A 426 36.45 -23.65 -10.02
CA LEU A 426 35.13 -23.09 -9.77
C LEU A 426 34.10 -24.19 -9.53
N ARG A 427 34.28 -25.28 -10.27
CA ARG A 427 33.36 -26.41 -10.19
C ARG A 427 33.38 -26.95 -8.76
N THR A 428 34.56 -27.00 -8.15
CA THR A 428 34.66 -27.48 -6.79
C THR A 428 34.13 -26.45 -5.80
N LEU A 429 34.42 -25.16 -6.03
CA LEU A 429 33.93 -24.12 -5.12
C LEU A 429 32.41 -24.06 -5.06
N LEU A 430 31.80 -23.92 -6.23
CA LEU A 430 30.35 -23.81 -6.34
C LEU A 430 29.71 -25.12 -5.98
N GLY A 431 30.55 -26.08 -5.65
CA GLY A 431 30.08 -27.40 -5.27
C GLY A 431 28.95 -27.89 -6.14
N ASN B 11 -20.20 -21.08 -35.57
CA ASN B 11 -19.38 -21.02 -34.32
C ASN B 11 -18.19 -20.06 -34.49
N ILE B 12 -17.57 -19.66 -33.37
CA ILE B 12 -16.44 -18.73 -33.35
C ILE B 12 -15.07 -19.27 -33.80
N GLN B 13 -14.23 -18.36 -34.28
CA GLN B 13 -12.89 -18.69 -34.74
C GLN B 13 -11.87 -17.75 -34.14
N ALA B 14 -10.60 -18.04 -34.36
CA ALA B 14 -9.54 -17.21 -33.81
C ALA B 14 -9.47 -15.91 -34.59
N ILE B 15 -9.24 -14.82 -33.86
CA ILE B 15 -9.09 -13.50 -34.48
C ILE B 15 -7.92 -13.56 -35.46
N ARG B 16 -8.12 -13.03 -36.65
CA ARG B 16 -7.07 -13.07 -37.66
C ARG B 16 -5.76 -12.49 -37.14
N GLY B 17 -4.66 -13.19 -37.43
CA GLY B 17 -3.36 -12.76 -37.00
C GLY B 17 -3.03 -13.15 -35.57
N MET B 18 -3.88 -13.98 -34.99
CA MET B 18 -3.65 -14.42 -33.63
C MET B 18 -3.72 -15.93 -33.50
N ASN B 19 -2.54 -16.54 -33.39
CA ASN B 19 -2.38 -18.00 -33.33
C ASN B 19 -2.71 -18.79 -32.07
N ASP B 20 -2.86 -20.09 -32.26
CA ASP B 20 -3.10 -21.03 -31.17
C ASP B 20 -1.97 -22.02 -31.30
N TYR B 21 -1.26 -22.28 -30.21
CA TYR B 21 -0.19 -23.26 -30.29
C TYR B 21 -0.73 -24.50 -29.60
N LEU B 22 -0.93 -25.55 -30.39
CA LEU B 22 -1.47 -26.80 -29.91
C LEU B 22 -0.40 -27.63 -29.23
N PRO B 23 -0.80 -28.70 -28.55
CA PRO B 23 0.11 -29.61 -27.84
C PRO B 23 1.41 -29.87 -28.57
N GLY B 24 1.38 -30.61 -29.66
CA GLY B 24 2.61 -30.86 -30.39
C GLY B 24 3.58 -29.67 -30.51
N GLU B 25 3.08 -28.54 -30.98
CA GLU B 25 3.89 -27.34 -31.16
C GLU B 25 4.42 -26.80 -29.86
N THR B 26 3.52 -26.68 -28.89
CA THR B 26 3.87 -26.15 -27.58
C THR B 26 5.15 -26.76 -27.03
N ALA B 27 5.34 -28.05 -27.29
CA ALA B 27 6.50 -28.78 -26.82
C ALA B 27 7.83 -28.31 -27.45
N ILE B 28 7.79 -27.85 -28.69
CA ILE B 28 9.00 -27.37 -29.33
C ILE B 28 9.38 -26.03 -28.74
N TRP B 29 8.37 -25.21 -28.47
CA TRP B 29 8.58 -23.88 -27.92
C TRP B 29 9.19 -23.95 -26.54
N GLN B 30 8.77 -24.94 -25.75
CA GLN B 30 9.29 -25.11 -24.41
C GLN B 30 10.77 -25.44 -24.44
N ARG B 31 11.16 -26.32 -25.35
CA ARG B 31 12.55 -26.69 -25.42
C ARG B 31 13.39 -25.51 -25.89
N ILE B 32 12.87 -24.77 -26.87
CA ILE B 32 13.60 -23.61 -27.39
C ILE B 32 13.72 -22.49 -26.35
N GLU B 33 12.66 -22.27 -25.59
CA GLU B 33 12.66 -21.25 -24.59
C GLU B 33 13.61 -21.60 -23.43
N GLY B 34 13.71 -22.90 -23.16
CA GLY B 34 14.57 -23.37 -22.08
C GLY B 34 15.99 -23.00 -22.39
N THR B 35 16.40 -23.31 -23.61
CA THR B 35 17.72 -23.02 -24.05
C THR B 35 17.98 -21.52 -24.02
N LEU B 36 16.98 -20.74 -24.42
CA LEU B 36 17.11 -19.29 -24.45
C LEU B 36 17.28 -18.72 -23.05
N LYS B 37 16.52 -19.26 -22.09
CA LYS B 37 16.57 -18.79 -20.71
C LYS B 37 17.88 -19.19 -20.02
N ASN B 38 18.35 -20.38 -20.35
CA ASN B 38 19.57 -20.87 -19.77
C ASN B 38 20.68 -19.98 -20.24
N VAL B 39 20.64 -19.58 -21.48
CA VAL B 39 21.70 -18.72 -21.92
C VAL B 39 21.60 -17.41 -21.17
N LEU B 40 20.39 -16.87 -20.99
CA LEU B 40 20.22 -15.61 -20.25
C LEU B 40 20.77 -15.67 -18.83
N GLY B 41 20.55 -16.79 -18.16
CA GLY B 41 21.08 -16.92 -16.82
C GLY B 41 22.60 -17.03 -16.73
N SER B 42 23.20 -17.58 -17.76
CA SER B 42 24.65 -17.74 -17.80
C SER B 42 25.33 -16.37 -17.94
N TYR B 43 24.53 -15.34 -18.18
CA TYR B 43 25.09 -14.00 -18.26
C TYR B 43 24.68 -13.22 -17.00
N GLY B 44 23.96 -13.89 -16.11
CA GLY B 44 23.55 -13.25 -14.87
C GLY B 44 22.45 -12.21 -14.99
N TYR B 45 21.66 -12.29 -16.05
CA TYR B 45 20.56 -11.36 -16.29
C TYR B 45 19.32 -11.78 -15.49
N SER B 46 18.42 -10.84 -15.19
CA SER B 46 17.21 -11.20 -14.42
C SER B 46 15.91 -10.91 -15.19
N GLU B 47 14.95 -11.81 -15.04
CA GLU B 47 13.67 -11.62 -15.73
C GLU B 47 12.82 -10.58 -15.01
N ILE B 48 12.02 -9.85 -15.78
CA ILE B 48 11.09 -8.86 -15.26
C ILE B 48 9.76 -9.14 -15.99
N ARG B 49 8.64 -8.77 -15.38
CA ARG B 49 7.36 -8.99 -16.03
C ARG B 49 6.62 -7.69 -15.91
N LEU B 50 6.10 -7.22 -17.04
CA LEU B 50 5.41 -5.92 -17.08
C LEU B 50 4.05 -6.15 -17.71
N PRO B 51 3.14 -5.16 -17.65
CA PRO B 51 1.79 -5.24 -18.19
C PRO B 51 1.60 -5.30 -19.69
N ILE B 52 0.58 -6.04 -20.09
CA ILE B 52 0.20 -6.17 -21.49
C ILE B 52 -0.37 -4.80 -21.89
N VAL B 53 -1.25 -4.22 -21.07
CA VAL B 53 -1.80 -2.93 -21.44
C VAL B 53 -1.06 -1.82 -20.71
N GLU B 54 -0.97 -0.65 -21.34
CA GLU B 54 -0.34 0.55 -20.79
C GLU B 54 -1.14 1.75 -21.30
N GLN B 55 -0.85 2.92 -20.77
CA GLN B 55 -1.52 4.14 -21.20
C GLN B 55 -0.96 4.49 -22.55
N THR B 56 -1.85 4.82 -23.47
CA THR B 56 -1.43 5.18 -24.79
C THR B 56 -0.28 6.18 -24.88
N PRO B 57 -0.33 7.27 -24.13
CA PRO B 57 0.79 8.22 -24.22
C PRO B 57 2.21 7.66 -24.01
N LEU B 58 2.35 6.65 -23.18
CA LEU B 58 3.66 6.06 -22.97
C LEU B 58 4.26 5.66 -24.30
N PHE B 59 3.44 5.05 -25.14
CA PHE B 59 3.89 4.63 -26.46
C PHE B 59 4.05 5.76 -27.44
N LYS B 60 3.13 6.73 -27.39
CA LYS B 60 3.22 7.87 -28.29
C LYS B 60 4.51 8.61 -28.03
N ARG B 61 4.82 8.80 -26.74
CA ARG B 61 6.00 9.55 -26.33
C ARG B 61 7.33 8.85 -26.51
N ALA B 62 7.39 7.55 -26.19
CA ALA B 62 8.63 6.81 -26.30
C ALA B 62 8.97 6.45 -27.74
N ILE B 63 8.02 5.81 -28.41
CA ILE B 63 8.26 5.37 -29.78
C ILE B 63 8.32 6.49 -30.79
N GLY B 64 7.47 7.50 -30.64
CA GLY B 64 7.45 8.61 -31.59
C GLY B 64 6.19 8.63 -32.44
N GLU B 65 5.64 9.82 -32.67
CA GLU B 65 4.40 9.94 -33.44
C GLU B 65 4.48 9.81 -34.95
N VAL B 66 5.67 9.89 -35.50
CA VAL B 66 5.88 9.81 -36.96
C VAL B 66 6.12 8.37 -37.44
N THR B 67 6.27 7.47 -36.50
CA THR B 67 6.53 6.08 -36.79
C THR B 67 5.26 5.37 -37.18
N ASP B 68 5.38 4.27 -37.92
CA ASP B 68 4.21 3.53 -38.34
C ASP B 68 3.54 2.78 -37.18
N VAL B 69 4.31 2.38 -36.19
CA VAL B 69 3.73 1.66 -35.06
C VAL B 69 2.62 2.50 -34.45
N VAL B 70 2.99 3.68 -33.99
CA VAL B 70 2.04 4.56 -33.36
C VAL B 70 1.03 5.09 -34.37
N GLU B 71 1.51 5.43 -35.54
CA GLU B 71 0.66 5.97 -36.59
C GLU B 71 -0.49 5.03 -36.95
N LYS B 72 -0.14 3.82 -37.37
CA LYS B 72 -1.16 2.90 -37.84
C LYS B 72 -1.11 1.47 -37.33
N GLU B 73 -0.53 1.21 -36.16
CA GLU B 73 -0.45 -0.18 -35.74
C GLU B 73 -0.83 -0.57 -34.34
N MET B 74 -1.13 0.40 -33.49
CA MET B 74 -1.47 0.12 -32.10
C MET B 74 -2.92 -0.23 -31.79
N TYR B 75 -3.14 -1.15 -30.86
CA TYR B 75 -4.51 -1.48 -30.47
C TYR B 75 -4.79 -0.56 -29.30
N THR B 76 -5.48 0.54 -29.56
CA THR B 76 -5.80 1.50 -28.51
C THR B 76 -7.30 1.46 -28.32
N PHE B 77 -7.76 1.61 -27.08
CA PHE B 77 -9.18 1.58 -26.76
C PHE B 77 -9.40 2.32 -25.45
N GLU B 78 -10.67 2.58 -25.15
CA GLU B 78 -11.04 3.36 -23.97
C GLU B 78 -11.47 2.57 -22.73
N ASP B 79 -10.97 2.99 -21.57
CA ASP B 79 -11.30 2.34 -20.29
C ASP B 79 -12.70 2.77 -19.80
N ARG B 80 -13.14 2.21 -18.68
CA ARG B 80 -14.45 2.55 -18.15
C ARG B 80 -14.43 3.89 -17.42
N ASN B 81 -13.48 4.76 -17.77
CA ASN B 81 -13.42 6.06 -17.13
C ASN B 81 -12.83 7.10 -18.07
N GLY B 82 -12.78 6.73 -19.35
CA GLY B 82 -12.27 7.63 -20.35
C GLY B 82 -10.80 7.49 -20.70
N ASP B 83 -10.00 6.96 -19.78
CA ASP B 83 -8.57 6.78 -20.06
C ASP B 83 -8.24 6.03 -21.35
N SER B 84 -7.22 6.53 -22.08
CA SER B 84 -6.79 5.85 -23.31
C SER B 84 -5.82 4.71 -22.97
N LEU B 85 -6.20 3.51 -23.41
CA LEU B 85 -5.46 2.27 -23.16
C LEU B 85 -4.87 1.69 -24.44
N THR B 86 -3.71 1.06 -24.29
CA THR B 86 -3.05 0.46 -25.43
C THR B 86 -2.31 -0.85 -25.18
N LEU B 87 -2.71 -1.87 -25.95
CA LEU B 87 -2.08 -3.20 -25.93
C LEU B 87 -0.66 -2.93 -26.39
N ARG B 88 0.33 -3.24 -25.56
CA ARG B 88 1.72 -2.96 -25.91
C ARG B 88 2.20 -3.54 -27.26
N PRO B 89 2.82 -2.68 -28.09
CA PRO B 89 3.33 -3.09 -29.41
C PRO B 89 4.81 -3.52 -29.27
N GLU B 90 5.38 -3.28 -28.09
CA GLU B 90 6.76 -3.62 -27.81
C GLU B 90 6.92 -3.65 -26.30
N GLY B 91 8.13 -3.99 -25.84
CA GLY B 91 8.33 -4.09 -24.42
C GLY B 91 9.21 -3.06 -23.74
N THR B 92 9.99 -2.31 -24.50
CA THR B 92 10.91 -1.35 -23.91
C THR B 92 10.32 -0.20 -23.12
N ALA B 93 9.36 0.51 -23.70
CA ALA B 93 8.69 1.63 -23.04
C ALA B 93 8.20 1.23 -21.63
N GLY B 94 7.49 0.10 -21.60
CA GLY B 94 6.99 -0.43 -20.36
C GLY B 94 8.10 -0.80 -19.40
N CYS B 95 9.22 -1.29 -19.92
CA CYS B 95 10.29 -1.65 -19.01
C CYS B 95 10.85 -0.37 -18.39
N VAL B 96 10.92 0.70 -19.17
CA VAL B 96 11.44 1.96 -18.65
C VAL B 96 10.38 2.63 -17.74
N ARG B 97 9.11 2.56 -18.15
CA ARG B 97 8.02 3.13 -17.36
C ARG B 97 7.99 2.50 -15.97
N ALA B 98 8.37 1.22 -15.88
CA ALA B 98 8.37 0.53 -14.61
C ALA B 98 9.68 0.73 -13.85
N GLY B 99 10.75 0.99 -14.58
CA GLY B 99 12.01 1.18 -13.91
C GLY B 99 11.98 2.50 -13.19
N ILE B 100 11.24 3.45 -13.76
CA ILE B 100 11.14 4.74 -13.12
C ILE B 100 10.12 4.65 -11.97
N GLU B 101 8.93 4.11 -12.26
CA GLU B 101 7.89 4.01 -11.23
C GLU B 101 8.34 3.34 -9.93
N HIS B 102 9.22 2.34 -10.01
CA HIS B 102 9.70 1.60 -8.84
C HIS B 102 11.14 1.95 -8.50
N GLY B 103 11.66 2.98 -9.14
CA GLY B 103 13.04 3.40 -8.88
C GLY B 103 14.03 2.27 -8.89
N LEU B 104 14.15 1.60 -10.04
CA LEU B 104 15.10 0.51 -10.23
C LEU B 104 16.28 1.00 -11.02
N LEU B 105 16.09 2.11 -11.71
CA LEU B 105 17.12 2.65 -12.56
C LEU B 105 18.00 3.69 -11.92
N TYR B 106 17.45 4.54 -11.05
CA TYR B 106 18.24 5.62 -10.45
C TYR B 106 19.59 5.17 -9.87
N ASN B 107 20.66 5.66 -10.49
CA ASN B 107 22.03 5.30 -10.09
C ASN B 107 22.15 3.79 -9.90
N GLN B 108 21.74 3.03 -10.91
CA GLN B 108 21.79 1.58 -10.80
C GLN B 108 22.06 0.88 -12.11
N GLU B 109 22.50 -0.37 -12.00
CA GLU B 109 22.76 -1.21 -13.15
C GLU B 109 21.69 -2.30 -13.10
N GLN B 110 21.09 -2.61 -14.23
CA GLN B 110 20.10 -3.67 -14.28
C GLN B 110 20.35 -4.41 -15.58
N ARG B 111 20.35 -5.73 -15.54
CA ARG B 111 20.52 -6.55 -16.75
C ARG B 111 19.28 -7.42 -16.80
N LEU B 112 18.30 -6.89 -17.54
CA LEU B 112 16.99 -7.47 -17.61
C LEU B 112 16.61 -8.22 -18.88
N TRP B 113 15.55 -9.02 -18.74
CA TRP B 113 14.98 -9.74 -19.86
C TRP B 113 13.51 -10.07 -19.55
N TYR B 114 12.69 -10.03 -20.60
CA TYR B 114 11.27 -10.30 -20.49
C TYR B 114 10.82 -11.10 -21.67
N ILE B 115 9.75 -11.86 -21.47
CA ILE B 115 9.20 -12.68 -22.53
C ILE B 115 7.67 -12.57 -22.46
N GLY B 116 7.01 -12.45 -23.62
CA GLY B 116 5.56 -12.33 -23.58
C GLY B 116 4.97 -11.84 -24.88
N PRO B 117 3.65 -11.69 -24.93
CA PRO B 117 2.99 -11.23 -26.16
C PRO B 117 3.09 -9.73 -26.41
N MET B 118 2.95 -9.37 -27.68
CA MET B 118 3.01 -8.00 -28.15
C MET B 118 1.96 -7.89 -29.23
N PHE B 119 1.45 -6.70 -29.46
CA PHE B 119 0.38 -6.57 -30.45
C PHE B 119 0.65 -5.43 -31.45
N ARG B 120 0.44 -5.72 -32.71
CA ARG B 120 0.63 -4.71 -33.75
C ARG B 120 -0.38 -5.08 -34.81
N HIS B 121 -1.22 -4.11 -35.17
CA HIS B 121 -2.24 -4.34 -36.17
C HIS B 121 -1.59 -4.17 -37.53
N GLU B 122 -0.93 -5.23 -37.95
CA GLU B 122 -0.25 -5.29 -39.22
C GLU B 122 -0.95 -6.31 -40.10
N ARG B 123 -0.51 -6.42 -41.34
CA ARG B 123 -1.09 -7.36 -42.27
C ARG B 123 -0.47 -8.72 -42.09
N PRO B 124 -1.24 -9.68 -41.57
CA PRO B 124 -0.73 -11.03 -41.36
C PRO B 124 0.11 -11.54 -42.53
N GLN B 125 1.23 -12.15 -42.19
CA GLN B 125 2.17 -12.70 -43.16
C GLN B 125 2.97 -13.80 -42.46
N LYS B 126 4.06 -14.21 -43.11
CA LYS B 126 4.91 -15.26 -42.60
C LYS B 126 5.42 -14.98 -41.18
N GLY B 127 6.28 -13.99 -41.04
CA GLY B 127 6.78 -13.74 -39.71
C GLY B 127 6.11 -12.59 -39.00
N ARG B 128 4.93 -12.19 -39.46
CA ARG B 128 4.22 -11.07 -38.83
C ARG B 128 2.82 -11.48 -38.42
N TYR B 129 2.51 -11.28 -37.14
CA TYR B 129 1.19 -11.65 -36.61
C TYR B 129 0.70 -10.45 -35.83
N ARG B 130 -0.59 -10.38 -35.54
CA ARG B 130 -1.12 -9.24 -34.81
C ARG B 130 -0.83 -9.39 -33.34
N GLN B 131 -0.66 -10.63 -32.94
CA GLN B 131 -0.24 -10.96 -31.59
C GLN B 131 0.99 -11.81 -31.81
N PHE B 132 2.14 -11.29 -31.44
CA PHE B 132 3.34 -12.09 -31.60
C PHE B 132 4.04 -12.11 -30.25
N HIS B 133 5.19 -12.75 -30.20
CA HIS B 133 5.87 -12.85 -28.94
C HIS B 133 7.30 -12.44 -29.04
N GLN B 134 7.76 -11.69 -28.04
CA GLN B 134 9.14 -11.27 -28.02
C GLN B 134 9.83 -11.76 -26.77
N LEU B 135 11.16 -11.80 -26.88
CA LEU B 135 12.07 -12.15 -25.80
C LEU B 135 13.04 -10.97 -25.94
N GLY B 136 13.07 -10.08 -24.95
CA GLY B 136 13.94 -8.94 -25.04
C GLY B 136 14.87 -8.76 -23.86
N CYS B 137 15.94 -8.00 -24.09
CA CYS B 137 16.92 -7.70 -23.07
C CYS B 137 17.04 -6.22 -23.00
N GLU B 138 17.20 -5.72 -21.79
CA GLU B 138 17.34 -4.30 -21.60
C GLU B 138 18.39 -4.13 -20.50
N VAL B 139 19.39 -3.31 -20.80
CA VAL B 139 20.45 -3.04 -19.84
C VAL B 139 20.55 -1.54 -19.56
N PHE B 140 20.54 -1.18 -18.28
CA PHE B 140 20.58 0.19 -17.88
C PHE B 140 21.80 0.54 -17.04
N GLY B 141 22.39 1.69 -17.36
CA GLY B 141 23.55 2.15 -16.62
C GLY B 141 24.90 1.89 -17.24
N LEU B 142 24.95 1.25 -18.38
CA LEU B 142 26.23 0.99 -19.01
C LEU B 142 26.33 1.71 -20.35
N GLN B 143 27.16 2.74 -20.31
CA GLN B 143 27.43 3.62 -21.44
C GLN B 143 28.32 3.02 -22.49
N GLY B 144 29.59 2.86 -22.11
CA GLY B 144 30.64 2.32 -22.96
C GLY B 144 30.13 1.22 -23.82
N PRO B 145 30.84 0.91 -24.93
CA PRO B 145 30.48 -0.14 -25.90
C PRO B 145 30.60 -1.56 -25.40
N ASP B 146 31.30 -1.74 -24.28
CA ASP B 146 31.48 -3.08 -23.76
C ASP B 146 30.17 -3.83 -23.55
N ILE B 147 29.16 -3.17 -23.00
CA ILE B 147 27.88 -3.83 -22.78
C ILE B 147 27.19 -4.11 -24.13
N ASP B 148 27.35 -3.21 -25.08
CA ASP B 148 26.77 -3.40 -26.39
C ASP B 148 27.31 -4.72 -26.91
N ALA B 149 28.62 -4.87 -26.81
CA ALA B 149 29.31 -6.06 -27.26
C ALA B 149 28.74 -7.30 -26.60
N GLU B 150 28.54 -7.23 -25.29
CA GLU B 150 28.00 -8.34 -24.52
C GLU B 150 26.63 -8.78 -25.02
N LEU B 151 25.79 -7.82 -25.35
CA LEU B 151 24.47 -8.19 -25.79
C LEU B 151 24.60 -9.03 -27.04
N ILE B 152 25.41 -8.54 -27.97
CA ILE B 152 25.59 -9.24 -29.22
C ILE B 152 26.14 -10.67 -29.00
N MET B 153 27.16 -10.80 -28.15
CA MET B 153 27.71 -12.12 -27.86
C MET B 153 26.63 -13.06 -27.35
N LEU B 154 25.80 -12.53 -26.44
CA LEU B 154 24.69 -13.28 -25.86
C LEU B 154 23.83 -13.84 -27.00
N THR B 155 23.38 -12.97 -27.91
CA THR B 155 22.61 -13.45 -29.05
C THR B 155 23.40 -14.50 -29.85
N ALA B 156 24.72 -14.33 -29.97
CA ALA B 156 25.54 -15.30 -30.69
C ALA B 156 25.52 -16.61 -29.93
N ARG B 157 25.54 -16.56 -28.60
CA ARG B 157 25.51 -17.78 -27.80
C ARG B 157 24.21 -18.51 -28.04
N TRP B 158 23.13 -17.74 -28.24
CA TRP B 158 21.83 -18.33 -28.53
C TRP B 158 21.89 -19.12 -29.85
N TRP B 159 22.37 -18.48 -30.90
CA TRP B 159 22.48 -19.09 -32.22
C TRP B 159 23.30 -20.37 -32.09
N ARG B 160 24.36 -20.31 -31.31
CA ARG B 160 25.18 -21.49 -31.17
C ARG B 160 24.35 -22.59 -30.53
N ALA B 161 23.78 -22.28 -29.37
CA ALA B 161 22.98 -23.24 -28.63
C ALA B 161 21.81 -23.82 -29.43
N LEU B 162 21.25 -23.05 -30.35
CA LEU B 162 20.12 -23.56 -31.10
C LEU B 162 20.52 -24.14 -32.43
N GLY B 163 21.80 -24.03 -32.73
CA GLY B 163 22.30 -24.55 -33.98
C GLY B 163 21.78 -23.79 -35.19
N ILE B 164 22.11 -22.49 -35.28
CA ILE B 164 21.68 -21.71 -36.43
C ILE B 164 22.62 -20.60 -36.78
N SER B 165 23.84 -20.65 -36.26
CA SER B 165 24.85 -19.60 -36.55
C SER B 165 24.89 -19.34 -38.05
N GLU B 166 24.99 -20.43 -38.80
CA GLU B 166 25.08 -20.42 -40.24
C GLU B 166 23.92 -19.75 -40.94
N HIS B 167 22.77 -19.67 -40.29
CA HIS B 167 21.60 -19.08 -40.92
C HIS B 167 21.23 -17.68 -40.50
N VAL B 168 22.13 -17.04 -39.75
CA VAL B 168 21.87 -15.70 -39.23
C VAL B 168 23.06 -14.72 -39.36
N THR B 169 22.82 -13.56 -39.97
CA THR B 169 23.89 -12.57 -40.09
C THR B 169 23.59 -11.25 -39.36
N LEU B 170 24.64 -10.62 -38.85
CA LEU B 170 24.54 -9.37 -38.09
C LEU B 170 24.81 -8.07 -38.86
N GLU B 171 23.94 -7.10 -38.64
CA GLU B 171 24.05 -5.80 -39.28
C GLU B 171 24.12 -4.69 -38.24
N LEU B 172 25.23 -3.95 -38.21
CA LEU B 172 25.42 -2.87 -37.25
C LEU B 172 25.27 -1.51 -37.89
N ASN B 173 25.40 -0.49 -37.06
CA ASN B 173 25.32 0.89 -37.52
C ASN B 173 25.13 1.81 -36.33
N SER B 174 25.67 3.02 -36.44
CA SER B 174 25.54 4.02 -35.39
C SER B 174 24.85 5.22 -35.99
N ILE B 175 23.84 5.73 -35.30
CA ILE B 175 23.09 6.88 -35.79
C ILE B 175 23.42 8.13 -35.03
N GLY B 176 24.61 8.16 -34.45
CA GLY B 176 25.05 9.32 -33.71
C GLY B 176 24.05 9.84 -32.70
N SER B 177 24.13 11.13 -32.41
CA SER B 177 23.26 11.79 -31.46
C SER B 177 22.11 12.50 -32.17
N LEU B 178 21.15 12.98 -31.38
CA LEU B 178 20.00 13.70 -31.90
C LEU B 178 20.53 14.77 -32.84
N GLU B 179 21.40 15.60 -32.27
CA GLU B 179 22.06 16.69 -32.96
C GLU B 179 22.72 16.15 -34.21
N ALA B 180 23.53 15.13 -34.04
CA ALA B 180 24.22 14.51 -35.18
C ALA B 180 23.20 14.19 -36.28
N ARG B 181 22.03 13.72 -35.89
CA ARG B 181 20.99 13.39 -36.86
C ARG B 181 20.32 14.66 -37.40
N ALA B 182 20.11 15.65 -36.53
CA ALA B 182 19.49 16.89 -36.96
C ALA B 182 20.31 17.50 -38.12
N ASN B 183 21.59 17.73 -37.85
CA ASN B 183 22.48 18.31 -38.86
C ASN B 183 22.60 17.45 -40.11
N TYR B 184 21.86 16.36 -40.15
CA TYR B 184 21.88 15.46 -41.29
C TYR B 184 20.64 15.79 -42.13
N ARG B 185 20.77 16.82 -42.98
CA ARG B 185 19.68 17.27 -43.85
C ARG B 185 20.23 17.69 -45.21
N ALA B 231 25.01 10.19 -46.89
CA ALA B 231 25.42 9.22 -45.87
C ALA B 231 25.60 9.89 -44.51
N LEU B 232 25.06 9.27 -43.46
CA LEU B 232 25.12 9.83 -42.12
C LEU B 232 26.47 9.77 -41.41
N GLY B 233 27.22 8.69 -41.61
CA GLY B 233 28.51 8.58 -40.97
C GLY B 233 29.28 9.88 -40.96
N ASP B 234 29.06 10.68 -41.99
CA ASP B 234 29.74 11.96 -42.16
C ASP B 234 29.27 13.05 -41.19
N TYR B 235 28.31 12.72 -40.33
CA TYR B 235 27.79 13.70 -39.37
C TYR B 235 27.88 13.23 -37.93
N LEU B 236 28.13 11.94 -37.74
CA LEU B 236 28.24 11.41 -36.38
C LEU B 236 29.16 12.30 -35.61
N ASP B 237 28.94 12.41 -34.31
CA ASP B 237 29.79 13.22 -33.45
C ASP B 237 31.09 12.44 -33.25
N GLU B 238 32.08 13.07 -32.64
CA GLU B 238 33.34 12.36 -32.44
C GLU B 238 33.17 11.23 -31.43
N GLU B 239 32.48 11.51 -30.33
CA GLU B 239 32.23 10.52 -29.30
C GLU B 239 31.42 9.33 -29.82
N SER B 240 30.45 9.60 -30.69
CA SER B 240 29.64 8.52 -31.25
C SER B 240 30.45 7.60 -32.14
N ARG B 241 31.18 8.16 -33.11
CA ARG B 241 31.98 7.32 -34.01
C ARG B 241 33.02 6.53 -33.24
N GLU B 242 33.54 7.13 -32.16
CA GLU B 242 34.54 6.47 -31.33
C GLU B 242 33.94 5.25 -30.61
N HIS B 243 32.73 5.46 -30.06
CA HIS B 243 31.98 4.43 -29.35
C HIS B 243 31.74 3.26 -30.30
N PHE B 244 31.33 3.57 -31.53
CA PHE B 244 31.05 2.54 -32.53
C PHE B 244 32.29 1.73 -32.88
N ALA B 245 33.40 2.44 -33.10
CA ALA B 245 34.65 1.79 -33.43
C ALA B 245 35.02 0.83 -32.30
N GLY B 246 34.76 1.26 -31.05
CA GLY B 246 35.05 0.43 -29.90
C GLY B 246 34.22 -0.84 -29.88
N LEU B 247 33.04 -0.76 -30.48
CA LEU B 247 32.15 -1.90 -30.54
C LEU B 247 32.59 -2.84 -31.66
N CYS B 248 33.00 -2.26 -32.77
CA CYS B 248 33.44 -3.07 -33.90
C CYS B 248 34.74 -3.77 -33.55
N LYS B 249 35.66 -3.05 -32.90
CA LYS B 249 36.93 -3.67 -32.53
C LYS B 249 36.61 -4.81 -31.58
N LEU B 250 35.62 -4.60 -30.71
CA LEU B 250 35.21 -5.61 -29.74
C LEU B 250 34.56 -6.80 -30.39
N LEU B 251 33.79 -6.56 -31.44
CA LEU B 251 33.15 -7.67 -32.13
C LEU B 251 34.18 -8.54 -32.90
N GLU B 252 35.24 -7.90 -33.42
CA GLU B 252 36.32 -8.59 -34.13
C GLU B 252 37.12 -9.42 -33.15
N SER B 253 37.54 -8.78 -32.07
CA SER B 253 38.31 -9.46 -31.03
C SER B 253 37.62 -10.73 -30.53
N ALA B 254 36.40 -10.97 -30.98
CA ALA B 254 35.66 -12.14 -30.52
C ALA B 254 35.12 -12.90 -31.72
N GLY B 255 35.58 -12.51 -32.89
CA GLY B 255 35.17 -13.19 -34.09
C GLY B 255 33.70 -13.15 -34.42
N ILE B 256 33.03 -12.05 -34.10
CA ILE B 256 31.64 -12.02 -34.49
C ILE B 256 31.69 -11.29 -35.80
N ALA B 257 31.26 -11.97 -36.86
CA ALA B 257 31.26 -11.39 -38.20
C ALA B 257 30.10 -10.44 -38.32
N TYR B 258 30.39 -9.26 -38.85
CA TYR B 258 29.36 -8.27 -38.99
C TYR B 258 29.44 -7.53 -40.31
N THR B 259 28.39 -6.76 -40.60
CA THR B 259 28.28 -5.97 -41.80
C THR B 259 27.68 -4.62 -41.45
N VAL B 260 28.46 -3.56 -41.62
CA VAL B 260 27.98 -2.22 -41.34
C VAL B 260 27.06 -1.67 -42.44
N ASN B 261 25.77 -1.62 -42.12
CA ASN B 261 24.75 -1.14 -43.06
C ASN B 261 24.35 0.29 -42.72
N GLN B 262 24.87 1.26 -43.47
CA GLN B 262 24.58 2.66 -43.18
C GLN B 262 23.17 3.12 -43.46
N ARG B 263 22.35 2.27 -44.08
CA ARG B 263 20.97 2.62 -44.37
C ARG B 263 20.06 1.75 -43.49
N LEU B 264 20.59 1.42 -42.31
CA LEU B 264 19.88 0.61 -41.32
C LEU B 264 19.00 1.53 -40.47
N VAL B 265 17.68 1.32 -40.56
CA VAL B 265 16.73 2.13 -39.82
C VAL B 265 15.81 1.31 -38.94
N ARG B 266 15.70 1.70 -37.68
CA ARG B 266 14.80 1.00 -36.77
C ARG B 266 13.45 1.71 -36.84
N GLY B 267 12.37 0.97 -36.68
CA GLY B 267 11.08 1.63 -36.75
C GLY B 267 10.70 2.53 -35.58
N LEU B 268 11.53 2.63 -34.54
CA LEU B 268 11.24 3.43 -33.35
C LEU B 268 12.15 4.66 -33.19
N ASP B 269 11.61 5.76 -32.69
CA ASP B 269 12.38 7.00 -32.54
C ASP B 269 13.30 7.16 -31.34
N TYR B 270 13.48 6.13 -30.52
CA TYR B 270 14.30 6.30 -29.33
C TYR B 270 15.74 5.83 -29.33
N TYR B 271 16.24 5.42 -30.49
CA TYR B 271 17.61 4.94 -30.58
C TYR B 271 18.65 6.05 -30.78
N ASN B 272 19.86 5.81 -30.30
CA ASN B 272 20.99 6.72 -30.46
C ASN B 272 22.21 5.80 -30.52
N ARG B 273 23.31 6.26 -31.11
CA ARG B 273 24.50 5.43 -31.21
C ARG B 273 24.14 4.06 -31.80
N THR B 274 24.60 3.00 -31.13
CA THR B 274 24.39 1.60 -31.54
C THR B 274 22.98 1.20 -32.02
N VAL B 275 22.93 0.54 -33.16
CA VAL B 275 21.65 0.10 -33.69
C VAL B 275 21.96 -1.16 -34.50
N PHE B 276 21.23 -2.24 -34.30
CA PHE B 276 21.53 -3.48 -35.01
C PHE B 276 20.39 -4.44 -35.26
N GLU B 277 20.64 -5.39 -36.15
CA GLU B 277 19.66 -6.42 -36.50
C GLU B 277 20.36 -7.72 -36.88
N TRP B 278 19.63 -8.83 -36.72
CA TRP B 278 20.12 -10.15 -37.08
C TRP B 278 19.09 -10.57 -38.12
N VAL B 279 19.54 -10.68 -39.36
CA VAL B 279 18.65 -11.03 -40.47
C VAL B 279 18.95 -12.42 -40.99
N THR B 280 17.91 -13.07 -41.49
CA THR B 280 17.98 -14.42 -42.00
C THR B 280 18.03 -14.51 -43.52
N ASN B 281 18.18 -15.74 -44.01
CA ASN B 281 18.25 -16.11 -45.45
C ASN B 281 18.12 -14.92 -46.39
N SER B 282 16.97 -14.28 -46.28
CA SER B 282 16.57 -13.10 -47.05
C SER B 282 15.06 -13.26 -47.21
N LEU B 283 14.50 -14.05 -46.29
CA LEU B 283 13.08 -14.35 -46.25
C LEU B 283 12.24 -13.10 -46.56
N GLY B 284 11.36 -13.24 -47.57
CA GLY B 284 10.48 -12.17 -48.00
C GLY B 284 10.62 -10.82 -47.32
N SER B 285 9.68 -10.50 -46.46
CA SER B 285 9.68 -9.23 -45.74
C SER B 285 9.55 -9.47 -44.23
N GLN B 286 10.23 -10.50 -43.73
CA GLN B 286 10.18 -10.84 -42.31
C GLN B 286 11.45 -11.58 -41.93
N GLY B 287 12.55 -11.18 -42.57
CA GLY B 287 13.82 -11.85 -42.33
C GLY B 287 14.62 -11.44 -41.13
N THR B 288 14.31 -10.31 -40.53
CA THR B 288 15.07 -9.88 -39.36
C THR B 288 14.47 -10.54 -38.09
N VAL B 289 15.29 -11.38 -37.46
CA VAL B 289 14.93 -12.19 -36.30
C VAL B 289 15.03 -11.51 -34.92
N CYS B 290 16.00 -10.63 -34.78
CA CYS B 290 16.21 -9.94 -33.54
C CYS B 290 16.83 -8.59 -33.88
N ALA B 291 16.32 -7.54 -33.26
CA ALA B 291 16.79 -6.20 -33.53
C ALA B 291 16.81 -5.37 -32.25
N GLY B 292 17.64 -4.34 -32.23
CA GLY B 292 17.75 -3.52 -31.03
C GLY B 292 18.63 -2.32 -31.26
N GLY B 293 19.20 -1.79 -30.19
CA GLY B 293 20.05 -0.63 -30.32
C GLY B 293 20.10 0.09 -28.99
N ARG B 294 20.79 1.22 -28.94
CA ARG B 294 20.93 2.00 -27.72
C ARG B 294 19.88 3.13 -27.68
N TYR B 295 19.49 3.53 -26.46
CA TYR B 295 18.49 4.59 -26.28
C TYR B 295 18.80 5.38 -25.00
N ASP B 296 19.97 5.97 -24.97
CA ASP B 296 20.48 6.72 -23.83
C ASP B 296 19.60 7.84 -23.25
N GLY B 297 18.63 8.32 -24.01
CA GLY B 297 17.78 9.38 -23.52
C GLY B 297 16.32 9.06 -23.29
N LEU B 298 15.93 7.80 -23.41
CA LEU B 298 14.54 7.47 -23.21
C LEU B 298 14.07 7.57 -21.76
N VAL B 299 14.89 7.12 -20.83
CA VAL B 299 14.51 7.15 -19.42
C VAL B 299 14.21 8.57 -18.95
N GLU B 300 15.05 9.50 -19.38
CA GLU B 300 14.91 10.88 -19.00
C GLU B 300 13.63 11.41 -19.57
N GLN B 301 13.46 11.19 -20.86
CA GLN B 301 12.29 11.65 -21.57
C GLN B 301 10.98 11.15 -20.98
N LEU B 302 10.98 9.95 -20.42
CA LEU B 302 9.77 9.40 -19.82
C LEU B 302 9.63 9.84 -18.37
N GLY B 303 10.43 10.80 -17.96
CA GLY B 303 10.33 11.32 -16.61
C GLY B 303 11.24 10.82 -15.52
N GLY B 304 12.15 9.91 -15.87
CA GLY B 304 13.08 9.37 -14.88
C GLY B 304 14.38 10.14 -14.93
N ARG B 305 15.36 9.74 -14.12
CA ARG B 305 16.69 10.38 -14.09
C ARG B 305 17.52 9.74 -15.20
N ALA B 306 18.21 10.57 -15.98
CA ALA B 306 19.02 10.13 -17.12
C ALA B 306 20.01 9.00 -16.84
N THR B 307 19.99 8.01 -17.71
CA THR B 307 20.88 6.86 -17.59
C THR B 307 21.00 6.18 -18.94
N PRO B 308 22.21 5.76 -19.30
CA PRO B 308 22.34 5.10 -20.59
C PRO B 308 21.57 3.78 -20.59
N ALA B 309 21.14 3.34 -21.77
CA ALA B 309 20.41 2.08 -21.87
C ALA B 309 20.60 1.42 -23.24
N VAL B 310 20.69 0.10 -23.26
CA VAL B 310 20.85 -0.67 -24.49
C VAL B 310 19.99 -1.91 -24.36
N GLY B 311 19.41 -2.32 -25.48
CA GLY B 311 18.58 -3.51 -25.49
C GLY B 311 18.29 -4.08 -26.88
N PHE B 312 17.36 -5.03 -26.93
CA PHE B 312 16.94 -5.64 -28.18
C PHE B 312 15.81 -6.60 -27.87
N ALA B 313 15.09 -7.02 -28.91
CA ALA B 313 13.98 -7.97 -28.76
C ALA B 313 13.98 -8.93 -29.94
N MET B 314 13.70 -10.19 -29.65
CA MET B 314 13.68 -11.19 -30.70
C MET B 314 12.23 -11.67 -30.90
N GLY B 315 11.84 -11.84 -32.17
CA GLY B 315 10.50 -12.30 -32.49
C GLY B 315 10.52 -13.82 -32.37
N LEU B 316 9.95 -14.34 -31.29
CA LEU B 316 10.01 -15.77 -31.10
C LEU B 316 9.45 -16.61 -32.22
N GLU B 317 8.31 -16.25 -32.80
CA GLU B 317 7.79 -17.09 -33.89
C GLU B 317 8.82 -17.25 -35.01
N ARG B 318 9.53 -16.18 -35.33
CA ARG B 318 10.52 -16.26 -36.37
C ARG B 318 11.65 -17.20 -35.96
N LEU B 319 12.09 -17.10 -34.71
CA LEU B 319 13.17 -17.97 -34.22
C LEU B 319 12.73 -19.42 -34.34
N VAL B 320 11.55 -19.76 -33.80
CA VAL B 320 11.06 -21.13 -33.87
C VAL B 320 11.12 -21.59 -35.33
N LEU B 321 10.43 -20.87 -36.21
CA LEU B 321 10.43 -21.19 -37.63
C LEU B 321 11.85 -21.52 -38.10
N LEU B 322 12.78 -20.60 -37.90
CA LEU B 322 14.14 -20.83 -38.34
C LEU B 322 14.73 -22.13 -37.77
N VAL B 323 14.67 -22.29 -36.46
CA VAL B 323 15.19 -23.48 -35.78
C VAL B 323 14.58 -24.74 -36.37
N GLN B 324 13.28 -24.70 -36.63
CA GLN B 324 12.56 -25.82 -37.21
C GLN B 324 12.98 -26.09 -38.66
N ALA B 325 13.36 -25.03 -39.38
CA ALA B 325 13.79 -25.20 -40.76
C ALA B 325 15.24 -25.73 -40.81
N VAL B 326 16.10 -25.16 -39.99
CA VAL B 326 17.51 -25.57 -39.98
C VAL B 326 17.72 -26.95 -39.35
N ASN B 327 16.80 -27.36 -38.48
CA ASN B 327 16.94 -28.65 -37.79
C ASN B 327 15.63 -29.42 -37.96
N PRO B 328 15.32 -29.85 -39.20
CA PRO B 328 14.10 -30.58 -39.55
C PRO B 328 13.71 -31.74 -38.65
N GLU B 329 14.56 -32.08 -37.70
CA GLU B 329 14.23 -33.17 -36.80
C GLU B 329 14.14 -32.77 -35.34
N PHE B 330 14.48 -31.50 -35.04
CA PHE B 330 14.43 -30.96 -33.67
C PHE B 330 13.22 -31.62 -33.02
N LYS B 331 13.38 -32.15 -31.81
CA LYS B 331 12.26 -32.83 -31.18
C LYS B 331 11.93 -32.43 -29.76
N ALA B 332 10.90 -33.09 -29.24
CA ALA B 332 10.43 -32.89 -27.88
C ALA B 332 10.18 -34.30 -27.35
N ASP B 333 10.57 -34.53 -26.09
CA ASP B 333 10.39 -35.84 -25.45
C ASP B 333 8.91 -36.13 -25.42
N PRO B 334 8.51 -37.38 -25.71
CA PRO B 334 7.07 -37.68 -25.67
C PRO B 334 6.43 -37.13 -24.40
N VAL B 335 5.15 -36.78 -24.48
CA VAL B 335 4.45 -36.24 -23.33
C VAL B 335 4.19 -37.30 -22.28
N VAL B 336 4.28 -38.57 -22.68
CA VAL B 336 4.04 -39.69 -21.79
C VAL B 336 5.08 -40.83 -21.90
N ASP B 337 5.68 -41.17 -20.75
CA ASP B 337 6.67 -42.25 -20.69
C ASP B 337 6.05 -43.56 -20.23
N ILE B 338 5.24 -43.49 -19.18
CA ILE B 338 4.58 -44.64 -18.59
C ILE B 338 3.06 -44.46 -18.57
N TYR B 339 2.35 -45.36 -19.25
CA TYR B 339 0.88 -45.32 -19.30
C TYR B 339 0.33 -46.41 -18.35
N LEU B 340 -0.48 -46.00 -17.38
CA LEU B 340 -1.00 -46.97 -16.43
C LEU B 340 -2.31 -47.65 -16.83
N VAL B 341 -2.18 -48.83 -17.47
CA VAL B 341 -3.34 -49.63 -17.88
C VAL B 341 -3.93 -50.28 -16.63
N ALA B 342 -5.23 -50.57 -16.65
CA ALA B 342 -5.88 -51.17 -15.49
C ALA B 342 -7.29 -51.59 -15.83
N SER B 343 -7.69 -52.78 -15.39
CA SER B 343 -9.04 -53.25 -15.68
C SER B 343 -9.57 -54.23 -14.64
N GLY B 344 -10.82 -54.01 -14.24
CA GLY B 344 -11.43 -54.87 -13.27
C GLY B 344 -12.27 -54.10 -12.27
N ALA B 345 -12.78 -54.81 -11.28
CA ALA B 345 -13.63 -54.23 -10.24
C ALA B 345 -12.88 -53.33 -9.27
N ASP B 346 -13.19 -52.04 -9.33
CA ASP B 346 -12.57 -51.06 -8.45
C ASP B 346 -11.05 -51.01 -8.48
N THR B 347 -10.49 -51.40 -9.61
CA THR B 347 -9.05 -51.34 -9.77
C THR B 347 -8.71 -49.85 -9.83
N GLN B 348 -9.77 -49.03 -9.94
CA GLN B 348 -9.69 -47.57 -10.01
C GLN B 348 -8.85 -46.90 -8.92
N SER B 349 -9.45 -46.75 -7.73
CA SER B 349 -8.77 -46.09 -6.61
C SER B 349 -7.41 -46.72 -6.35
N ALA B 350 -7.21 -47.90 -6.92
CA ALA B 350 -5.95 -48.61 -6.74
C ALA B 350 -4.91 -48.15 -7.74
N ALA B 351 -5.29 -48.11 -9.00
CA ALA B 351 -4.36 -47.71 -10.06
C ALA B 351 -3.94 -46.27 -9.87
N MET B 352 -4.89 -45.47 -9.39
CA MET B 352 -4.67 -44.06 -9.16
C MET B 352 -3.57 -43.91 -8.12
N ALA B 353 -3.77 -44.55 -6.97
CA ALA B 353 -2.80 -44.50 -5.88
C ALA B 353 -1.42 -45.00 -6.31
N LEU B 354 -1.40 -46.11 -7.05
CA LEU B 354 -0.13 -46.66 -7.49
C LEU B 354 0.61 -45.64 -8.32
N ALA B 355 -0.16 -44.82 -9.04
CA ALA B 355 0.42 -43.76 -9.88
C ALA B 355 0.93 -42.64 -8.99
N GLU B 356 0.18 -42.28 -7.95
CA GLU B 356 0.64 -41.22 -7.08
C GLU B 356 1.96 -41.64 -6.50
N ARG B 357 2.01 -42.88 -6.06
CA ARG B 357 3.20 -43.46 -5.47
C ARG B 357 4.38 -43.50 -6.45
N LEU B 358 4.18 -44.11 -7.61
CA LEU B 358 5.26 -44.18 -8.59
C LEU B 358 5.78 -42.79 -8.97
N ARG B 359 4.92 -41.78 -8.87
CA ARG B 359 5.36 -40.43 -9.22
C ARG B 359 6.46 -40.00 -8.27
N ASP B 360 6.18 -40.02 -6.98
CA ASP B 360 7.18 -39.65 -5.99
C ASP B 360 8.52 -40.37 -6.21
N GLU B 361 8.46 -41.70 -6.34
CA GLU B 361 9.66 -42.53 -6.54
C GLU B 361 10.41 -42.28 -7.83
N LEU B 362 9.70 -42.05 -8.91
CA LEU B 362 10.30 -41.80 -10.21
C LEU B 362 10.16 -40.33 -10.60
N PRO B 363 10.88 -39.44 -9.92
CA PRO B 363 10.71 -38.04 -10.33
C PRO B 363 11.29 -37.87 -11.74
N GLY B 364 10.78 -36.87 -12.46
CA GLY B 364 11.25 -36.61 -13.79
C GLY B 364 10.52 -37.41 -14.85
N VAL B 365 9.91 -38.53 -14.46
CA VAL B 365 9.20 -39.33 -15.43
C VAL B 365 7.77 -38.83 -15.58
N LYS B 366 7.21 -39.12 -16.75
CA LYS B 366 5.85 -38.70 -17.07
C LYS B 366 4.91 -39.91 -17.07
N LEU B 367 3.92 -39.89 -16.19
CA LEU B 367 3.04 -41.02 -16.07
C LEU B 367 1.57 -40.65 -16.09
N MET B 368 0.87 -41.10 -17.14
CA MET B 368 -0.56 -40.85 -17.32
C MET B 368 -1.41 -42.08 -17.00
N THR B 369 -2.37 -41.92 -16.11
CA THR B 369 -3.24 -43.03 -15.74
C THR B 369 -4.41 -43.11 -16.67
N ASN B 370 -4.61 -44.28 -17.28
CA ASN B 370 -5.73 -44.49 -18.20
C ASN B 370 -7.03 -44.24 -17.45
N HIS B 371 -7.97 -43.57 -18.10
CA HIS B 371 -9.27 -43.31 -17.48
C HIS B 371 -10.32 -43.65 -18.52
N GLY B 372 -11.57 -43.76 -18.07
CA GLY B 372 -12.66 -44.08 -18.99
C GLY B 372 -12.63 -45.51 -19.49
N GLY B 373 -12.41 -46.45 -18.57
CA GLY B 373 -12.38 -47.86 -18.91
C GLY B 373 -11.66 -48.21 -20.17
N GLY B 374 -12.18 -49.23 -20.85
CA GLY B 374 -11.59 -49.70 -22.09
C GLY B 374 -10.94 -51.05 -21.86
N ASN B 375 -10.98 -51.88 -22.89
CA ASN B 375 -10.34 -53.19 -22.78
C ASN B 375 -8.86 -52.95 -23.05
N PHE B 376 -8.03 -53.89 -22.65
CA PHE B 376 -6.59 -53.77 -22.84
C PHE B 376 -6.16 -53.36 -24.25
N LYS B 377 -6.96 -53.68 -25.25
CA LYS B 377 -6.62 -53.35 -26.64
C LYS B 377 -6.62 -51.84 -26.80
N LYS B 378 -7.71 -51.22 -26.36
CA LYS B 378 -7.87 -49.77 -26.45
C LYS B 378 -6.79 -49.06 -25.66
N GLN B 379 -6.53 -49.56 -24.46
CA GLN B 379 -5.53 -48.94 -23.59
C GLN B 379 -4.09 -49.04 -24.07
N PHE B 380 -3.69 -50.18 -24.61
CA PHE B 380 -2.31 -50.30 -25.09
C PHE B 380 -2.16 -49.39 -26.28
N ALA B 381 -3.30 -49.06 -26.89
CA ALA B 381 -3.33 -48.16 -28.04
C ALA B 381 -3.15 -46.73 -27.51
N ARG B 382 -3.98 -46.36 -26.52
CA ARG B 382 -3.94 -45.04 -25.90
C ARG B 382 -2.53 -44.81 -25.36
N ALA B 383 -1.83 -45.91 -25.11
CA ALA B 383 -0.47 -45.84 -24.60
C ALA B 383 0.44 -45.49 -25.75
N ASP B 384 0.34 -46.25 -26.84
CA ASP B 384 1.18 -46.00 -28.00
C ASP B 384 0.94 -44.59 -28.53
N LYS B 385 -0.29 -44.10 -28.36
CA LYS B 385 -0.69 -42.77 -28.81
C LYS B 385 0.14 -41.69 -28.14
N TRP B 386 0.14 -41.67 -26.82
CA TRP B 386 0.89 -40.69 -26.05
C TRP B 386 2.40 -40.90 -26.15
N GLY B 387 2.79 -41.98 -26.84
CA GLY B 387 4.21 -42.26 -26.99
C GLY B 387 4.87 -42.89 -25.77
N ALA B 388 4.08 -43.54 -24.91
CA ALA B 388 4.60 -44.20 -23.73
C ALA B 388 5.54 -45.34 -24.15
N ARG B 389 6.64 -45.50 -23.44
CA ARG B 389 7.61 -46.54 -23.79
C ARG B 389 7.33 -47.81 -23.01
N VAL B 390 6.60 -47.63 -21.91
CA VAL B 390 6.27 -48.73 -21.03
C VAL B 390 4.88 -48.56 -20.43
N ALA B 391 4.29 -49.66 -19.99
CA ALA B 391 2.99 -49.58 -19.37
C ALA B 391 2.98 -50.45 -18.12
N VAL B 392 2.39 -49.96 -17.04
CA VAL B 392 2.30 -50.83 -15.87
C VAL B 392 0.83 -51.19 -15.83
N VAL B 393 0.55 -52.49 -16.00
CA VAL B 393 -0.82 -53.00 -15.99
C VAL B 393 -1.28 -53.39 -14.59
N LEU B 394 -2.50 -52.98 -14.24
CA LEU B 394 -3.01 -53.27 -12.92
C LEU B 394 -4.39 -53.88 -12.97
N GLY B 395 -4.45 -55.20 -13.18
CA GLY B 395 -5.71 -55.92 -13.23
C GLY B 395 -6.21 -56.30 -11.85
N GLU B 396 -7.18 -57.20 -11.78
CA GLU B 396 -7.69 -57.62 -10.47
C GLU B 396 -6.65 -58.42 -9.69
N SER B 397 -5.96 -59.30 -10.41
CA SER B 397 -4.93 -60.12 -9.79
C SER B 397 -3.93 -59.23 -9.05
N GLU B 398 -3.04 -58.61 -9.82
CA GLU B 398 -2.00 -57.72 -9.32
C GLU B 398 -2.42 -56.89 -8.13
N VAL B 399 -3.63 -56.36 -8.18
CA VAL B 399 -4.09 -55.57 -7.05
C VAL B 399 -4.00 -56.46 -5.83
N ALA B 400 -4.78 -57.54 -5.83
CA ALA B 400 -4.81 -58.50 -4.72
C ALA B 400 -3.42 -59.00 -4.30
N ASN B 401 -2.61 -59.40 -5.29
CA ASN B 401 -1.26 -59.89 -5.04
C ASN B 401 -0.18 -58.82 -4.85
N GLY B 402 -0.59 -57.58 -4.68
CA GLY B 402 0.37 -56.50 -4.46
C GLY B 402 1.41 -56.28 -5.54
N THR B 403 1.12 -56.74 -6.75
CA THR B 403 2.05 -56.57 -7.85
C THR B 403 1.48 -55.72 -8.99
N ALA B 404 2.22 -55.67 -10.09
CA ALA B 404 1.80 -54.92 -11.27
C ALA B 404 2.64 -55.42 -12.42
N VAL B 405 2.02 -55.61 -13.57
CA VAL B 405 2.75 -56.09 -14.74
C VAL B 405 3.44 -54.92 -15.39
N VAL B 406 4.70 -55.11 -15.79
CA VAL B 406 5.44 -54.06 -16.46
C VAL B 406 5.69 -54.53 -17.88
N LYS B 407 4.83 -54.06 -18.79
CA LYS B 407 4.88 -54.39 -20.21
C LYS B 407 5.71 -53.35 -20.97
N ASP B 408 6.87 -53.75 -21.46
CA ASP B 408 7.72 -52.84 -22.24
C ASP B 408 6.98 -52.74 -23.56
N LEU B 409 6.62 -51.53 -23.96
CA LEU B 409 5.88 -51.37 -25.21
C LEU B 409 6.74 -51.55 -26.46
N ARG B 410 8.02 -51.22 -26.36
CA ARG B 410 8.92 -51.37 -27.51
C ARG B 410 9.06 -52.84 -27.90
N SER B 411 9.51 -53.67 -26.96
CA SER B 411 9.68 -55.11 -27.22
C SER B 411 8.34 -55.84 -27.16
N GLY B 412 7.51 -55.50 -26.17
CA GLY B 412 6.22 -56.14 -26.04
C GLY B 412 6.14 -57.13 -24.89
N GLU B 413 7.30 -57.54 -24.39
CA GLU B 413 7.34 -58.49 -23.29
C GLU B 413 7.05 -57.82 -21.96
N GLN B 414 6.46 -58.58 -21.05
CA GLN B 414 6.11 -58.08 -19.73
C GLN B 414 6.56 -59.05 -18.66
N THR B 415 6.46 -58.63 -17.41
CA THR B 415 6.85 -59.46 -16.27
C THR B 415 6.15 -58.88 -15.05
N ALA B 416 5.54 -59.74 -14.24
CA ALA B 416 4.85 -59.27 -13.03
C ALA B 416 5.89 -58.83 -12.01
N VAL B 417 5.69 -57.65 -11.45
CA VAL B 417 6.66 -57.14 -10.50
C VAL B 417 5.98 -56.67 -9.24
N ALA B 418 6.65 -56.94 -8.13
CA ALA B 418 6.13 -56.55 -6.83
C ALA B 418 6.06 -55.04 -6.86
N GLN B 419 4.95 -54.48 -6.41
CA GLN B 419 4.80 -53.03 -6.41
C GLN B 419 5.96 -52.23 -5.83
N ASP B 420 6.64 -52.77 -4.82
CA ASP B 420 7.75 -52.04 -4.24
C ASP B 420 8.93 -51.94 -5.19
N SER B 421 9.25 -53.05 -5.83
CA SER B 421 10.38 -53.09 -6.75
C SER B 421 10.11 -52.57 -8.18
N VAL B 422 8.85 -52.27 -8.51
CA VAL B 422 8.53 -51.79 -9.85
C VAL B 422 9.17 -50.46 -10.17
N ALA B 423 9.27 -49.58 -9.17
CA ALA B 423 9.87 -48.28 -9.39
C ALA B 423 11.29 -48.41 -9.91
N ALA B 424 12.05 -49.35 -9.34
CA ALA B 424 13.43 -49.56 -9.77
C ALA B 424 13.44 -50.28 -11.11
N HIS B 425 12.41 -51.08 -11.33
CA HIS B 425 12.33 -51.81 -12.59
C HIS B 425 12.12 -50.79 -13.72
N LEU B 426 11.08 -49.97 -13.61
CA LEU B 426 10.79 -48.95 -14.63
C LEU B 426 12.05 -48.14 -14.95
N ARG B 427 12.54 -47.47 -13.91
CA ARG B 427 13.72 -46.63 -13.93
C ARG B 427 14.87 -47.24 -14.76
N THR B 428 14.92 -48.57 -14.79
CA THR B 428 15.94 -49.26 -15.54
C THR B 428 15.65 -49.27 -17.03
N LEU B 429 14.36 -49.19 -17.38
CA LEU B 429 13.94 -49.19 -18.78
C LEU B 429 13.92 -47.81 -19.43
N LEU B 430 13.55 -46.79 -18.64
CA LEU B 430 13.45 -45.43 -19.13
C LEU B 430 14.80 -44.75 -19.31
N GLY B 431 15.86 -45.46 -18.96
CA GLY B 431 17.20 -44.91 -19.06
C GLY B 431 17.35 -43.83 -18.02
N LYS C 10 14.70 0.76 1.45
CA LYS C 10 14.83 0.25 2.84
C LYS C 10 13.64 0.70 3.69
N ASN C 11 12.95 1.72 3.18
CA ASN C 11 11.78 2.32 3.85
C ASN C 11 11.08 1.52 4.96
N ILE C 12 10.81 2.25 6.05
CA ILE C 12 10.16 1.74 7.24
C ILE C 12 8.65 1.83 7.18
N GLN C 13 7.99 1.02 8.01
CA GLN C 13 6.55 1.04 8.03
C GLN C 13 6.02 1.30 9.40
N ALA C 14 4.75 1.65 9.44
CA ALA C 14 4.08 1.92 10.68
C ALA C 14 3.99 0.64 11.48
N ILE C 15 4.17 0.78 12.79
CA ILE C 15 4.06 -0.35 13.69
C ILE C 15 2.63 -0.90 13.55
N ARG C 16 2.50 -2.20 13.38
CA ARG C 16 1.18 -2.79 13.24
C ARG C 16 0.24 -2.33 14.36
N GLY C 17 -1.01 -2.03 13.98
CA GLY C 17 -2.01 -1.60 14.96
C GLY C 17 -1.95 -0.13 15.34
N MET C 18 -1.26 0.66 14.52
CA MET C 18 -1.17 2.11 14.75
C MET C 18 -1.36 2.75 13.39
N ASN C 19 -2.41 3.54 13.25
CA ASN C 19 -2.73 4.16 11.97
C ASN C 19 -2.23 5.55 11.69
N ASP C 20 -2.25 5.89 10.40
CA ASP C 20 -1.88 7.22 9.89
C ASP C 20 -3.14 7.82 9.31
N TYR C 21 -3.72 8.81 9.97
CA TYR C 21 -4.91 9.46 9.45
C TYR C 21 -4.41 10.48 8.43
N LEU C 22 -4.58 10.16 7.15
CA LEU C 22 -4.12 11.02 6.06
C LEU C 22 -5.06 12.20 5.85
N PRO C 23 -4.60 13.25 5.14
CA PRO C 23 -5.43 14.44 4.86
C PRO C 23 -6.93 14.16 4.68
N GLY C 24 -7.32 13.53 3.58
CA GLY C 24 -8.73 13.22 3.35
C GLY C 24 -9.51 12.78 4.61
N GLU C 25 -9.01 11.78 5.31
CA GLU C 25 -9.66 11.23 6.49
C GLU C 25 -9.70 12.20 7.67
N THR C 26 -8.70 13.08 7.70
CA THR C 26 -8.56 14.01 8.79
C THR C 26 -9.71 15.00 8.85
N ALA C 27 -10.17 15.45 7.69
CA ALA C 27 -11.26 16.41 7.67
C ALA C 27 -12.55 15.88 8.31
N ILE C 28 -12.89 14.62 8.08
CA ILE C 28 -14.08 14.01 8.66
C ILE C 28 -13.97 14.03 10.19
N TRP C 29 -12.79 13.68 10.67
CA TRP C 29 -12.52 13.67 12.10
C TRP C 29 -12.66 15.05 12.72
N GLN C 30 -12.06 16.06 12.07
CA GLN C 30 -12.14 17.44 12.56
C GLN C 30 -13.60 17.85 12.71
N ARG C 31 -14.39 17.59 11.68
CA ARG C 31 -15.78 17.94 11.75
C ARG C 31 -16.54 17.26 12.89
N ILE C 32 -16.43 15.92 12.97
CA ILE C 32 -17.10 15.16 14.03
C ILE C 32 -16.57 15.58 15.39
N GLU C 33 -15.25 15.71 15.49
CA GLU C 33 -14.67 16.12 16.75
C GLU C 33 -15.33 17.44 17.19
N GLY C 34 -15.55 18.33 16.22
CA GLY C 34 -16.15 19.63 16.47
C GLY C 34 -17.54 19.55 17.07
N THR C 35 -18.32 18.64 16.51
CA THR C 35 -19.66 18.45 17.00
C THR C 35 -19.61 17.94 18.42
N LEU C 36 -18.85 16.88 18.65
CA LEU C 36 -18.77 16.32 19.98
C LEU C 36 -18.39 17.37 21.02
N LYS C 37 -17.28 18.07 20.76
CA LYS C 37 -16.78 19.07 21.71
C LYS C 37 -17.82 20.15 21.98
N ASN C 38 -18.53 20.52 20.93
CA ASN C 38 -19.54 21.55 21.00
C ASN C 38 -20.69 21.14 21.93
N VAL C 39 -21.17 19.90 21.79
CA VAL C 39 -22.22 19.40 22.64
C VAL C 39 -21.68 19.40 24.08
N LEU C 40 -20.51 18.79 24.29
CA LEU C 40 -19.90 18.78 25.63
C LEU C 40 -19.89 20.18 26.24
N GLY C 41 -19.65 21.20 25.42
CA GLY C 41 -19.64 22.54 25.98
C GLY C 41 -21.04 23.00 26.38
N SER C 42 -22.05 22.58 25.62
CA SER C 42 -23.43 22.96 25.89
C SER C 42 -23.89 22.43 27.26
N TYR C 43 -23.14 21.47 27.79
CA TYR C 43 -23.44 20.93 29.11
C TYR C 43 -22.65 21.54 30.28
N GLY C 44 -21.65 22.38 29.99
CA GLY C 44 -20.86 22.99 31.07
C GLY C 44 -19.56 22.25 31.43
N TYR C 45 -19.24 21.19 30.70
CA TYR C 45 -18.04 20.42 30.97
C TYR C 45 -16.79 21.16 30.52
N SER C 46 -15.69 20.93 31.25
CA SER C 46 -14.41 21.55 30.92
C SER C 46 -13.41 20.47 30.53
N GLU C 47 -12.55 20.80 29.57
CA GLU C 47 -11.54 19.85 29.09
C GLU C 47 -10.31 19.81 30.01
N ILE C 48 -9.75 18.63 30.19
CA ILE C 48 -8.52 18.48 30.97
C ILE C 48 -7.58 17.66 30.10
N ARG C 49 -6.28 17.91 30.21
CA ARG C 49 -5.31 17.16 29.43
C ARG C 49 -4.31 16.50 30.38
N LEU C 50 -4.11 15.20 30.17
CA LEU C 50 -3.22 14.37 31.01
C LEU C 50 -2.10 13.67 30.24
N PRO C 51 -1.02 13.30 30.95
CA PRO C 51 0.14 12.62 30.36
C PRO C 51 -0.19 11.35 29.62
N ILE C 52 0.60 11.06 28.60
CA ILE C 52 0.43 9.85 27.82
C ILE C 52 1.02 8.68 28.65
N VAL C 53 2.00 8.97 29.50
CA VAL C 53 2.62 7.90 30.29
C VAL C 53 2.47 8.17 31.78
N GLU C 54 2.36 7.11 32.57
CA GLU C 54 2.22 7.22 34.03
C GLU C 54 2.98 6.06 34.69
N GLN C 55 3.23 6.16 36.00
CA GLN C 55 3.92 5.08 36.70
C GLN C 55 3.10 3.81 36.55
N THR C 56 3.71 2.67 36.32
CA THR C 56 2.91 1.47 36.13
C THR C 56 2.02 1.14 37.33
N PRO C 57 2.50 1.38 38.56
CA PRO C 57 1.63 1.08 39.71
C PRO C 57 0.23 1.69 39.57
N LEU C 58 0.17 2.91 39.05
CA LEU C 58 -1.10 3.60 38.85
C LEU C 58 -2.15 2.73 38.17
N PHE C 59 -1.75 1.97 37.16
CA PHE C 59 -2.69 1.14 36.43
C PHE C 59 -2.92 -0.21 37.10
N LYS C 60 -1.86 -0.76 37.68
CA LYS C 60 -1.97 -2.03 38.39
C LYS C 60 -3.02 -1.82 39.50
N ARG C 61 -2.79 -0.78 40.29
CA ARG C 61 -3.69 -0.41 41.39
C ARG C 61 -5.12 -0.26 40.90
N ALA C 62 -5.44 0.96 40.45
CA ALA C 62 -6.76 1.35 39.96
C ALA C 62 -7.51 0.38 39.04
N ILE C 63 -6.93 0.00 37.91
CA ILE C 63 -7.62 -0.91 37.00
C ILE C 63 -7.71 -2.35 37.54
N GLY C 64 -6.83 -2.69 38.47
CA GLY C 64 -6.81 -4.04 39.04
C GLY C 64 -5.81 -4.97 38.41
N GLU C 65 -5.00 -5.66 39.22
CA GLU C 65 -4.00 -6.58 38.69
C GLU C 65 -4.62 -7.82 38.05
N VAL C 66 -5.90 -8.05 38.33
CA VAL C 66 -6.60 -9.20 37.79
C VAL C 66 -7.09 -9.00 36.36
N THR C 67 -7.26 -7.73 35.97
CA THR C 67 -7.76 -7.37 34.65
C THR C 67 -6.83 -7.71 33.47
N ASP C 68 -7.40 -8.29 32.41
CA ASP C 68 -6.64 -8.68 31.23
C ASP C 68 -5.86 -7.51 30.65
N VAL C 69 -6.36 -6.30 30.84
CA VAL C 69 -5.67 -5.13 30.33
C VAL C 69 -4.36 -4.97 31.09
N VAL C 70 -4.40 -5.05 32.41
CA VAL C 70 -3.18 -4.90 33.22
C VAL C 70 -2.30 -6.14 33.10
N GLU C 71 -2.76 -7.13 32.34
CA GLU C 71 -1.98 -8.35 32.20
C GLU C 71 -1.32 -8.52 30.85
N LYS C 72 -2.12 -8.89 29.86
CA LYS C 72 -1.61 -9.14 28.53
C LYS C 72 -1.69 -7.95 27.59
N GLU C 73 -2.08 -6.79 28.11
CA GLU C 73 -2.28 -5.65 27.22
C GLU C 73 -1.53 -4.35 27.36
N MET C 74 -0.90 -4.11 28.50
CA MET C 74 -0.23 -2.83 28.69
C MET C 74 1.11 -2.72 28.00
N TYR C 75 1.54 -1.47 27.76
CA TYR C 75 2.83 -1.18 27.13
C TYR C 75 3.66 -0.63 28.27
N THR C 76 4.51 -1.47 28.86
CA THR C 76 5.32 -1.03 29.99
C THR C 76 6.81 -1.04 29.66
N PHE C 77 7.54 -0.08 30.23
CA PHE C 77 8.97 -0.06 30.02
C PHE C 77 9.66 0.61 31.20
N GLU C 78 10.98 0.39 31.30
CA GLU C 78 11.75 0.93 32.42
C GLU C 78 12.47 2.21 32.02
N ASP C 79 12.17 3.29 32.71
CA ASP C 79 12.84 4.55 32.40
C ASP C 79 14.30 4.41 32.84
N ARG C 80 15.16 5.32 32.40
CA ARG C 80 16.57 5.30 32.76
C ARG C 80 16.80 5.38 34.28
N ASN C 81 15.87 6.00 34.99
CA ASN C 81 15.98 6.15 36.44
C ASN C 81 15.58 4.90 37.20
N GLY C 82 15.07 3.91 36.48
CA GLY C 82 14.66 2.67 37.11
C GLY C 82 13.16 2.48 37.28
N ASP C 83 12.37 3.53 37.10
CA ASP C 83 10.91 3.41 37.26
C ASP C 83 10.21 2.72 36.11
N SER C 84 9.22 1.91 36.45
CA SER C 84 8.44 1.22 35.45
C SER C 84 7.42 2.23 34.90
N LEU C 85 7.43 2.42 33.60
CA LEU C 85 6.53 3.37 32.98
C LEU C 85 5.53 2.64 32.10
N THR C 86 4.34 3.22 31.92
CA THR C 86 3.37 2.59 31.04
C THR C 86 2.55 3.57 30.23
N LEU C 87 2.41 3.24 28.94
CA LEU C 87 1.64 4.03 27.98
C LEU C 87 0.19 3.79 28.38
N ARG C 88 -0.47 4.86 28.81
CA ARG C 88 -1.85 4.78 29.26
C ARG C 88 -2.77 3.93 28.40
N PRO C 89 -3.50 2.99 29.04
CA PRO C 89 -4.44 2.10 28.31
C PRO C 89 -5.85 2.68 28.38
N GLU C 90 -5.99 3.73 29.19
CA GLU C 90 -7.25 4.42 29.42
C GLU C 90 -6.90 5.75 30.13
N GLY C 91 -7.87 6.62 30.35
CA GLY C 91 -7.54 7.88 30.97
C GLY C 91 -8.14 8.19 32.34
N THR C 92 -9.11 7.38 32.78
CA THR C 92 -9.72 7.62 34.09
C THR C 92 -8.71 7.59 35.22
N ALA C 93 -7.91 6.53 35.27
CA ALA C 93 -6.91 6.38 36.31
C ALA C 93 -6.09 7.66 36.34
N GLY C 94 -5.62 8.05 35.16
CA GLY C 94 -4.83 9.26 35.02
C GLY C 94 -5.59 10.48 35.48
N CYS C 95 -6.87 10.58 35.14
CA CYS C 95 -7.65 11.73 35.57
C CYS C 95 -7.66 11.74 37.09
N VAL C 96 -8.00 10.60 37.69
CA VAL C 96 -8.04 10.54 39.15
C VAL C 96 -6.71 10.98 39.72
N ARG C 97 -5.65 10.34 39.25
CA ARG C 97 -4.29 10.64 39.70
C ARG C 97 -4.01 12.15 39.73
N ALA C 98 -4.40 12.85 38.67
CA ALA C 98 -4.16 14.28 38.59
C ALA C 98 -5.11 15.12 39.45
N GLY C 99 -6.28 14.55 39.74
CA GLY C 99 -7.26 15.26 40.55
C GLY C 99 -6.76 15.25 41.98
N ILE C 100 -6.38 14.06 42.44
CA ILE C 100 -5.84 13.90 43.77
C ILE C 100 -4.69 14.90 43.86
N GLU C 101 -3.70 14.72 43.00
CA GLU C 101 -2.48 15.53 42.97
C GLU C 101 -2.61 17.05 42.92
N HIS C 102 -3.61 17.58 42.23
CA HIS C 102 -3.72 19.03 42.18
C HIS C 102 -4.79 19.59 43.11
N GLY C 103 -5.56 18.69 43.71
CA GLY C 103 -6.59 19.10 44.64
C GLY C 103 -7.74 19.80 43.95
N LEU C 104 -8.46 19.03 43.14
CA LEU C 104 -9.61 19.53 42.41
C LEU C 104 -10.76 18.70 42.88
N LEU C 105 -10.45 17.69 43.69
CA LEU C 105 -11.49 16.80 44.16
C LEU C 105 -11.99 16.95 45.59
N TYR C 106 -11.16 17.49 46.48
CA TYR C 106 -11.61 17.63 47.87
C TYR C 106 -12.84 18.52 48.01
N ASN C 107 -13.99 17.88 48.20
CA ASN C 107 -15.26 18.59 48.35
C ASN C 107 -15.53 19.51 47.16
N GLN C 108 -15.17 19.07 45.96
CA GLN C 108 -15.41 19.90 44.79
C GLN C 108 -16.15 19.14 43.71
N GLU C 109 -16.89 19.87 42.88
CA GLU C 109 -17.63 19.25 41.80
C GLU C 109 -16.81 19.49 40.55
N GLN C 110 -16.58 18.45 39.77
CA GLN C 110 -15.83 18.62 38.53
C GLN C 110 -16.52 17.83 37.42
N ARG C 111 -16.74 18.50 36.28
CA ARG C 111 -17.36 17.87 35.11
C ARG C 111 -16.34 18.10 34.00
N LEU C 112 -15.66 17.01 33.68
CA LEU C 112 -14.56 17.04 32.75
C LEU C 112 -14.65 16.10 31.58
N TRP C 113 -13.95 16.47 30.51
CA TRP C 113 -13.85 15.64 29.31
C TRP C 113 -12.40 15.72 28.84
N TYR C 114 -11.98 14.70 28.10
CA TYR C 114 -10.64 14.60 27.57
C TYR C 114 -10.62 13.80 26.28
N ILE C 115 -9.72 14.17 25.39
CA ILE C 115 -9.59 13.48 24.11
C ILE C 115 -8.10 13.23 23.86
N GLY C 116 -7.76 12.07 23.34
CA GLY C 116 -6.35 11.81 23.09
C GLY C 116 -6.12 10.36 22.80
N PRO C 117 -4.87 9.96 22.55
CA PRO C 117 -4.62 8.54 22.27
C PRO C 117 -4.51 7.69 23.51
N MET C 118 -4.78 6.40 23.32
CA MET C 118 -4.72 5.39 24.38
C MET C 118 -3.99 4.19 23.81
N PHE C 119 -3.28 3.42 24.65
CA PHE C 119 -2.54 2.27 24.12
C PHE C 119 -2.86 0.92 24.77
N ARG C 120 -3.01 -0.11 23.93
CA ARG C 120 -3.30 -1.49 24.37
C ARG C 120 -2.78 -2.52 23.35
N HIS C 121 -2.08 -3.55 23.83
CA HIS C 121 -1.56 -4.57 22.94
C HIS C 121 -2.44 -5.79 22.79
N GLU C 122 -3.55 -5.59 22.07
CA GLU C 122 -4.50 -6.64 21.77
C GLU C 122 -4.18 -7.03 20.34
N ARG C 123 -5.01 -7.88 19.73
CA ARG C 123 -4.79 -8.27 18.35
C ARG C 123 -5.56 -7.30 17.48
N PRO C 124 -4.88 -6.62 16.55
CA PRO C 124 -5.57 -5.66 15.67
C PRO C 124 -6.76 -6.27 14.93
N GLN C 125 -7.92 -5.67 15.12
CA GLN C 125 -9.16 -6.12 14.47
C GLN C 125 -9.65 -4.92 13.65
N LYS C 126 -10.89 -4.99 13.15
CA LYS C 126 -11.44 -3.88 12.36
C LYS C 126 -11.79 -2.74 13.31
N GLY C 127 -12.17 -3.10 14.53
CA GLY C 127 -12.52 -2.08 15.50
C GLY C 127 -11.52 -1.99 16.64
N ARG C 128 -10.47 -2.81 16.57
CA ARG C 128 -9.43 -2.79 17.61
C ARG C 128 -8.10 -2.39 17.02
N TYR C 129 -7.45 -1.45 17.69
CA TYR C 129 -6.17 -0.93 17.25
C TYR C 129 -5.27 -0.82 18.47
N ARG C 130 -3.95 -0.90 18.25
CA ARG C 130 -2.99 -0.83 19.36
C ARG C 130 -2.85 0.62 19.85
N GLN C 131 -2.96 1.57 18.93
CA GLN C 131 -3.01 2.96 19.34
C GLN C 131 -4.40 3.36 18.85
N PHE C 132 -5.27 3.70 19.78
CA PHE C 132 -6.62 4.09 19.40
C PHE C 132 -6.93 5.37 20.14
N HIS C 133 -8.04 6.01 19.79
CA HIS C 133 -8.37 7.25 20.46
C HIS C 133 -9.70 7.32 21.19
N GLN C 134 -9.68 8.02 22.32
CA GLN C 134 -10.86 8.16 23.13
C GLN C 134 -11.27 9.58 23.44
N LEU C 135 -12.54 9.72 23.72
CA LEU C 135 -13.14 10.96 24.11
C LEU C 135 -13.77 10.50 25.41
N GLY C 136 -13.26 10.97 26.53
CA GLY C 136 -13.83 10.52 27.80
C GLY C 136 -14.41 11.59 28.68
N CYS C 137 -15.45 11.21 29.43
CA CYS C 137 -16.10 12.14 30.34
C CYS C 137 -15.96 11.58 31.74
N GLU C 138 -15.69 12.46 32.70
CA GLU C 138 -15.54 12.04 34.09
C GLU C 138 -16.14 13.11 34.98
N VAL C 139 -16.96 12.69 35.94
CA VAL C 139 -17.60 13.62 36.86
C VAL C 139 -17.34 13.21 38.30
N PHE C 140 -16.88 14.17 39.10
CA PHE C 140 -16.55 13.93 40.50
C PHE C 140 -17.34 14.83 41.45
N GLY C 141 -17.98 14.21 42.44
CA GLY C 141 -18.72 14.97 43.43
C GLY C 141 -20.23 14.76 43.47
N LEU C 142 -20.77 14.10 42.46
CA LEU C 142 -22.20 13.88 42.42
C LEU C 142 -22.40 12.39 42.55
N GLN C 143 -23.23 12.03 43.52
CA GLN C 143 -23.52 10.65 43.88
C GLN C 143 -24.80 10.08 43.31
N GLY C 144 -25.86 10.87 43.40
CA GLY C 144 -27.18 10.46 42.95
C GLY C 144 -27.19 9.92 41.56
N PRO C 145 -28.30 9.31 41.13
CA PRO C 145 -28.39 8.75 39.76
C PRO C 145 -28.68 9.88 38.77
N ASP C 146 -28.97 11.06 39.29
CA ASP C 146 -29.28 12.19 38.44
C ASP C 146 -28.16 12.43 37.43
N ILE C 147 -26.93 12.56 37.93
CA ILE C 147 -25.78 12.78 37.06
C ILE C 147 -25.55 11.58 36.14
N ASP C 148 -25.90 10.40 36.59
CA ASP C 148 -25.72 9.22 35.74
C ASP C 148 -26.61 9.40 34.52
N ALA C 149 -27.74 10.06 34.72
CA ALA C 149 -28.70 10.30 33.65
C ALA C 149 -28.15 11.37 32.71
N GLU C 150 -27.66 12.46 33.28
CA GLU C 150 -27.10 13.53 32.47
C GLU C 150 -26.01 13.01 31.50
N LEU C 151 -25.13 12.13 31.97
CA LEU C 151 -24.09 11.60 31.10
C LEU C 151 -24.67 10.77 29.96
N ILE C 152 -25.69 9.96 30.24
CA ILE C 152 -26.29 9.15 29.20
C ILE C 152 -27.10 10.04 28.26
N MET C 153 -27.62 11.15 28.77
CA MET C 153 -28.37 12.09 27.94
C MET C 153 -27.38 12.82 27.03
N LEU C 154 -26.24 13.20 27.60
CA LEU C 154 -25.20 13.90 26.86
C LEU C 154 -24.78 13.01 25.71
N THR C 155 -24.58 11.74 25.98
CA THR C 155 -24.20 10.82 24.90
C THR C 155 -25.32 10.78 23.86
N ALA C 156 -26.57 10.85 24.32
CA ALA C 156 -27.72 10.81 23.41
C ALA C 156 -27.67 11.96 22.41
N ARG C 157 -27.28 13.12 22.90
CA ARG C 157 -27.21 14.30 22.05
C ARG C 157 -26.17 14.09 20.97
N TRP C 158 -25.10 13.34 21.28
CA TRP C 158 -24.09 13.08 20.26
C TRP C 158 -24.72 12.33 19.11
N TRP C 159 -25.35 11.18 19.39
CA TRP C 159 -26.00 10.39 18.34
C TRP C 159 -26.93 11.26 17.46
N ARG C 160 -27.73 12.12 18.08
CA ARG C 160 -28.61 13.02 17.32
C ARG C 160 -27.71 13.85 16.44
N ALA C 161 -26.92 14.72 17.09
CA ALA C 161 -26.02 15.62 16.39
C ALA C 161 -25.24 14.97 15.25
N LEU C 162 -24.86 13.71 15.43
CA LEU C 162 -24.09 13.02 14.41
C LEU C 162 -24.98 12.28 13.43
N GLY C 163 -26.24 12.07 13.83
CA GLY C 163 -27.21 11.39 12.99
C GLY C 163 -27.13 9.88 12.93
N ILE C 164 -26.89 9.26 14.08
CA ILE C 164 -26.81 7.81 14.14
C ILE C 164 -27.62 7.29 15.30
N SER C 165 -28.56 8.09 15.80
CA SER C 165 -29.39 7.67 16.93
C SER C 165 -29.98 6.27 16.71
N GLU C 166 -30.21 5.93 15.45
CA GLU C 166 -30.82 4.65 15.08
C GLU C 166 -29.90 3.44 14.96
N HIS C 167 -28.59 3.65 15.16
CA HIS C 167 -27.64 2.55 15.04
C HIS C 167 -26.79 2.46 16.29
N VAL C 168 -27.40 2.82 17.39
CA VAL C 168 -26.73 2.82 18.67
C VAL C 168 -27.78 2.50 19.70
N THR C 169 -27.49 1.51 20.53
CA THR C 169 -28.44 1.11 21.55
C THR C 169 -27.75 0.99 22.89
N LEU C 170 -28.44 1.45 23.93
CA LEU C 170 -27.94 1.45 25.29
C LEU C 170 -28.22 0.16 26.08
N GLU C 171 -27.44 -0.06 27.14
CA GLU C 171 -27.57 -1.22 28.01
C GLU C 171 -27.13 -0.83 29.42
N LEU C 172 -27.99 -1.05 30.39
CA LEU C 172 -27.65 -0.67 31.75
C LEU C 172 -27.41 -1.81 32.72
N ASN C 173 -26.96 -1.44 33.92
CA ASN C 173 -26.71 -2.37 35.01
C ASN C 173 -26.08 -1.73 36.24
N SER C 174 -26.41 -2.28 37.40
CA SER C 174 -25.89 -1.81 38.67
C SER C 174 -25.24 -3.02 39.33
N ILE C 175 -23.94 -2.96 39.56
CA ILE C 175 -23.24 -4.09 40.16
C ILE C 175 -22.98 -3.93 41.65
N GLY C 176 -23.96 -3.39 42.36
CA GLY C 176 -23.86 -3.21 43.79
C GLY C 176 -22.55 -2.68 44.36
N SER C 177 -22.18 -3.20 45.53
CA SER C 177 -20.96 -2.77 46.19
C SER C 177 -20.08 -3.93 46.66
N LEU C 178 -19.02 -3.59 47.40
CA LEU C 178 -18.08 -4.59 47.92
C LEU C 178 -18.80 -5.87 48.27
N GLU C 179 -19.60 -5.84 49.33
CA GLU C 179 -20.34 -7.01 49.77
C GLU C 179 -21.26 -7.55 48.70
N ALA C 180 -22.19 -6.73 48.23
CA ALA C 180 -23.13 -7.17 47.21
C ALA C 180 -22.42 -8.00 46.15
N ARG C 181 -21.28 -7.49 45.70
CA ARG C 181 -20.48 -8.15 44.68
C ARG C 181 -19.89 -9.44 45.24
N ALA C 182 -19.43 -9.38 46.49
CA ALA C 182 -18.86 -10.54 47.16
C ALA C 182 -19.90 -11.64 47.31
N ASN C 183 -20.81 -11.43 48.27
CA ASN C 183 -21.87 -12.38 48.59
C ASN C 183 -22.61 -12.92 47.38
N TYR C 184 -22.22 -12.50 46.18
CA TYR C 184 -22.84 -12.98 44.96
C TYR C 184 -22.09 -14.17 44.38
N ARG C 185 -20.77 -14.18 44.53
CA ARG C 185 -19.97 -15.29 44.00
C ARG C 185 -20.51 -16.64 44.46
N ASP C 186 -21.16 -16.63 45.63
CA ASP C 186 -21.74 -17.83 46.23
C ASP C 186 -23.08 -18.22 45.61
N ALA C 187 -23.18 -18.14 44.28
CA ALA C 187 -24.41 -18.47 43.56
C ALA C 187 -24.33 -17.96 42.12
N GLY C 233 -26.98 -10.56 39.65
CA GLY C 233 -26.60 -9.52 40.60
C GLY C 233 -27.72 -9.25 41.59
N ASP C 234 -28.53 -10.26 41.80
CA ASP C 234 -29.67 -10.18 42.71
C ASP C 234 -29.32 -9.94 44.17
N TYR C 235 -28.06 -9.60 44.45
CA TYR C 235 -27.62 -9.36 45.83
C TYR C 235 -27.33 -7.88 46.07
N LEU C 236 -27.75 -7.03 45.14
CA LEU C 236 -27.50 -5.61 45.25
C LEU C 236 -28.04 -5.05 46.56
N ASP C 237 -27.21 -4.32 47.30
CA ASP C 237 -27.68 -3.73 48.54
C ASP C 237 -28.88 -2.85 48.19
N GLU C 238 -29.84 -2.73 49.11
CA GLU C 238 -31.01 -1.93 48.84
C GLU C 238 -30.69 -0.61 48.15
N GLU C 239 -29.85 0.21 48.78
CA GLU C 239 -29.47 1.49 48.22
C GLU C 239 -29.15 1.42 46.73
N SER C 240 -28.37 0.40 46.35
CA SER C 240 -28.00 0.24 44.96
C SER C 240 -29.23 -0.03 44.10
N ARG C 241 -30.17 -0.81 44.62
CA ARG C 241 -31.39 -1.11 43.89
C ARG C 241 -32.14 0.20 43.66
N GLU C 242 -32.16 1.03 44.72
CA GLU C 242 -32.82 2.33 44.69
C GLU C 242 -32.12 3.30 43.74
N HIS C 243 -30.79 3.23 43.71
CA HIS C 243 -29.99 4.08 42.83
C HIS C 243 -30.24 3.68 41.38
N PHE C 244 -30.22 2.38 41.11
CA PHE C 244 -30.46 1.87 39.76
C PHE C 244 -31.93 1.97 39.38
N ALA C 245 -32.74 2.32 40.38
CA ALA C 245 -34.17 2.50 40.19
C ALA C 245 -34.35 3.91 39.67
N GLY C 246 -33.84 4.87 40.45
CA GLY C 246 -33.92 6.28 40.12
C GLY C 246 -33.35 6.64 38.76
N LEU C 247 -32.27 5.95 38.38
CA LEU C 247 -31.65 6.18 37.08
C LEU C 247 -32.57 5.64 35.99
N CYS C 248 -32.94 4.36 36.13
CA CYS C 248 -33.82 3.72 35.16
C CYS C 248 -35.05 4.56 34.87
N LYS C 249 -35.59 5.22 35.89
CA LYS C 249 -36.76 6.04 35.68
C LYS C 249 -36.34 7.31 34.95
N LEU C 250 -35.41 8.07 35.52
CA LEU C 250 -34.94 9.31 34.89
C LEU C 250 -34.70 9.10 33.39
N LEU C 251 -34.38 7.88 33.00
CA LEU C 251 -34.14 7.56 31.60
C LEU C 251 -35.41 7.41 30.77
N GLU C 252 -36.43 6.78 31.37
CA GLU C 252 -37.71 6.58 30.67
C GLU C 252 -38.41 7.93 30.59
N SER C 253 -38.24 8.74 31.63
CA SER C 253 -38.83 10.07 31.70
C SER C 253 -38.18 10.98 30.68
N ALA C 254 -37.00 10.59 30.22
CA ALA C 254 -36.28 11.38 29.23
C ALA C 254 -36.50 10.72 27.89
N GLY C 255 -37.28 9.65 27.91
CA GLY C 255 -37.58 8.95 26.69
C GLY C 255 -36.38 8.32 26.05
N ILE C 256 -35.48 7.80 26.87
CA ILE C 256 -34.29 7.13 26.35
C ILE C 256 -34.53 5.62 26.42
N ALA C 257 -34.32 4.94 25.30
CA ALA C 257 -34.55 3.50 25.23
C ALA C 257 -33.42 2.66 25.78
N TYR C 258 -33.57 2.23 27.04
CA TYR C 258 -32.55 1.43 27.70
C TYR C 258 -32.92 -0.04 27.83
N THR C 259 -31.91 -0.89 27.76
CA THR C 259 -32.07 -2.34 27.87
C THR C 259 -31.19 -2.85 29.01
N VAL C 260 -31.81 -3.45 30.02
CA VAL C 260 -31.04 -3.95 31.14
C VAL C 260 -30.29 -5.22 30.73
N ASN C 261 -29.22 -5.53 31.46
CA ASN C 261 -28.40 -6.71 31.18
C ASN C 261 -27.54 -7.03 32.39
N GLN C 262 -27.81 -8.16 33.04
CA GLN C 262 -27.06 -8.59 34.21
C GLN C 262 -25.79 -9.34 33.82
N ARG C 263 -25.67 -9.61 32.54
CA ARG C 263 -24.52 -10.31 31.99
C ARG C 263 -23.49 -9.26 31.55
N LEU C 264 -23.65 -8.04 32.04
CA LEU C 264 -22.78 -6.92 31.68
C LEU C 264 -21.61 -6.78 32.65
N VAL C 265 -20.40 -7.00 32.15
CA VAL C 265 -19.19 -6.89 32.97
C VAL C 265 -18.08 -6.10 32.26
N ARG C 266 -17.48 -5.15 33.00
CA ARG C 266 -16.42 -4.32 32.46
C ARG C 266 -15.04 -4.81 32.88
N GLY C 267 -14.16 -4.94 31.89
CA GLY C 267 -12.82 -5.42 32.15
C GLY C 267 -11.98 -4.49 33.00
N LEU C 268 -12.62 -3.82 33.95
CA LEU C 268 -11.92 -2.90 34.84
C LEU C 268 -12.44 -3.08 36.26
N ASP C 269 -11.55 -2.98 37.25
CA ASP C 269 -11.93 -3.15 38.65
C ASP C 269 -12.06 -1.87 39.49
N TYR C 270 -12.92 -0.96 39.08
CA TYR C 270 -13.14 0.23 39.88
C TYR C 270 -14.59 0.68 39.82
N TYR C 271 -15.37 0.03 38.95
CA TYR C 271 -16.79 0.35 38.81
C TYR C 271 -17.60 -0.20 39.98
N ASN C 272 -18.46 0.63 40.58
CA ASN C 272 -19.29 0.15 41.69
C ASN C 272 -20.78 0.04 41.34
N ARG C 273 -21.52 1.14 41.30
CA ARG C 273 -22.95 1.01 41.00
C ARG C 273 -23.31 0.91 39.53
N THR C 274 -23.54 2.05 38.88
CA THR C 274 -23.92 2.07 37.47
C THR C 274 -22.87 1.50 36.53
N VAL C 275 -23.33 0.91 35.44
CA VAL C 275 -22.43 0.34 34.45
C VAL C 275 -23.17 0.22 33.12
N PHE C 276 -22.60 0.80 32.05
CA PHE C 276 -23.26 0.76 30.74
C PHE C 276 -22.38 0.67 29.53
N GLU C 277 -23.01 0.29 28.44
CA GLU C 277 -22.35 0.16 27.16
C GLU C 277 -23.30 0.63 26.08
N TRP C 278 -22.79 1.42 25.15
CA TRP C 278 -23.57 1.89 24.00
C TRP C 278 -23.05 0.97 22.92
N VAL C 279 -23.91 0.08 22.44
CA VAL C 279 -23.54 -0.91 21.45
C VAL C 279 -24.03 -0.65 20.03
N THR C 280 -23.23 -1.02 19.06
CA THR C 280 -23.60 -0.82 17.67
C THR C 280 -24.18 -2.10 17.08
N ASN C 281 -25.06 -1.91 16.10
CA ASN C 281 -25.71 -3.03 15.42
C ASN C 281 -24.78 -3.63 14.36
N GLY C 287 -17.45 -3.70 18.61
CA GLY C 287 -18.86 -3.84 18.92
C GLY C 287 -19.47 -2.68 19.70
N THR C 288 -18.81 -2.28 20.79
CA THR C 288 -19.31 -1.17 21.59
C THR C 288 -18.62 0.15 21.18
N VAL C 289 -19.35 1.25 21.31
CA VAL C 289 -18.84 2.58 20.93
C VAL C 289 -18.56 3.46 22.14
N CYS C 290 -19.29 3.23 23.21
CA CYS C 290 -19.10 4.03 24.41
C CYS C 290 -19.42 3.13 25.59
N ALA C 291 -18.67 3.30 26.67
CA ALA C 291 -18.85 2.50 27.88
C ALA C 291 -18.32 3.26 29.10
N GLY C 292 -18.83 2.94 30.28
CA GLY C 292 -18.41 3.60 31.51
C GLY C 292 -19.14 3.09 32.74
N GLY C 293 -19.17 3.87 33.80
CA GLY C 293 -19.85 3.46 35.01
C GLY C 293 -19.43 4.32 36.18
N ARG C 294 -19.89 3.95 37.37
CA ARG C 294 -19.52 4.69 38.58
C ARG C 294 -18.24 4.07 39.12
N TYR C 295 -17.52 4.86 39.92
CA TYR C 295 -16.29 4.40 40.56
C TYR C 295 -16.11 5.31 41.76
N ASP C 296 -17.03 5.21 42.70
CA ASP C 296 -17.02 6.03 43.90
C ASP C 296 -15.84 5.72 44.82
N GLY C 297 -15.29 4.52 44.66
CA GLY C 297 -14.17 4.13 45.50
C GLY C 297 -12.82 4.58 44.99
N LEU C 298 -12.53 4.27 43.73
CA LEU C 298 -11.26 4.59 43.09
C LEU C 298 -10.55 5.88 43.52
N VAL C 299 -11.28 6.92 43.88
CA VAL C 299 -10.63 8.16 44.29
C VAL C 299 -9.86 7.94 45.59
N GLU C 300 -10.46 7.15 46.48
CA GLU C 300 -9.85 6.83 47.77
C GLU C 300 -8.79 5.76 47.51
N GLN C 301 -9.19 4.70 46.80
CA GLN C 301 -8.31 3.59 46.46
C GLN C 301 -6.97 4.05 45.93
N LEU C 302 -6.85 5.34 45.61
CA LEU C 302 -5.62 5.92 45.06
C LEU C 302 -5.01 7.02 45.92
N GLY C 303 -5.47 7.15 47.17
CA GLY C 303 -4.88 8.13 48.04
C GLY C 303 -5.48 9.52 48.13
N GLY C 304 -6.74 9.64 47.73
CA GLY C 304 -7.39 10.94 47.82
C GLY C 304 -8.63 10.77 48.67
N ARG C 305 -9.13 11.86 49.24
CA ARG C 305 -10.35 11.81 50.06
C ARG C 305 -11.46 11.23 49.23
N ALA C 306 -12.13 10.20 49.74
CA ALA C 306 -13.22 9.57 49.00
C ALA C 306 -14.29 10.56 48.56
N THR C 307 -14.71 10.41 47.31
CA THR C 307 -15.71 11.29 46.72
C THR C 307 -16.39 10.45 45.63
N PRO C 308 -17.65 10.76 45.33
CA PRO C 308 -18.30 9.94 44.29
C PRO C 308 -17.82 10.33 42.90
N ALA C 309 -17.94 9.41 41.94
CA ALA C 309 -17.52 9.69 40.57
C ALA C 309 -18.16 8.78 39.53
N VAL C 310 -18.54 9.36 38.39
CA VAL C 310 -19.13 8.62 37.27
C VAL C 310 -18.47 9.07 35.99
N GLY C 311 -18.45 8.20 34.98
CA GLY C 311 -17.85 8.57 33.71
C GLY C 311 -17.93 7.53 32.61
N PHE C 312 -17.34 7.84 31.46
CA PHE C 312 -17.35 6.93 30.32
C PHE C 312 -16.36 7.39 29.26
N ALA C 313 -16.11 6.54 28.27
CA ALA C 313 -15.19 6.85 27.18
C ALA C 313 -15.68 6.22 25.89
N MET C 314 -15.64 7.00 24.83
CA MET C 314 -16.06 6.54 23.52
C MET C 314 -14.83 6.27 22.68
N GLY C 315 -14.92 5.31 21.78
CA GLY C 315 -13.82 4.96 20.89
C GLY C 315 -13.97 5.76 19.60
N LEU C 316 -13.29 6.90 19.51
CA LEU C 316 -13.39 7.74 18.33
C LEU C 316 -13.24 7.03 16.99
N GLU C 317 -12.42 6.00 16.89
CA GLU C 317 -12.28 5.33 15.58
C GLU C 317 -13.58 4.66 15.16
N ARG C 318 -14.27 4.08 16.15
CA ARG C 318 -15.52 3.42 15.90
C ARG C 318 -16.62 4.43 15.57
N LEU C 319 -16.79 5.44 16.43
CA LEU C 319 -17.76 6.48 16.17
C LEU C 319 -17.63 6.95 14.74
N VAL C 320 -16.42 7.29 14.32
CA VAL C 320 -16.19 7.78 12.98
C VAL C 320 -16.62 6.80 11.88
N LEU C 321 -16.32 5.52 12.06
CA LEU C 321 -16.70 4.51 11.08
C LEU C 321 -18.23 4.44 10.96
N LEU C 322 -18.88 4.34 12.11
CA LEU C 322 -20.33 4.28 12.16
C LEU C 322 -20.91 5.50 11.44
N VAL C 323 -20.49 6.69 11.83
CA VAL C 323 -20.97 7.90 11.20
C VAL C 323 -20.73 7.88 9.69
N GLN C 324 -19.65 7.25 9.24
CA GLN C 324 -19.39 7.21 7.81
C GLN C 324 -20.22 6.11 7.12
N ALA C 325 -20.73 5.17 7.91
CA ALA C 325 -21.54 4.07 7.37
C ALA C 325 -23.01 4.47 7.29
N VAL C 326 -23.49 5.08 8.35
CA VAL C 326 -24.86 5.53 8.45
C VAL C 326 -25.13 6.76 7.57
N ASN C 327 -24.11 7.60 7.41
CA ASN C 327 -24.22 8.82 6.61
C ASN C 327 -23.18 8.79 5.52
N PRO C 328 -23.22 7.77 4.65
CA PRO C 328 -22.24 7.63 3.56
C PRO C 328 -22.05 8.89 2.75
N GLU C 329 -22.79 9.92 3.10
CA GLU C 329 -22.68 11.19 2.40
C GLU C 329 -21.90 12.21 3.23
N PHE C 330 -21.96 12.08 4.56
CA PHE C 330 -21.26 12.96 5.50
C PHE C 330 -19.94 13.34 4.85
N LYS C 331 -19.84 14.61 4.49
CA LYS C 331 -18.66 15.15 3.82
C LYS C 331 -18.13 16.31 4.63
N ALA C 332 -16.86 16.66 4.40
CA ALA C 332 -16.26 17.79 5.11
C ALA C 332 -15.96 18.90 4.10
N ASP C 333 -15.76 20.10 4.60
CA ASP C 333 -15.48 21.25 3.75
C ASP C 333 -14.21 21.07 2.95
N PRO C 334 -14.16 21.63 1.72
CA PRO C 334 -12.96 21.50 0.91
C PRO C 334 -11.83 22.07 1.74
N VAL C 335 -10.60 21.74 1.40
CA VAL C 335 -9.49 22.27 2.16
C VAL C 335 -9.10 23.61 1.54
N VAL C 336 -9.68 23.89 0.37
CA VAL C 336 -9.39 25.13 -0.33
C VAL C 336 -10.60 25.78 -0.98
N ASP C 337 -10.79 27.07 -0.72
CA ASP C 337 -11.89 27.81 -1.33
C ASP C 337 -11.41 28.60 -2.54
N ILE C 338 -10.27 29.25 -2.37
CA ILE C 338 -9.69 30.08 -3.41
C ILE C 338 -8.28 29.69 -3.69
N TYR C 339 -8.00 29.43 -4.96
CA TYR C 339 -6.64 29.08 -5.37
C TYR C 339 -6.09 30.28 -6.11
N LEU C 340 -5.00 30.85 -5.63
CA LEU C 340 -4.44 32.00 -6.31
C LEU C 340 -3.46 31.60 -7.42
N VAL C 341 -3.92 31.74 -8.66
CA VAL C 341 -3.14 31.42 -9.84
C VAL C 341 -2.29 32.60 -10.26
N ALA C 342 -1.05 32.34 -10.66
CA ALA C 342 -0.18 33.41 -11.09
C ALA C 342 1.00 32.91 -11.91
N SER C 343 1.56 33.79 -12.73
CA SER C 343 2.70 33.45 -13.56
C SER C 343 3.22 34.70 -14.25
N GLY C 344 4.39 34.59 -14.87
CA GLY C 344 4.96 35.74 -15.51
C GLY C 344 6.22 36.22 -14.80
N ALA C 345 6.56 37.48 -15.03
CA ALA C 345 7.76 38.06 -14.44
C ALA C 345 7.56 38.62 -13.04
N ASP C 346 8.17 37.95 -12.06
CA ASP C 346 8.10 38.36 -10.66
C ASP C 346 6.72 38.57 -10.06
N THR C 347 5.76 37.78 -10.51
CA THR C 347 4.42 37.86 -9.99
C THR C 347 4.47 37.31 -8.56
N GLN C 348 5.54 36.55 -8.27
CA GLN C 348 5.75 35.94 -6.96
C GLN C 348 5.42 36.87 -5.80
N SER C 349 6.34 37.76 -5.48
CA SER C 349 6.13 38.69 -4.36
C SER C 349 4.82 39.47 -4.46
N ALA C 350 4.24 39.52 -5.66
CA ALA C 350 2.97 40.23 -5.86
C ALA C 350 1.79 39.37 -5.42
N ALA C 351 1.73 38.16 -5.99
CA ALA C 351 0.67 37.21 -5.68
C ALA C 351 0.61 36.89 -4.19
N MET C 352 1.77 36.62 -3.60
CA MET C 352 1.85 36.32 -2.18
C MET C 352 1.34 37.52 -1.36
N ALA C 353 1.61 38.71 -1.86
CA ALA C 353 1.17 39.93 -1.18
C ALA C 353 -0.36 40.03 -1.29
N LEU C 354 -0.89 39.80 -2.48
CA LEU C 354 -2.32 39.86 -2.68
C LEU C 354 -2.96 38.81 -1.77
N ALA C 355 -2.34 37.64 -1.72
CA ALA C 355 -2.82 36.55 -0.90
C ALA C 355 -2.95 36.99 0.55
N GLU C 356 -1.88 37.59 1.10
CA GLU C 356 -1.95 38.06 2.48
C GLU C 356 -3.05 39.13 2.60
N ARG C 357 -3.04 40.08 1.66
CA ARG C 357 -4.04 41.15 1.65
C ARG C 357 -5.43 40.55 1.80
N LEU C 358 -5.78 39.64 0.90
CA LEU C 358 -7.07 38.95 0.93
C LEU C 358 -7.26 38.14 2.24
N ARG C 359 -6.19 37.55 2.77
CA ARG C 359 -6.34 36.80 4.02
C ARG C 359 -6.85 37.76 5.09
N ASP C 360 -6.17 38.90 5.22
CA ASP C 360 -6.59 39.91 6.19
C ASP C 360 -8.09 40.22 6.03
N GLU C 361 -8.52 40.55 4.81
CA GLU C 361 -9.92 40.88 4.56
C GLU C 361 -10.87 39.69 4.53
N LEU C 362 -10.31 38.49 4.44
CA LEU C 362 -11.16 37.32 4.37
C LEU C 362 -10.78 36.21 5.32
N PRO C 363 -10.88 36.47 6.62
CA PRO C 363 -10.53 35.36 7.50
C PRO C 363 -11.74 34.44 7.33
N GLY C 364 -11.51 33.13 7.37
CA GLY C 364 -12.61 32.21 7.17
C GLY C 364 -12.54 31.55 5.80
N VAL C 365 -11.98 32.25 4.81
CA VAL C 365 -11.83 31.67 3.49
C VAL C 365 -10.45 31.03 3.49
N LYS C 366 -10.38 29.83 2.93
CA LYS C 366 -9.12 29.11 2.86
C LYS C 366 -8.52 29.44 1.52
N LEU C 367 -7.38 30.10 1.53
CA LEU C 367 -6.79 30.51 0.27
C LEU C 367 -5.39 29.95 0.07
N MET C 368 -5.24 29.10 -0.94
CA MET C 368 -3.93 28.53 -1.21
C MET C 368 -3.28 29.24 -2.38
N THR C 369 -2.06 29.68 -2.16
CA THR C 369 -1.33 30.39 -3.20
C THR C 369 -0.54 29.39 -4.00
N ASN C 370 -0.75 29.37 -5.31
CA ASN C 370 0.01 28.43 -6.12
C ASN C 370 1.51 28.71 -6.06
N HIS C 371 2.32 27.66 -6.05
CA HIS C 371 3.77 27.83 -6.00
C HIS C 371 4.53 26.97 -6.99
N GLY C 372 5.77 27.35 -7.25
CA GLY C 372 6.61 26.60 -8.18
C GLY C 372 6.15 26.67 -9.63
N GLY C 373 5.66 27.83 -10.04
CA GLY C 373 5.21 28.04 -11.41
C GLY C 373 4.17 27.08 -11.96
N GLY C 374 4.33 26.74 -13.24
CA GLY C 374 3.41 25.86 -13.91
C GLY C 374 2.53 26.69 -14.83
N ASN C 375 2.13 26.13 -15.97
CA ASN C 375 1.28 26.87 -16.90
C ASN C 375 -0.11 27.00 -16.29
N PHE C 376 -0.91 27.93 -16.82
CA PHE C 376 -2.26 28.15 -16.31
C PHE C 376 -3.08 26.86 -16.29
N LYS C 377 -2.89 26.03 -17.29
CA LYS C 377 -3.62 24.77 -17.38
C LYS C 377 -3.38 23.96 -16.09
N LYS C 378 -2.11 23.85 -15.69
CA LYS C 378 -1.74 23.11 -14.48
C LYS C 378 -2.26 23.72 -13.19
N GLN C 379 -2.07 25.03 -13.03
CA GLN C 379 -2.54 25.71 -11.84
C GLN C 379 -4.03 25.53 -11.67
N PHE C 380 -4.77 25.56 -12.78
CA PHE C 380 -6.22 25.39 -12.69
C PHE C 380 -6.60 23.98 -12.30
N ALA C 381 -5.76 23.02 -12.69
CA ALA C 381 -5.99 21.62 -12.35
C ALA C 381 -5.70 21.46 -10.85
N ARG C 382 -4.62 22.09 -10.38
CA ARG C 382 -4.24 22.06 -8.97
C ARG C 382 -5.44 22.60 -8.17
N ALA C 383 -5.87 23.79 -8.57
CA ALA C 383 -7.00 24.43 -7.92
C ALA C 383 -8.18 23.43 -7.89
N ASP C 384 -8.37 22.71 -8.97
CA ASP C 384 -9.46 21.76 -9.08
C ASP C 384 -9.25 20.61 -8.10
N LYS C 385 -8.01 20.14 -8.03
CA LYS C 385 -7.65 19.06 -7.14
C LYS C 385 -7.90 19.43 -5.67
N TRP C 386 -7.63 20.68 -5.30
CA TRP C 386 -7.84 21.08 -3.90
C TRP C 386 -9.30 21.30 -3.54
N GLY C 387 -10.17 21.30 -4.54
CA GLY C 387 -11.59 21.53 -4.28
C GLY C 387 -11.97 22.99 -4.33
N ALA C 388 -11.06 23.82 -4.85
CA ALA C 388 -11.26 25.26 -4.94
C ALA C 388 -12.46 25.67 -5.77
N ARG C 389 -13.35 26.47 -5.20
CA ARG C 389 -14.53 26.94 -5.92
C ARG C 389 -14.21 28.14 -6.85
N VAL C 390 -13.16 28.88 -6.53
CA VAL C 390 -12.77 30.06 -7.29
C VAL C 390 -11.26 30.21 -7.42
N ALA C 391 -10.83 30.88 -8.47
CA ALA C 391 -9.41 31.11 -8.67
C ALA C 391 -9.22 32.62 -8.85
N VAL C 392 -8.20 33.22 -8.23
CA VAL C 392 -7.95 34.64 -8.47
C VAL C 392 -6.65 34.56 -9.28
N VAL C 393 -6.69 35.06 -10.51
CA VAL C 393 -5.53 35.01 -11.38
C VAL C 393 -4.78 36.34 -11.43
N LEU C 394 -3.46 36.26 -11.43
CA LEU C 394 -2.61 37.43 -11.47
C LEU C 394 -1.52 37.19 -12.51
N GLY C 395 -1.69 37.82 -13.66
CA GLY C 395 -0.70 37.69 -14.73
C GLY C 395 0.08 38.98 -14.76
N GLU C 396 0.95 39.14 -15.74
CA GLU C 396 1.71 40.38 -15.83
C GLU C 396 0.73 41.55 -15.88
N SER C 397 -0.24 41.42 -16.79
CA SER C 397 -1.27 42.43 -17.01
C SER C 397 -1.83 42.92 -15.69
N GLU C 398 -2.79 42.15 -15.17
CA GLU C 398 -3.49 42.42 -13.91
C GLU C 398 -2.66 43.22 -12.92
N VAL C 399 -1.41 42.80 -12.78
CA VAL C 399 -0.47 43.42 -11.86
C VAL C 399 -0.26 44.88 -12.24
N ALA C 400 0.04 45.10 -13.50
CA ALA C 400 0.26 46.45 -14.03
C ALA C 400 -1.01 47.29 -13.91
N ASN C 401 -2.14 46.67 -14.26
CA ASN C 401 -3.45 47.31 -14.22
C ASN C 401 -4.10 47.40 -12.84
N GLY C 402 -3.39 46.98 -11.81
CA GLY C 402 -3.93 47.02 -10.45
C GLY C 402 -5.18 46.18 -10.32
N THR C 403 -5.37 45.24 -11.22
CA THR C 403 -6.52 44.36 -11.18
C THR C 403 -6.14 42.94 -10.77
N ALA C 404 -7.02 42.00 -11.11
CA ALA C 404 -6.85 40.58 -10.81
C ALA C 404 -8.07 39.91 -11.40
N VAL C 405 -7.89 38.74 -12.02
CA VAL C 405 -9.02 38.04 -12.62
C VAL C 405 -9.67 37.03 -11.67
N VAL C 406 -10.99 37.07 -11.57
CA VAL C 406 -11.71 36.17 -10.69
C VAL C 406 -12.57 35.16 -11.44
N LYS C 407 -12.06 33.93 -11.55
CA LYS C 407 -12.74 32.84 -12.25
C LYS C 407 -13.54 31.95 -11.32
N ASP C 408 -14.83 31.81 -11.59
CA ASP C 408 -15.70 30.95 -10.81
C ASP C 408 -15.55 29.56 -11.42
N LEU C 409 -14.64 28.78 -10.89
CA LEU C 409 -14.38 27.46 -11.44
C LEU C 409 -15.64 26.62 -11.66
N ARG C 410 -16.68 26.86 -10.88
CA ARG C 410 -17.91 26.11 -11.02
C ARG C 410 -18.66 26.48 -12.32
N SER C 411 -18.82 27.78 -12.54
CA SER C 411 -19.54 28.30 -13.70
C SER C 411 -18.65 28.69 -14.88
N GLY C 412 -17.34 28.68 -14.67
CA GLY C 412 -16.44 29.04 -15.74
C GLY C 412 -16.32 30.53 -16.01
N GLU C 413 -17.27 31.31 -15.52
CA GLU C 413 -17.20 32.75 -15.78
C GLU C 413 -16.13 33.50 -15.02
N GLN C 414 -15.37 34.31 -15.75
CA GLN C 414 -14.32 35.12 -15.14
C GLN C 414 -14.64 36.59 -15.34
N THR C 415 -13.97 37.44 -14.58
CA THR C 415 -14.18 38.88 -14.66
C THR C 415 -12.94 39.56 -14.08
N ALA C 416 -12.56 40.72 -14.62
CA ALA C 416 -11.38 41.43 -14.10
C ALA C 416 -11.84 42.47 -13.07
N VAL C 417 -11.21 42.42 -11.90
CA VAL C 417 -11.58 43.29 -10.81
C VAL C 417 -10.48 44.13 -10.20
N ALA C 418 -10.86 45.31 -9.77
CA ALA C 418 -9.94 46.21 -9.14
C ALA C 418 -9.56 45.55 -7.83
N GLN C 419 -8.27 45.35 -7.61
CA GLN C 419 -7.79 44.71 -6.39
C GLN C 419 -8.47 45.17 -5.11
N ASP C 420 -8.72 46.46 -5.00
CA ASP C 420 -9.37 47.00 -3.81
C ASP C 420 -10.82 46.56 -3.85
N SER C 421 -11.17 45.81 -4.89
CA SER C 421 -12.54 45.31 -5.06
C SER C 421 -12.73 43.79 -4.97
N VAL C 422 -11.68 43.01 -5.24
CA VAL C 422 -11.83 41.56 -5.23
C VAL C 422 -12.41 40.98 -3.94
N ALA C 423 -11.90 41.40 -2.79
CA ALA C 423 -12.43 40.87 -1.53
C ALA C 423 -13.95 40.81 -1.58
N ALA C 424 -14.59 41.93 -1.83
CA ALA C 424 -16.05 41.98 -1.89
C ALA C 424 -16.58 41.08 -2.98
N HIS C 425 -15.88 41.05 -4.11
CA HIS C 425 -16.30 40.22 -5.23
C HIS C 425 -16.29 38.76 -4.75
N LEU C 426 -15.24 38.40 -4.02
CA LEU C 426 -15.09 37.04 -3.49
C LEU C 426 -16.13 36.72 -2.42
N ARG C 427 -16.40 37.71 -1.58
CA ARG C 427 -17.34 37.53 -0.49
C ARG C 427 -18.67 37.05 -1.06
N THR C 428 -19.03 37.61 -2.22
CA THR C 428 -20.28 37.30 -2.91
C THR C 428 -20.25 35.98 -3.64
N LEU C 429 -19.12 35.64 -4.29
CA LEU C 429 -19.05 34.35 -5.00
C LEU C 429 -19.13 33.23 -3.98
N LEU C 430 -18.28 33.30 -2.96
CA LEU C 430 -18.20 32.28 -1.92
C LEU C 430 -19.40 32.22 -1.05
N GLY C 431 -20.30 33.19 -1.24
CA GLY C 431 -21.52 33.26 -0.46
C GLY C 431 -21.41 32.59 0.88
N ASN D 11 0.69 7.47 47.75
CA ASN D 11 -0.12 7.59 46.50
C ASN D 11 0.73 8.09 45.32
N ILE D 12 0.38 7.59 44.13
CA ILE D 12 1.06 7.91 42.87
C ILE D 12 1.12 9.40 42.48
N GLN D 13 2.09 9.75 41.63
CA GLN D 13 2.25 11.11 41.16
C GLN D 13 2.66 11.16 39.70
N ALA D 14 2.68 12.37 39.14
CA ALA D 14 3.01 12.52 37.73
C ALA D 14 4.47 12.35 37.47
N ILE D 15 4.81 11.63 36.41
CA ILE D 15 6.20 11.40 36.00
C ILE D 15 6.84 12.77 35.77
N ARG D 16 8.03 12.99 36.32
CA ARG D 16 8.66 14.29 36.12
C ARG D 16 8.76 14.64 34.64
N GLY D 17 8.66 15.93 34.34
CA GLY D 17 8.74 16.39 32.97
C GLY D 17 7.45 16.15 32.21
N MET D 18 6.45 15.62 32.89
CA MET D 18 5.18 15.38 32.25
C MET D 18 4.09 16.08 32.99
N ASN D 19 3.53 17.08 32.31
CA ASN D 19 2.49 17.97 32.84
C ASN D 19 1.02 17.57 32.74
N ASP D 20 0.20 18.22 33.54
CA ASP D 20 -1.25 18.03 33.52
C ASP D 20 -1.78 19.40 33.18
N TYR D 21 -2.76 19.48 32.30
CA TYR D 21 -3.33 20.78 32.01
C TYR D 21 -4.73 20.72 32.56
N LEU D 22 -4.91 21.43 33.68
CA LEU D 22 -6.18 21.44 34.36
C LEU D 22 -7.17 22.33 33.67
N PRO D 23 -8.44 22.19 34.03
CA PRO D 23 -9.51 22.99 33.44
C PRO D 23 -9.14 24.43 33.11
N GLY D 24 -9.05 25.29 34.11
CA GLY D 24 -8.71 26.68 33.85
C GLY D 24 -7.70 26.92 32.73
N GLU D 25 -6.58 26.21 32.77
CA GLU D 25 -5.51 26.35 31.78
C GLU D 25 -5.86 25.83 30.39
N THR D 26 -6.59 24.72 30.38
CA THR D 26 -7.02 24.05 29.17
C THR D 26 -7.84 24.93 28.23
N ALA D 27 -8.54 25.92 28.80
CA ALA D 27 -9.38 26.82 28.03
C ALA D 27 -8.55 27.89 27.31
N ILE D 28 -7.41 28.25 27.89
CA ILE D 28 -6.56 29.22 27.25
C ILE D 28 -5.95 28.50 26.05
N TRP D 29 -5.59 27.24 26.25
CA TRP D 29 -4.96 26.46 25.20
C TRP D 29 -5.92 26.39 24.03
N GLN D 30 -7.18 26.05 24.33
CA GLN D 30 -8.18 25.93 23.30
C GLN D 30 -8.28 27.20 22.46
N ARG D 31 -8.18 28.35 23.10
CA ARG D 31 -8.31 29.59 22.32
C ARG D 31 -7.13 29.82 21.42
N ILE D 32 -5.94 29.58 21.95
CA ILE D 32 -4.71 29.73 21.19
C ILE D 32 -4.66 28.73 20.00
N GLU D 33 -5.03 27.49 20.25
CA GLU D 33 -5.02 26.48 19.20
C GLU D 33 -6.00 26.87 18.11
N GLY D 34 -7.16 27.34 18.52
CA GLY D 34 -8.14 27.73 17.53
C GLY D 34 -7.55 28.75 16.58
N THR D 35 -6.86 29.74 17.12
CA THR D 35 -6.30 30.77 16.29
C THR D 35 -5.20 30.23 15.40
N LEU D 36 -4.47 29.24 15.90
CA LEU D 36 -3.39 28.66 15.13
C LEU D 36 -3.94 27.87 13.93
N LYS D 37 -4.95 27.06 14.21
CA LYS D 37 -5.55 26.24 13.21
C LYS D 37 -6.23 27.12 12.17
N ASN D 38 -6.94 28.13 12.65
CA ASN D 38 -7.60 29.04 11.74
C ASN D 38 -6.62 29.61 10.75
N VAL D 39 -5.51 30.14 11.26
CA VAL D 39 -4.52 30.70 10.38
C VAL D 39 -4.03 29.63 9.39
N LEU D 40 -3.90 28.38 9.84
CA LEU D 40 -3.44 27.28 9.00
C LEU D 40 -4.37 27.00 7.82
N GLY D 41 -5.66 27.11 8.08
CA GLY D 41 -6.67 26.88 7.07
C GLY D 41 -6.78 28.02 6.07
N SER D 42 -6.40 29.21 6.51
CA SER D 42 -6.45 30.37 5.64
C SER D 42 -5.34 30.24 4.59
N TYR D 43 -4.44 29.28 4.81
CA TYR D 43 -3.38 29.01 3.87
C TYR D 43 -3.68 27.74 3.06
N GLY D 44 -4.76 27.05 3.40
CA GLY D 44 -5.13 25.84 2.67
C GLY D 44 -4.36 24.58 3.04
N TYR D 45 -3.71 24.56 4.20
CA TYR D 45 -2.96 23.39 4.63
C TYR D 45 -3.90 22.32 5.19
N SER D 46 -3.54 21.04 5.08
CA SER D 46 -4.40 19.98 5.63
C SER D 46 -3.77 19.33 6.86
N GLU D 47 -4.60 18.94 7.82
CA GLU D 47 -4.08 18.24 9.00
C GLU D 47 -3.82 16.76 8.65
N ILE D 48 -2.81 16.19 9.28
CA ILE D 48 -2.47 14.79 9.11
C ILE D 48 -2.20 14.31 10.55
N ARG D 49 -2.45 13.05 10.84
CA ARG D 49 -2.18 12.57 12.19
C ARG D 49 -1.32 11.31 12.13
N LEU D 50 -0.23 11.32 12.88
CA LEU D 50 0.69 10.20 12.87
C LEU D 50 0.77 9.55 14.22
N PRO D 51 1.24 8.30 14.27
CA PRO D 51 1.38 7.50 15.51
C PRO D 51 2.36 8.12 16.50
N ILE D 52 2.12 7.90 17.80
CA ILE D 52 3.02 8.43 18.84
C ILE D 52 4.31 7.59 18.85
N VAL D 53 4.16 6.31 18.53
CA VAL D 53 5.27 5.39 18.51
C VAL D 53 5.64 5.01 17.09
N GLU D 54 6.93 4.85 16.85
CA GLU D 54 7.41 4.44 15.53
C GLU D 54 8.55 3.48 15.83
N GLN D 55 9.11 2.88 14.78
CA GLN D 55 10.21 1.95 14.93
C GLN D 55 11.42 2.79 15.21
N THR D 56 12.30 2.29 16.05
CA THR D 56 13.49 3.03 16.40
C THR D 56 14.38 3.42 15.21
N PRO D 57 14.64 2.48 14.30
CA PRO D 57 15.50 2.86 13.16
C PRO D 57 15.06 4.09 12.36
N LEU D 58 13.76 4.38 12.34
CA LEU D 58 13.31 5.55 11.60
C LEU D 58 13.99 6.81 12.14
N PHE D 59 14.01 6.94 13.46
CA PHE D 59 14.62 8.13 14.08
C PHE D 59 16.11 8.11 14.04
N LYS D 60 16.70 6.93 14.18
CA LYS D 60 18.16 6.82 14.14
C LYS D 60 18.58 7.26 12.75
N ARG D 61 17.79 6.84 11.77
CA ARG D 61 18.03 7.11 10.36
C ARG D 61 17.81 8.53 9.90
N ALA D 62 16.59 9.03 10.09
CA ALA D 62 16.24 10.38 9.68
C ALA D 62 16.99 11.48 10.40
N ILE D 63 17.01 11.41 11.72
CA ILE D 63 17.67 12.43 12.52
C ILE D 63 19.20 12.38 12.56
N GLY D 64 19.77 11.17 12.58
CA GLY D 64 21.24 11.03 12.62
C GLY D 64 21.83 10.58 13.95
N GLU D 65 22.74 9.62 13.94
CA GLU D 65 23.36 9.08 15.16
C GLU D 65 24.21 10.06 15.99
N VAL D 66 24.87 10.99 15.30
CA VAL D 66 25.73 11.92 15.99
C VAL D 66 25.02 13.03 16.76
N THR D 67 23.69 12.98 16.82
CA THR D 67 22.93 14.04 17.50
C THR D 67 22.55 13.74 18.94
N ASP D 68 22.23 14.76 19.71
CA ASP D 68 21.84 14.54 21.09
C ASP D 68 20.52 13.79 21.19
N VAL D 69 19.57 14.15 20.34
CA VAL D 69 18.26 13.49 20.35
C VAL D 69 18.41 11.98 20.29
N VAL D 70 19.12 11.50 19.27
CA VAL D 70 19.37 10.09 19.08
C VAL D 70 20.32 9.58 20.19
N GLU D 71 21.44 10.27 20.37
CA GLU D 71 22.41 9.91 21.39
C GLU D 71 21.82 9.71 22.79
N LYS D 72 21.23 10.75 23.36
CA LYS D 72 20.76 10.61 24.74
C LYS D 72 19.35 11.02 25.12
N GLU D 73 18.45 11.15 24.15
CA GLU D 73 17.13 11.63 24.51
C GLU D 73 15.89 10.82 24.18
N MET D 74 15.95 9.87 23.27
CA MET D 74 14.75 9.11 22.90
C MET D 74 14.26 8.12 23.93
N TYR D 75 12.94 7.89 23.98
CA TYR D 75 12.36 6.88 24.90
C TYR D 75 12.19 5.66 24.02
N THR D 76 13.06 4.67 24.19
CA THR D 76 13.02 3.45 23.38
C THR D 76 12.86 2.23 24.27
N PHE D 77 12.03 1.29 23.85
CA PHE D 77 11.76 0.11 24.65
C PHE D 77 11.45 -1.00 23.70
N GLU D 78 11.34 -2.22 24.22
CA GLU D 78 11.08 -3.39 23.39
C GLU D 78 9.64 -3.85 23.40
N ASP D 79 9.14 -4.13 22.19
CA ASP D 79 7.78 -4.60 21.99
C ASP D 79 7.73 -6.08 22.38
N ARG D 80 6.55 -6.68 22.30
CA ARG D 80 6.43 -8.07 22.65
C ARG D 80 7.17 -8.88 21.59
N ASN D 81 6.89 -8.66 20.31
CA ASN D 81 7.58 -9.43 19.29
C ASN D 81 9.07 -9.11 19.19
N GLY D 82 9.57 -8.34 20.17
CA GLY D 82 10.98 -8.00 20.20
C GLY D 82 11.47 -6.77 19.46
N ASP D 83 10.66 -6.23 18.55
CA ASP D 83 11.03 -5.05 17.77
C ASP D 83 11.40 -3.84 18.64
N SER D 84 12.35 -3.04 18.19
CA SER D 84 12.70 -1.84 18.93
C SER D 84 11.64 -0.76 18.64
N LEU D 85 11.11 -0.18 19.72
CA LEU D 85 10.06 0.82 19.64
C LEU D 85 10.52 2.13 20.25
N THR D 86 10.16 3.22 19.60
CA THR D 86 10.57 4.52 20.12
C THR D 86 9.47 5.58 20.12
N LEU D 87 9.20 6.15 21.30
CA LEU D 87 8.22 7.24 21.45
C LEU D 87 8.82 8.40 20.66
N ARG D 88 8.05 8.94 19.72
CA ARG D 88 8.55 10.02 18.84
C ARG D 88 9.12 11.28 19.53
N PRO D 89 10.38 11.64 19.20
CA PRO D 89 11.02 12.83 19.79
C PRO D 89 10.70 14.06 18.93
N GLU D 90 10.11 13.83 17.77
CA GLU D 90 9.72 14.89 16.82
C GLU D 90 8.72 14.28 15.85
N GLY D 91 8.11 15.12 15.01
CA GLY D 91 7.10 14.65 14.08
C GLY D 91 7.42 14.48 12.60
N THR D 92 8.52 15.08 12.14
CA THR D 92 8.90 15.02 10.74
C THR D 92 9.21 13.64 10.18
N ALA D 93 10.00 12.85 10.90
CA ALA D 93 10.31 11.48 10.46
C ALA D 93 9.02 10.69 10.15
N GLY D 94 8.08 10.73 11.08
CA GLY D 94 6.84 10.02 10.91
C GLY D 94 6.01 10.52 9.75
N CYS D 95 6.09 11.82 9.48
CA CYS D 95 5.32 12.39 8.39
C CYS D 95 5.81 11.81 7.07
N VAL D 96 7.13 11.76 6.91
CA VAL D 96 7.71 11.20 5.70
C VAL D 96 7.44 9.70 5.61
N ARG D 97 7.66 9.00 6.72
CA ARG D 97 7.46 7.56 6.80
C ARG D 97 6.06 7.21 6.32
N ALA D 98 5.09 8.05 6.68
CA ALA D 98 3.70 7.85 6.25
C ALA D 98 3.50 8.38 4.84
N GLY D 99 4.17 9.48 4.52
CA GLY D 99 4.04 10.06 3.22
C GLY D 99 4.47 9.05 2.18
N ILE D 100 5.55 8.34 2.50
CA ILE D 100 6.08 7.31 1.62
C ILE D 100 5.19 6.06 1.73
N GLU D 101 4.90 5.63 2.96
CA GLU D 101 4.08 4.43 3.13
C GLU D 101 2.73 4.45 2.40
N HIS D 102 2.10 5.61 2.25
CA HIS D 102 0.81 5.64 1.58
C HIS D 102 0.93 6.39 0.25
N GLY D 103 2.16 6.54 -0.22
CA GLY D 103 2.40 7.22 -1.48
C GLY D 103 1.65 8.53 -1.62
N LEU D 104 2.05 9.55 -0.84
CA LEU D 104 1.43 10.86 -0.92
C LEU D 104 2.47 11.84 -1.45
N LEU D 105 3.73 11.42 -1.38
CA LEU D 105 4.80 12.28 -1.79
C LEU D 105 5.20 12.16 -3.25
N TYR D 106 5.13 10.95 -3.81
CA TYR D 106 5.53 10.71 -5.20
C TYR D 106 4.88 11.59 -6.25
N ASN D 107 5.69 12.48 -6.84
CA ASN D 107 5.18 13.38 -7.87
C ASN D 107 3.95 14.15 -7.38
N GLN D 108 3.93 14.53 -6.11
CA GLN D 108 2.78 15.24 -5.55
C GLN D 108 3.16 16.40 -4.67
N GLU D 109 2.19 17.28 -4.41
CA GLU D 109 2.41 18.41 -3.53
C GLU D 109 1.49 18.20 -2.33
N GLN D 110 1.97 18.55 -1.13
CA GLN D 110 1.17 18.44 0.09
C GLN D 110 1.58 19.56 1.02
N ARG D 111 0.60 20.25 1.59
CA ARG D 111 0.91 21.30 2.55
C ARG D 111 0.20 20.83 3.82
N LEU D 112 0.98 20.18 4.67
CA LEU D 112 0.44 19.59 5.87
C LEU D 112 0.86 20.22 7.17
N TRP D 113 0.06 19.96 8.20
CA TRP D 113 0.36 20.40 9.55
C TRP D 113 -0.15 19.31 10.51
N TYR D 114 0.51 19.18 11.67
CA TYR D 114 0.08 18.18 12.65
C TYR D 114 0.22 18.74 14.05
N ILE D 115 -0.52 18.18 14.99
CA ILE D 115 -0.42 18.67 16.35
C ILE D 115 -0.50 17.51 17.34
N GLY D 116 0.41 17.53 18.32
CA GLY D 116 0.39 16.45 19.28
C GLY D 116 1.62 16.33 20.15
N PRO D 117 1.60 15.36 21.06
CA PRO D 117 2.70 15.10 22.00
C PRO D 117 3.98 14.61 21.32
N MET D 118 5.10 14.94 21.96
CA MET D 118 6.44 14.56 21.53
C MET D 118 7.18 14.16 22.81
N PHE D 119 8.24 13.38 22.70
CA PHE D 119 8.95 12.92 23.90
C PHE D 119 10.47 12.99 23.79
N ARG D 120 11.11 13.52 24.81
CA ARG D 120 12.55 13.66 24.84
C ARG D 120 13.00 13.66 26.28
N HIS D 121 13.83 12.69 26.63
CA HIS D 121 14.32 12.59 27.99
C HIS D 121 15.40 13.65 28.21
N GLU D 122 14.98 14.85 28.61
CA GLU D 122 15.90 15.96 28.87
C GLU D 122 15.72 16.47 30.29
N ARG D 123 16.56 17.40 30.67
CA ARG D 123 16.49 17.95 32.01
C ARG D 123 15.36 18.95 32.08
N PRO D 124 14.27 18.56 32.75
CA PRO D 124 13.11 19.46 32.88
C PRO D 124 13.58 20.87 33.22
N GLN D 125 12.94 21.86 32.59
CA GLN D 125 13.27 23.26 32.78
C GLN D 125 12.03 24.07 32.45
N LYS D 126 12.22 25.39 32.33
CA LYS D 126 11.14 26.33 32.01
C LYS D 126 10.36 25.89 30.77
N GLY D 127 10.93 26.07 29.59
CA GLY D 127 10.20 25.65 28.42
C GLY D 127 10.64 24.31 27.86
N ARG D 128 11.13 23.42 28.72
CA ARG D 128 11.57 22.09 28.29
C ARG D 128 10.95 21.01 29.16
N TYR D 129 10.25 20.09 28.52
CA TYR D 129 9.60 19.01 29.25
C TYR D 129 9.90 17.68 28.56
N ARG D 130 9.66 16.57 29.26
CA ARG D 130 9.92 15.28 28.67
C ARG D 130 8.77 14.93 27.75
N GLN D 131 7.58 15.41 28.07
CA GLN D 131 6.46 15.21 27.18
C GLN D 131 6.03 16.59 26.81
N PHE D 132 6.32 17.02 25.60
CA PHE D 132 5.87 18.34 25.22
C PHE D 132 4.94 18.22 24.01
N HIS D 133 4.55 19.35 23.43
CA HIS D 133 3.63 19.34 22.32
C HIS D 133 4.04 20.27 21.19
N GLN D 134 3.96 19.77 19.97
CA GLN D 134 4.32 20.58 18.84
C GLN D 134 3.16 20.75 17.88
N LEU D 135 3.24 21.84 17.12
CA LEU D 135 2.31 22.14 16.06
C LEU D 135 3.35 22.33 14.94
N GLY D 136 3.38 21.39 14.01
CA GLY D 136 4.34 21.48 12.91
C GLY D 136 3.68 21.49 11.53
N CYS D 137 4.43 21.98 10.56
CA CYS D 137 4.00 22.05 9.18
C CYS D 137 5.08 21.42 8.33
N GLU D 138 4.67 20.68 7.31
CA GLU D 138 5.62 20.08 6.39
C GLU D 138 5.03 20.26 4.97
N VAL D 139 5.92 20.62 4.04
CA VAL D 139 5.51 20.80 2.66
C VAL D 139 6.39 19.99 1.70
N PHE D 140 5.73 19.14 0.94
CA PHE D 140 6.45 18.32 0.00
C PHE D 140 6.15 18.71 -1.43
N GLY D 141 7.18 18.63 -2.27
CA GLY D 141 7.01 18.95 -3.67
C GLY D 141 7.55 20.30 -4.09
N LEU D 142 7.39 21.31 -3.25
CA LEU D 142 7.88 22.64 -3.62
C LEU D 142 9.35 22.72 -3.28
N GLN D 143 10.11 23.22 -4.24
CA GLN D 143 11.53 23.31 -4.13
C GLN D 143 12.09 24.68 -3.99
N GLY D 144 11.64 25.55 -4.88
CA GLY D 144 12.12 26.91 -4.90
C GLY D 144 11.95 27.58 -3.57
N PRO D 145 12.48 28.80 -3.44
CA PRO D 145 12.42 29.60 -2.22
C PRO D 145 11.04 30.17 -1.90
N ASP D 146 10.12 30.14 -2.86
CA ASP D 146 8.79 30.71 -2.62
C ASP D 146 8.04 30.06 -1.45
N ILE D 147 8.04 28.74 -1.36
CA ILE D 147 7.35 28.05 -0.27
C ILE D 147 8.04 28.32 1.09
N ASP D 148 9.35 28.54 1.06
CA ASP D 148 10.08 28.83 2.28
C ASP D 148 9.52 30.16 2.81
N ALA D 149 9.21 31.05 1.89
CA ALA D 149 8.66 32.35 2.24
C ALA D 149 7.27 32.19 2.85
N GLU D 150 6.43 31.42 2.17
CA GLU D 150 5.08 31.18 2.65
C GLU D 150 5.08 30.70 4.10
N LEU D 151 5.88 29.67 4.39
CA LEU D 151 5.90 29.17 5.74
C LEU D 151 6.25 30.27 6.74
N ILE D 152 7.33 30.99 6.47
CA ILE D 152 7.74 32.03 7.38
C ILE D 152 6.63 33.05 7.58
N MET D 153 5.97 33.44 6.48
CA MET D 153 4.86 34.40 6.56
C MET D 153 3.71 33.82 7.38
N LEU D 154 3.47 32.52 7.20
CA LEU D 154 2.40 31.85 7.91
C LEU D 154 2.68 32.00 9.40
N THR D 155 3.92 31.73 9.81
CA THR D 155 4.26 31.88 11.22
C THR D 155 4.13 33.33 11.67
N ALA D 156 4.22 34.27 10.73
CA ALA D 156 4.11 35.68 11.10
C ALA D 156 2.65 36.09 11.27
N ARG D 157 1.75 35.44 10.55
CA ARG D 157 0.33 35.75 10.69
C ARG D 157 -0.06 35.30 12.08
N TRP D 158 0.51 34.17 12.49
CA TRP D 158 0.25 33.60 13.80
C TRP D 158 0.63 34.62 14.89
N TRP D 159 1.85 35.17 14.81
CA TRP D 159 2.32 36.13 15.82
C TRP D 159 1.38 37.34 15.82
N ARG D 160 0.94 37.72 14.63
CA ARG D 160 0.02 38.84 14.53
C ARG D 160 -1.24 38.47 15.30
N ALA D 161 -1.87 37.38 14.85
CA ALA D 161 -3.11 36.89 15.46
C ALA D 161 -3.05 36.73 16.97
N LEU D 162 -1.88 36.44 17.50
CA LEU D 162 -1.76 36.23 18.92
C LEU D 162 -1.25 37.44 19.67
N GLY D 163 -0.93 38.49 18.93
CA GLY D 163 -0.41 39.69 19.55
C GLY D 163 0.93 39.49 20.25
N ILE D 164 1.93 39.03 19.51
CA ILE D 164 3.26 38.84 20.09
C ILE D 164 4.31 39.13 19.05
N SER D 165 3.92 39.86 18.02
CA SER D 165 4.85 40.18 16.94
C SER D 165 6.14 40.80 17.45
N GLU D 166 5.95 41.75 18.37
CA GLU D 166 7.07 42.49 18.95
C GLU D 166 8.00 41.62 19.79
N HIS D 167 7.48 40.54 20.36
CA HIS D 167 8.28 39.67 21.22
C HIS D 167 8.89 38.45 20.60
N VAL D 168 9.04 38.45 19.27
CA VAL D 168 9.61 37.30 18.56
C VAL D 168 10.53 37.67 17.39
N THR D 169 11.78 37.20 17.44
CA THR D 169 12.82 37.46 16.42
C THR D 169 13.01 36.32 15.44
N LEU D 170 13.20 36.64 14.17
CA LEU D 170 13.45 35.61 13.15
C LEU D 170 14.91 35.52 12.77
N GLU D 171 15.47 34.32 12.86
CA GLU D 171 16.86 34.11 12.50
C GLU D 171 16.94 33.09 11.37
N LEU D 172 17.59 33.49 10.28
CA LEU D 172 17.75 32.67 9.09
C LEU D 172 19.21 32.30 8.91
N ASN D 173 19.44 31.38 7.99
CA ASN D 173 20.78 30.91 7.65
C ASN D 173 20.62 29.79 6.63
N SER D 174 21.63 29.59 5.79
CA SER D 174 21.57 28.49 4.84
C SER D 174 22.82 27.65 4.99
N ILE D 175 22.63 26.34 5.17
CA ILE D 175 23.75 25.43 5.32
C ILE D 175 24.10 24.74 4.01
N GLY D 176 23.64 25.32 2.91
CA GLY D 176 23.95 24.77 1.60
C GLY D 176 23.61 23.33 1.31
N SER D 177 24.64 22.53 1.08
CA SER D 177 24.41 21.15 0.74
C SER D 177 25.27 20.14 1.48
N LEU D 178 24.81 18.90 1.46
CA LEU D 178 25.49 17.78 2.09
C LEU D 178 27.01 17.84 1.85
N GLU D 179 27.38 18.14 0.62
CA GLU D 179 28.76 18.23 0.18
C GLU D 179 29.39 19.57 0.51
N ALA D 180 28.72 20.65 0.14
CA ALA D 180 29.23 21.99 0.43
C ALA D 180 29.45 22.05 1.94
N ARG D 181 28.74 21.18 2.66
CA ARG D 181 28.86 21.10 4.10
C ARG D 181 30.23 20.46 4.37
N ALA D 182 30.45 19.30 3.76
CA ALA D 182 31.70 18.56 3.88
C ALA D 182 32.88 19.46 3.50
N ASN D 183 32.76 20.13 2.36
CA ASN D 183 33.81 21.04 1.91
C ASN D 183 34.15 22.00 3.05
N TYR D 184 33.17 22.26 3.92
CA TYR D 184 33.37 23.14 5.04
C TYR D 184 33.92 22.37 6.22
N ARG D 185 33.48 21.14 6.40
CA ARG D 185 33.98 20.34 7.50
C ARG D 185 35.48 20.05 7.35
N ASP D 186 35.93 19.77 6.13
CA ASP D 186 37.36 19.52 5.93
C ASP D 186 38.10 20.81 6.29
N ALA D 187 37.66 21.92 5.70
CA ALA D 187 38.26 23.23 5.94
C ALA D 187 38.12 23.70 7.39
N LEU D 188 37.61 22.82 8.25
CA LEU D 188 37.47 23.13 9.67
C LEU D 188 38.60 22.36 10.36
N VAL D 189 39.82 22.64 9.88
CA VAL D 189 41.02 22.02 10.42
C VAL D 189 41.38 22.63 11.77
N ALA D 190 41.13 21.87 12.82
CA ALA D 190 41.43 22.32 14.17
C ALA D 190 42.94 22.46 14.37
N PHE D 191 43.42 23.71 14.33
CA PHE D 191 44.83 24.00 14.54
C PHE D 191 45.14 23.73 16.01
N LEU D 192 45.65 22.53 16.27
CA LEU D 192 46.02 22.11 17.61
C LEU D 192 44.80 21.90 18.51
N GLU D 193 45.00 22.08 19.80
CA GLU D 193 43.94 21.94 20.79
C GLU D 193 44.29 22.85 21.97
N GLN D 194 44.86 24.01 21.64
CA GLN D 194 45.27 25.02 22.62
C GLN D 194 45.31 24.50 24.05
N ALA D 231 34.42 30.03 8.83
CA ALA D 231 33.32 30.76 8.22
C ALA D 231 32.70 29.92 7.11
N LEU D 232 31.39 29.67 7.24
CA LEU D 232 30.63 28.83 6.29
C LEU D 232 30.36 29.36 4.88
N GLY D 233 29.33 30.19 4.76
CA GLY D 233 28.93 30.76 3.47
C GLY D 233 29.88 30.52 2.32
N ASP D 234 31.13 30.92 2.51
CA ASP D 234 32.18 30.78 1.52
C ASP D 234 32.15 29.43 0.78
N TYR D 235 31.63 28.41 1.45
CA TYR D 235 31.56 27.05 0.89
C TYR D 235 30.23 26.66 0.23
N LEU D 236 29.23 27.52 0.32
CA LEU D 236 27.93 27.24 -0.27
C LEU D 236 27.94 27.20 -1.78
N ASP D 237 27.33 26.16 -2.34
CA ASP D 237 27.21 26.01 -3.78
C ASP D 237 26.50 27.26 -4.29
N GLU D 238 26.73 27.63 -5.56
CA GLU D 238 26.11 28.83 -6.11
C GLU D 238 24.59 28.74 -6.04
N GLU D 239 24.05 27.58 -6.38
CA GLU D 239 22.62 27.38 -6.32
C GLU D 239 22.08 27.71 -4.92
N SER D 240 22.64 27.11 -3.88
CA SER D 240 22.20 27.40 -2.52
C SER D 240 22.29 28.88 -2.20
N ARG D 241 23.39 29.52 -2.63
CA ARG D 241 23.57 30.95 -2.41
C ARG D 241 22.39 31.65 -3.05
N GLU D 242 22.10 31.31 -4.30
CA GLU D 242 20.98 31.92 -5.01
C GLU D 242 19.64 31.69 -4.31
N HIS D 243 19.35 30.43 -4.02
CA HIS D 243 18.12 30.05 -3.37
C HIS D 243 17.91 30.89 -2.12
N PHE D 244 18.98 31.04 -1.33
CA PHE D 244 18.86 31.80 -0.08
C PHE D 244 18.45 33.25 -0.35
N ALA D 245 19.18 33.92 -1.22
CA ALA D 245 18.90 35.30 -1.56
C ALA D 245 17.46 35.47 -2.06
N GLY D 246 16.97 34.53 -2.87
CA GLY D 246 15.60 34.60 -3.35
C GLY D 246 14.64 34.70 -2.17
N LEU D 247 14.95 33.91 -1.14
CA LEU D 247 14.14 33.89 0.07
C LEU D 247 14.25 35.20 0.83
N CYS D 248 15.47 35.67 1.04
CA CYS D 248 15.68 36.92 1.76
C CYS D 248 15.03 38.11 1.08
N LYS D 249 14.94 38.09 -0.25
CA LYS D 249 14.32 39.21 -0.95
C LYS D 249 12.82 39.12 -0.73
N LEU D 250 12.31 37.88 -0.64
CA LEU D 250 10.89 37.66 -0.44
C LEU D 250 10.46 38.11 0.93
N LEU D 251 11.35 37.93 1.90
CA LEU D 251 11.06 38.34 3.27
C LEU D 251 11.02 39.88 3.40
N GLU D 252 11.76 40.55 2.51
CA GLU D 252 11.82 42.00 2.47
C GLU D 252 10.55 42.52 1.83
N SER D 253 10.31 42.11 0.59
CA SER D 253 9.11 42.51 -0.13
C SER D 253 7.87 42.33 0.74
N ALA D 254 8.04 41.63 1.85
CA ALA D 254 6.92 41.36 2.73
C ALA D 254 7.10 41.95 4.12
N GLY D 255 8.11 42.79 4.30
CA GLY D 255 8.35 43.41 5.60
C GLY D 255 8.67 42.49 6.78
N ILE D 256 9.18 41.30 6.50
CA ILE D 256 9.51 40.41 7.57
C ILE D 256 10.95 40.68 7.96
N ALA D 257 11.12 41.19 9.16
CA ALA D 257 12.45 41.52 9.67
C ALA D 257 13.23 40.29 10.07
N TYR D 258 14.50 40.25 9.65
CA TYR D 258 15.31 39.10 9.97
C TYR D 258 16.78 39.40 10.24
N THR D 259 17.43 38.48 10.94
CA THR D 259 18.83 38.52 11.28
C THR D 259 19.42 37.25 10.68
N VAL D 260 20.55 37.35 9.99
CA VAL D 260 21.18 36.18 9.36
C VAL D 260 22.31 35.62 10.24
N ASN D 261 22.02 34.61 11.05
CA ASN D 261 23.01 34.01 11.94
C ASN D 261 23.73 32.82 11.32
N GLN D 262 25.04 32.96 11.12
CA GLN D 262 25.82 31.90 10.49
C GLN D 262 26.26 30.76 11.39
N ARG D 263 25.99 30.89 12.68
CA ARG D 263 26.31 29.80 13.60
C ARG D 263 24.98 29.21 14.07
N LEU D 264 23.99 29.18 13.18
CA LEU D 264 22.68 28.63 13.49
C LEU D 264 22.75 27.14 13.21
N VAL D 265 22.74 26.35 14.27
CA VAL D 265 22.78 24.89 14.13
C VAL D 265 21.47 24.29 14.61
N ARG D 266 20.83 23.50 13.76
CA ARG D 266 19.60 22.85 14.17
C ARG D 266 20.09 21.52 14.78
N GLY D 267 19.32 20.93 15.70
CA GLY D 267 19.81 19.70 16.31
C GLY D 267 19.65 18.41 15.54
N LEU D 268 19.07 18.49 14.34
CA LEU D 268 18.82 17.31 13.52
C LEU D 268 19.71 17.31 12.27
N ASP D 269 20.00 16.12 11.74
CA ASP D 269 20.85 15.99 10.56
C ASP D 269 20.14 15.84 9.23
N TYR D 270 18.98 16.44 9.05
CA TYR D 270 18.34 16.25 7.75
C TYR D 270 18.12 17.52 6.94
N TYR D 271 18.58 18.65 7.47
CA TYR D 271 18.42 19.92 6.78
C TYR D 271 19.44 20.24 5.67
N ASN D 272 19.01 21.06 4.72
CA ASN D 272 19.88 21.52 3.66
C ASN D 272 19.33 22.91 3.31
N ARG D 273 20.20 23.82 2.92
CA ARG D 273 19.75 25.15 2.51
C ARG D 273 19.07 25.88 3.63
N THR D 274 17.82 26.31 3.41
CA THR D 274 17.03 27.04 4.41
C THR D 274 17.02 26.42 5.80
N VAL D 275 17.50 27.16 6.79
CA VAL D 275 17.50 26.66 8.16
C VAL D 275 17.05 27.86 8.99
N PHE D 276 16.04 27.70 9.85
CA PHE D 276 15.57 28.86 10.61
C PHE D 276 14.93 28.69 11.97
N GLU D 277 14.94 29.79 12.73
CA GLU D 277 14.37 29.82 14.07
C GLU D 277 13.68 31.16 14.36
N TRP D 278 12.71 31.12 15.28
CA TRP D 278 11.95 32.29 15.73
C TRP D 278 12.32 32.36 17.20
N VAL D 279 13.14 33.33 17.57
CA VAL D 279 13.58 33.43 18.96
C VAL D 279 12.85 34.47 19.78
N THR D 280 12.91 34.27 21.09
CA THR D 280 12.24 35.15 22.03
C THR D 280 13.16 35.98 22.93
N ASN D 281 12.52 36.85 23.73
CA ASN D 281 13.16 37.77 24.70
C ASN D 281 14.60 37.39 24.93
N SER D 282 14.76 36.23 25.55
CA SER D 282 16.04 35.64 25.87
C SER D 282 15.65 34.28 26.43
N LEU D 283 14.98 34.29 27.58
CA LEU D 283 14.55 33.08 28.27
C LEU D 283 15.57 31.96 28.03
N GLY D 284 16.84 32.38 27.99
CA GLY D 284 17.97 31.50 27.75
C GLY D 284 17.84 30.00 28.01
N SER D 285 18.15 29.22 26.97
CA SER D 285 18.12 27.76 27.02
C SER D 285 16.73 27.20 26.72
N GLN D 286 15.92 27.99 26.01
CA GLN D 286 14.55 27.60 25.63
C GLN D 286 13.78 28.81 25.11
N GLY D 287 14.52 29.71 24.46
CA GLY D 287 13.93 30.91 23.89
C GLY D 287 13.48 30.79 22.44
N THR D 288 13.83 29.72 21.76
CA THR D 288 13.35 29.57 20.39
C THR D 288 11.97 28.87 20.51
N VAL D 289 10.97 29.53 19.95
CA VAL D 289 9.58 29.06 19.99
C VAL D 289 9.22 28.20 18.79
N CYS D 290 9.83 28.50 17.65
CA CYS D 290 9.57 27.78 16.42
C CYS D 290 10.88 27.65 15.64
N ALA D 291 11.12 26.47 15.09
CA ALA D 291 12.34 26.18 14.33
C ALA D 291 12.06 25.20 13.21
N GLY D 292 12.88 25.24 12.17
CA GLY D 292 12.69 24.34 11.04
C GLY D 292 13.70 24.61 9.94
N GLY D 293 13.39 24.14 8.73
CA GLY D 293 14.27 24.32 7.58
C GLY D 293 14.00 23.30 6.49
N ARG D 294 14.79 23.31 5.42
CA ARG D 294 14.61 22.33 4.34
C ARG D 294 15.21 20.97 4.68
N TYR D 295 14.68 19.93 4.05
CA TYR D 295 15.22 18.62 4.23
C TYR D 295 14.88 17.89 2.93
N ASP D 296 15.46 18.38 1.83
CA ASP D 296 15.13 17.81 0.53
C ASP D 296 15.22 16.28 0.46
N GLY D 297 16.45 15.76 0.53
CA GLY D 297 16.64 14.32 0.48
C GLY D 297 16.46 13.55 1.78
N LEU D 298 15.26 13.58 2.34
CA LEU D 298 14.98 12.84 3.55
C LEU D 298 14.04 11.76 3.11
N VAL D 299 13.13 12.13 2.22
CA VAL D 299 12.18 11.18 1.68
C VAL D 299 12.99 10.04 1.06
N GLU D 300 14.03 10.43 0.31
CA GLU D 300 14.94 9.50 -0.35
C GLU D 300 15.61 8.65 0.71
N GLN D 301 16.42 9.30 1.54
CA GLN D 301 17.13 8.63 2.63
C GLN D 301 16.29 7.62 3.43
N LEU D 302 14.97 7.78 3.41
CA LEU D 302 14.11 6.87 4.14
C LEU D 302 13.39 5.94 3.19
N GLY D 303 13.98 5.73 2.02
CA GLY D 303 13.43 4.81 1.03
C GLY D 303 12.36 5.27 0.08
N GLY D 304 12.09 6.56 0.08
CA GLY D 304 11.05 7.08 -0.79
C GLY D 304 11.71 7.65 -2.02
N ARG D 305 10.93 8.34 -2.84
CA ARG D 305 11.42 8.94 -4.07
C ARG D 305 11.72 10.42 -3.93
N ALA D 306 12.98 10.77 -4.14
CA ALA D 306 13.51 12.13 -4.05
C ALA D 306 12.53 13.26 -4.32
N THR D 307 12.32 14.10 -3.31
CA THR D 307 11.41 15.23 -3.44
C THR D 307 11.74 16.37 -2.47
N PRO D 308 11.57 17.61 -2.92
CA PRO D 308 11.85 18.77 -2.07
C PRO D 308 10.95 18.82 -0.83
N ALA D 309 11.48 19.35 0.26
CA ALA D 309 10.69 19.46 1.48
C ALA D 309 11.21 20.53 2.45
N VAL D 310 10.27 21.23 3.06
CA VAL D 310 10.56 22.29 4.03
C VAL D 310 9.47 22.20 5.04
N GLY D 311 9.80 22.54 6.28
CA GLY D 311 8.83 22.54 7.34
C GLY D 311 9.38 23.20 8.60
N PHE D 312 8.63 23.11 9.70
CA PHE D 312 9.04 23.65 11.00
C PHE D 312 8.12 23.11 12.08
N ALA D 313 8.45 23.36 13.32
CA ALA D 313 7.58 22.91 14.40
C ALA D 313 7.64 23.90 15.55
N MET D 314 6.50 24.07 16.19
CA MET D 314 6.45 25.00 17.29
C MET D 314 6.19 24.31 18.61
N GLY D 315 6.93 24.73 19.63
CA GLY D 315 6.74 24.17 20.95
C GLY D 315 5.54 24.93 21.52
N LEU D 316 4.38 24.24 21.56
CA LEU D 316 3.18 24.90 22.05
C LEU D 316 3.31 25.42 23.47
N GLU D 317 3.98 24.68 24.36
CA GLU D 317 4.13 25.18 25.73
C GLU D 317 4.80 26.54 25.75
N ARG D 318 5.86 26.70 24.99
CA ARG D 318 6.55 27.97 24.96
C ARG D 318 5.67 29.06 24.36
N LEU D 319 4.88 28.72 23.35
CA LEU D 319 3.99 29.73 22.73
C LEU D 319 2.99 30.23 23.78
N VAL D 320 2.33 29.31 24.48
CA VAL D 320 1.34 29.70 25.48
C VAL D 320 1.96 30.64 26.51
N LEU D 321 3.07 30.21 27.13
CA LEU D 321 3.76 31.04 28.10
C LEU D 321 4.08 32.42 27.54
N LEU D 322 4.54 32.46 26.29
CA LEU D 322 4.87 33.75 25.73
C LEU D 322 3.63 34.60 25.61
N VAL D 323 2.58 34.03 25.01
CA VAL D 323 1.31 34.74 24.81
C VAL D 323 0.70 35.16 26.14
N GLN D 324 0.86 34.31 27.16
CA GLN D 324 0.36 34.60 28.50
C GLN D 324 1.22 35.64 29.25
N ALA D 325 2.35 36.02 28.67
CA ALA D 325 3.21 37.01 29.31
C ALA D 325 3.03 38.33 28.61
N VAL D 326 2.98 38.28 27.29
CA VAL D 326 2.81 39.48 26.49
C VAL D 326 1.39 40.04 26.59
N ASN D 327 0.41 39.15 26.80
CA ASN D 327 -1.01 39.54 26.91
C ASN D 327 -1.57 39.07 28.24
N PRO D 328 -1.10 39.63 29.36
CA PRO D 328 -1.54 39.26 30.71
C PRO D 328 -3.04 39.20 30.90
N GLU D 329 -3.79 39.63 29.90
CA GLU D 329 -5.24 39.60 30.01
C GLU D 329 -5.93 38.62 29.08
N PHE D 330 -5.16 37.85 28.32
CA PHE D 330 -5.74 36.88 27.39
C PHE D 330 -6.80 36.13 28.20
N LYS D 331 -7.86 35.69 27.53
CA LYS D 331 -8.92 35.01 28.26
C LYS D 331 -9.59 33.86 27.52
N ALA D 332 -10.46 33.17 28.26
CA ALA D 332 -11.24 32.06 27.76
C ALA D 332 -12.63 32.28 28.37
N ASP D 333 -13.65 32.15 27.55
CA ASP D 333 -15.02 32.36 28.03
C ASP D 333 -15.23 31.47 29.23
N PRO D 334 -16.16 31.85 30.12
CA PRO D 334 -16.35 30.95 31.26
C PRO D 334 -16.90 29.64 30.70
N VAL D 335 -16.70 28.56 31.44
CA VAL D 335 -17.18 27.27 30.98
C VAL D 335 -18.68 27.16 31.12
N VAL D 336 -19.27 28.07 31.90
CA VAL D 336 -20.71 28.08 32.11
C VAL D 336 -21.36 29.45 31.91
N ASP D 337 -22.40 29.48 31.09
CA ASP D 337 -23.15 30.69 30.83
C ASP D 337 -24.40 30.67 31.67
N ILE D 338 -25.08 29.54 31.64
CA ILE D 338 -26.35 29.38 32.34
C ILE D 338 -26.40 28.21 33.31
N TYR D 339 -26.64 28.51 34.58
CA TYR D 339 -26.75 27.48 35.62
C TYR D 339 -28.24 27.23 35.89
N LEU D 340 -28.66 25.97 35.84
CA LEU D 340 -30.05 25.63 36.03
C LEU D 340 -30.39 25.21 37.46
N VAL D 341 -30.83 26.19 38.25
CA VAL D 341 -31.20 25.98 39.65
C VAL D 341 -32.55 25.28 39.74
N ALA D 342 -32.70 24.39 40.71
CA ALA D 342 -33.96 23.66 40.85
C ALA D 342 -34.13 23.04 42.22
N SER D 343 -35.26 23.37 42.86
CA SER D 343 -35.62 22.87 44.18
C SER D 343 -36.94 22.12 44.05
N GLY D 344 -37.43 21.55 45.15
CA GLY D 344 -38.70 20.85 45.11
C GLY D 344 -38.60 19.35 44.90
N ALA D 345 -39.73 18.67 45.07
CA ALA D 345 -39.83 17.22 44.93
C ALA D 345 -40.14 16.86 43.50
N ASP D 346 -39.23 16.11 42.88
CA ASP D 346 -39.38 15.70 41.49
C ASP D 346 -39.33 16.90 40.55
N THR D 347 -38.27 17.66 40.74
CA THR D 347 -38.00 18.81 39.93
C THR D 347 -36.97 18.23 38.98
N GLN D 348 -36.26 17.23 39.47
CA GLN D 348 -35.21 16.54 38.72
C GLN D 348 -35.53 16.37 37.24
N SER D 349 -36.31 15.34 36.91
CA SER D 349 -36.68 15.07 35.52
C SER D 349 -37.14 16.32 34.79
N ALA D 350 -37.81 17.20 35.53
CA ALA D 350 -38.32 18.44 34.96
C ALA D 350 -37.19 19.36 34.54
N ALA D 351 -36.36 19.75 35.49
CA ALA D 351 -35.23 20.64 35.24
C ALA D 351 -34.32 20.08 34.16
N MET D 352 -34.13 18.78 34.19
CA MET D 352 -33.28 18.13 33.21
C MET D 352 -33.81 18.44 31.81
N ALA D 353 -35.06 18.08 31.54
CA ALA D 353 -35.68 18.33 30.25
C ALA D 353 -35.64 19.80 29.82
N LEU D 354 -36.04 20.70 30.72
CA LEU D 354 -36.04 22.11 30.37
C LEU D 354 -34.65 22.51 29.89
N ALA D 355 -33.63 21.85 30.43
CA ALA D 355 -32.25 22.11 30.04
C ALA D 355 -32.00 21.50 28.65
N GLU D 356 -32.40 20.25 28.47
CA GLU D 356 -32.21 19.63 27.18
C GLU D 356 -32.83 20.52 26.12
N ARG D 357 -34.07 20.92 26.37
CA ARG D 357 -34.81 21.76 25.44
C ARG D 357 -34.12 23.09 25.17
N LEU D 358 -33.71 23.80 26.21
CA LEU D 358 -33.05 25.10 26.02
C LEU D 358 -31.79 24.98 25.18
N ARG D 359 -31.16 23.80 25.21
CA ARG D 359 -29.95 23.60 24.44
C ARG D 359 -30.23 23.68 22.94
N ASP D 360 -31.17 22.88 22.46
CA ASP D 360 -31.54 22.92 21.06
C ASP D 360 -31.92 24.34 20.63
N GLU D 361 -32.68 25.02 21.47
CA GLU D 361 -33.10 26.37 21.17
C GLU D 361 -31.91 27.30 21.28
N LEU D 362 -30.91 26.90 22.05
CA LEU D 362 -29.76 27.76 22.21
C LEU D 362 -28.41 27.12 21.93
N PRO D 363 -28.15 26.79 20.65
CA PRO D 363 -26.84 26.21 20.42
C PRO D 363 -25.87 27.39 20.53
N GLY D 364 -24.70 27.15 21.14
CA GLY D 364 -23.73 28.20 21.32
C GLY D 364 -23.57 28.57 22.78
N VAL D 365 -24.63 28.35 23.56
CA VAL D 365 -24.59 28.66 24.98
C VAL D 365 -24.24 27.42 25.78
N LYS D 366 -23.51 27.67 26.85
CA LYS D 366 -23.07 26.61 27.73
C LYS D 366 -23.99 26.64 28.93
N LEU D 367 -24.70 25.53 29.15
CA LEU D 367 -25.68 25.44 30.24
C LEU D 367 -25.50 24.22 31.13
N MET D 368 -25.25 24.47 32.40
CA MET D 368 -25.04 23.39 33.37
C MET D 368 -26.21 23.24 34.32
N THR D 369 -26.68 22.00 34.46
CA THR D 369 -27.81 21.64 35.32
C THR D 369 -27.35 21.25 36.73
N ASN D 370 -27.66 22.07 37.73
CA ASN D 370 -27.29 21.74 39.12
C ASN D 370 -27.78 20.35 39.51
N HIS D 371 -26.97 19.63 40.27
CA HIS D 371 -27.36 18.30 40.71
C HIS D 371 -26.98 18.16 42.18
N GLY D 372 -27.41 17.06 42.81
CA GLY D 372 -27.11 16.87 44.22
C GLY D 372 -27.82 17.92 45.08
N GLY D 373 -29.01 18.32 44.63
CA GLY D 373 -29.81 19.29 45.33
C GLY D 373 -29.08 20.47 45.91
N GLY D 374 -29.45 20.82 47.14
CA GLY D 374 -28.87 21.95 47.83
C GLY D 374 -29.95 23.01 47.86
N ASN D 375 -29.76 24.05 48.65
CA ASN D 375 -30.75 25.12 48.73
C ASN D 375 -30.30 26.22 47.78
N PHE D 376 -31.24 27.05 47.34
CA PHE D 376 -30.90 28.13 46.42
C PHE D 376 -29.62 28.86 46.81
N LYS D 377 -29.37 28.98 48.11
CA LYS D 377 -28.16 29.66 48.62
C LYS D 377 -26.93 29.07 47.94
N LYS D 378 -26.74 27.76 48.13
CA LYS D 378 -25.60 27.07 47.53
C LYS D 378 -25.65 27.19 46.02
N GLN D 379 -26.68 26.58 45.43
CA GLN D 379 -26.87 26.59 43.99
C GLN D 379 -26.51 27.92 43.31
N PHE D 380 -26.93 29.06 43.84
CA PHE D 380 -26.56 30.30 43.17
C PHE D 380 -25.05 30.51 43.24
N ALA D 381 -24.46 30.10 44.37
CA ALA D 381 -23.02 30.23 44.58
C ALA D 381 -22.27 29.36 43.57
N ARG D 382 -22.80 28.16 43.30
CA ARG D 382 -22.19 27.26 42.34
C ARG D 382 -22.32 27.93 40.97
N ALA D 383 -23.39 28.68 40.79
CA ALA D 383 -23.60 29.37 39.53
C ALA D 383 -22.50 30.43 39.42
N ASP D 384 -22.25 31.13 40.52
CA ASP D 384 -21.21 32.17 40.55
C ASP D 384 -19.84 31.54 40.36
N LYS D 385 -19.63 30.35 40.94
CA LYS D 385 -18.37 29.64 40.84
C LYS D 385 -18.00 29.36 39.39
N TRP D 386 -18.94 28.81 38.62
CA TRP D 386 -18.73 28.50 37.21
C TRP D 386 -18.74 29.71 36.27
N GLY D 387 -19.03 30.89 36.81
CA GLY D 387 -19.05 32.10 36.00
C GLY D 387 -20.36 32.42 35.27
N ALA D 388 -21.41 31.68 35.60
CA ALA D 388 -22.72 31.88 34.98
C ALA D 388 -23.11 33.33 35.10
N ARG D 389 -23.65 33.89 34.02
CA ARG D 389 -24.08 35.28 34.00
C ARG D 389 -25.56 35.32 34.29
N VAL D 390 -26.18 34.15 34.12
CA VAL D 390 -27.62 34.00 34.28
C VAL D 390 -27.96 32.65 34.86
N ALA D 391 -29.10 32.58 35.55
CA ALA D 391 -29.55 31.32 36.13
C ALA D 391 -31.03 31.16 35.84
N VAL D 392 -31.47 29.95 35.47
CA VAL D 392 -32.90 29.74 35.28
C VAL D 392 -33.32 28.85 36.44
N VAL D 393 -34.10 29.42 37.37
CA VAL D 393 -34.58 28.70 38.55
C VAL D 393 -35.84 27.95 38.19
N LEU D 394 -35.94 26.69 38.58
CA LEU D 394 -37.13 25.91 38.25
C LEU D 394 -37.69 25.24 39.47
N GLY D 395 -38.42 25.99 40.29
CA GLY D 395 -39.01 25.45 41.50
C GLY D 395 -40.26 24.61 41.31
N GLU D 396 -40.97 24.39 42.42
CA GLU D 396 -42.19 23.59 42.43
C GLU D 396 -43.28 24.32 41.67
N SER D 397 -43.40 25.61 41.96
CA SER D 397 -44.38 26.45 41.31
C SER D 397 -44.18 26.41 39.82
N GLU D 398 -43.03 26.93 39.39
CA GLU D 398 -42.65 26.99 37.99
C GLU D 398 -43.01 25.74 37.22
N VAL D 399 -42.80 24.57 37.81
CA VAL D 399 -43.15 23.38 37.06
C VAL D 399 -44.63 23.41 36.82
N ALA D 400 -45.38 23.62 37.90
CA ALA D 400 -46.84 23.68 37.82
C ALA D 400 -47.29 24.67 36.74
N ASN D 401 -46.89 25.93 36.90
CA ASN D 401 -47.26 27.00 35.98
C ASN D 401 -46.58 27.00 34.60
N GLY D 402 -45.68 26.05 34.36
CA GLY D 402 -45.02 25.99 33.06
C GLY D 402 -44.12 27.19 32.81
N THR D 403 -43.68 27.81 33.89
CA THR D 403 -42.79 28.95 33.76
C THR D 403 -41.41 28.62 34.31
N ALA D 404 -40.57 29.65 34.41
CA ALA D 404 -39.23 29.48 34.94
C ALA D 404 -38.63 30.84 35.24
N VAL D 405 -38.09 31.00 36.44
CA VAL D 405 -37.50 32.27 36.80
C VAL D 405 -36.15 32.43 36.08
N VAL D 406 -35.89 33.65 35.61
CA VAL D 406 -34.66 33.94 34.91
C VAL D 406 -33.94 35.02 35.67
N LYS D 407 -32.97 34.59 36.49
CA LYS D 407 -32.19 35.48 37.33
C LYS D 407 -30.91 35.90 36.64
N ASP D 408 -30.72 37.22 36.54
CA ASP D 408 -29.52 37.77 35.93
C ASP D 408 -28.59 37.89 37.13
N LEU D 409 -27.68 36.95 37.23
CA LEU D 409 -26.74 36.92 38.34
C LEU D 409 -25.94 38.23 38.45
N ARG D 410 -25.79 38.93 37.34
CA ARG D 410 -25.07 40.20 37.36
C ARG D 410 -25.85 41.25 38.16
N SER D 411 -27.01 41.66 37.64
CA SER D 411 -27.85 42.66 38.30
C SER D 411 -28.55 42.15 39.53
N GLY D 412 -28.91 40.86 39.54
CA GLY D 412 -29.58 40.30 40.70
C GLY D 412 -31.09 40.14 40.54
N GLU D 413 -31.67 40.91 39.61
CA GLU D 413 -33.11 40.84 39.38
C GLU D 413 -33.51 39.61 38.61
N GLN D 414 -34.73 39.14 38.84
CA GLN D 414 -35.23 37.98 38.15
C GLN D 414 -36.66 38.27 37.71
N THR D 415 -37.18 37.45 36.81
CA THR D 415 -38.53 37.65 36.31
C THR D 415 -38.99 36.28 35.85
N ALA D 416 -40.28 35.99 36.06
CA ALA D 416 -40.82 34.70 35.66
C ALA D 416 -41.11 34.69 34.17
N VAL D 417 -40.64 33.69 33.47
CA VAL D 417 -40.86 33.61 32.04
C VAL D 417 -41.51 32.30 31.67
N ALA D 418 -42.42 32.36 30.70
CA ALA D 418 -43.09 31.15 30.25
C ALA D 418 -41.97 30.44 29.51
N GLN D 419 -41.87 29.14 29.72
CA GLN D 419 -40.82 28.37 29.08
C GLN D 419 -40.65 28.61 27.60
N ASP D 420 -41.76 28.70 26.88
CA ASP D 420 -41.68 28.91 25.46
C ASP D 420 -40.91 30.20 25.11
N SER D 421 -41.14 31.26 25.87
CA SER D 421 -40.44 32.50 25.58
C SER D 421 -39.08 32.68 26.29
N VAL D 422 -38.67 31.71 27.10
CA VAL D 422 -37.40 31.85 27.83
C VAL D 422 -36.16 31.80 26.94
N ALA D 423 -36.12 30.83 26.03
CA ALA D 423 -34.98 30.70 25.13
C ALA D 423 -34.72 32.03 24.44
N ALA D 424 -35.78 32.64 23.94
CA ALA D 424 -35.64 33.91 23.26
C ALA D 424 -35.25 34.99 24.27
N HIS D 425 -35.56 34.74 25.55
CA HIS D 425 -35.25 35.69 26.61
C HIS D 425 -33.75 35.64 26.94
N LEU D 426 -33.25 34.45 27.27
CA LEU D 426 -31.83 34.24 27.60
C LEU D 426 -30.92 34.82 26.50
N ARG D 427 -31.40 34.71 25.26
CA ARG D 427 -30.69 35.20 24.09
C ARG D 427 -30.38 36.70 24.19
N THR D 428 -31.25 37.46 24.84
CA THR D 428 -31.02 38.88 24.96
C THR D 428 -29.92 39.17 25.96
N LEU D 429 -30.23 39.03 27.25
CA LEU D 429 -29.24 39.34 28.28
C LEU D 429 -27.89 38.62 28.17
N LEU D 430 -27.79 37.62 27.30
CA LEU D 430 -26.52 36.92 27.13
C LEU D 430 -25.79 37.44 25.91
N GLY D 431 -25.90 38.74 25.67
CA GLY D 431 -25.26 39.30 24.49
C GLY D 431 -25.92 38.65 23.27
C4 HSS E . -8.13 -13.89 -9.96
C5 HSS E . -8.86 -12.77 -10.34
C6 HSS E . -8.36 -11.51 -10.02
C8 HSS E . -9.92 -14.52 -10.97
N1 HSS E . -7.20 -11.43 -9.36
N3 HSS E . -6.97 -13.72 -9.31
N11 HSS E . -13.16 -24.25 -15.20
CE1 HSS E . -13.04 -25.09 -16.22
N12 HSS E . -11.91 -24.80 -16.85
CD2 HSS E . -11.33 -23.79 -16.20
CG HSS E . -12.10 -23.45 -15.19
CB HSS E . -11.88 -22.27 -14.24
CA HSS E . -12.56 -21.03 -14.83
N HSS E . -12.03 -20.76 -16.17
C HSS E . -12.27 -19.83 -13.93
O HSS E . -11.49 -18.96 -14.35
N1S HSS E . -12.87 -19.75 -12.75
S HSS E . -12.40 -18.45 -11.90
O2S HSS E . -13.61 -17.63 -11.56
O3S HSS E . -11.45 -17.61 -12.71
O5' HSS E . -11.73 -18.84 -10.69
C5' HSS E . -10.41 -19.39 -10.72
C4' HSS E . -9.38 -18.41 -10.16
O4' HSS E . -9.19 -17.24 -10.95
C3' HSS E . -9.85 -17.81 -8.84
O3' HSS E . -9.74 -18.76 -7.78
C2' HSS E . -8.79 -16.72 -8.66
O2' HSS E . -7.65 -17.26 -7.99
C1' HSS E . -8.44 -16.35 -10.11
N9 HSS E . -8.82 -14.95 -10.36
N7 HSS E . -9.96 -13.20 -10.96
C2 HSS E . -6.53 -12.51 -9.02
N6 HSS E . -9.04 -10.41 -10.35
C4 HSS F . 7.36 -9.48 -34.97
C5 HSS F . 6.32 -8.62 -35.29
C6 HSS F . 5.10 -9.17 -35.67
C8 HSS F . 8.02 -7.45 -34.67
N1 HSS F . 4.98 -10.50 -35.69
N3 HSS F . 7.16 -10.81 -35.02
N11 HSS F . 15.31 -1.92 -28.49
CE1 HSS F . 15.87 -1.59 -27.33
N12 HSS F . 15.42 -2.44 -26.40
CD2 HSS F . 14.60 -3.30 -27.00
CG HSS F . 14.52 -2.98 -28.28
CB HSS F . 13.65 -3.68 -29.33
CA HSS F . 12.40 -2.85 -29.65
N HSS F . 11.56 -2.78 -28.44
C HSS F . 11.65 -3.52 -30.79
O HSS F . 10.48 -3.89 -30.60
N1S HSS F . 12.32 -3.74 -31.91
S HSS F . 11.47 -4.24 -33.22
O2S HSS F . 10.18 -3.48 -33.39
O3S HSS F . 12.25 -4.64 -34.42
O5' HSS F . 10.96 -5.52 -32.84
C5' HSS F . 11.84 -6.62 -32.59
C4' HSS F . 11.42 -7.91 -33.29
O4' HSS F . 10.08 -8.34 -33.00
C3' HSS F . 11.43 -7.81 -34.80
O3' HSS F . 12.80 -7.86 -35.24
C2' HSS F . 10.75 -9.14 -35.13
O2' HSS F . 11.68 -10.23 -34.97
C1' HSS F . 9.67 -9.23 -34.05
N9 HSS F . 8.38 -8.73 -34.58
N7 HSS F . 6.77 -7.38 -35.11
C2 HSS F . 5.99 -11.29 -35.38
N6 HSS F . 4.06 -8.39 -35.95
C4 HSS G . -11.04 0.92 21.53
C5 HSS G . -10.03 0.06 21.90
C6 HSS G . -9.13 -0.38 20.93
C8 HSS G . -11.21 0.51 23.64
N1 HSS G . -9.27 0.07 19.67
N3 HSS G . -11.12 1.32 20.26
N11 HSS G . -15.31 4.74 32.95
CE1 HSS G . -15.26 5.81 33.73
N12 HSS G . -14.53 6.74 33.12
CD2 HSS G . -14.13 6.23 31.95
CG HSS G . -14.62 4.99 31.86
CB HSS G . -14.36 4.01 30.70
CA HSS G . -12.97 3.41 30.81
N HSS G . -11.96 4.47 30.81
C HSS G . -12.73 2.46 29.62
O HSS G . -11.83 2.72 28.83
N1S HSS G . -13.52 1.40 29.51
S HSS G . -13.30 0.69 28.05
O2S HSS G . -11.87 0.67 27.61
O3S HSS G . -14.20 -0.45 27.65
O5' HSS G . -13.84 1.70 27.19
C5' HSS G . -13.01 2.28 26.19
C4' HSS G . -13.74 2.38 24.85
O4' HSS G . -12.83 2.87 23.85
C3' HSS G . -14.20 1.01 24.37
O3' HSS G . -15.53 0.79 24.83
C2' HSS G . -14.24 1.27 22.86
O2' HSS G . -15.37 2.08 22.55
C1' HSS G . -12.94 2.06 22.67
N9 HSS G . -11.75 1.18 22.63
N7 HSS G . -10.16 -0.18 23.21
C2 HSS G . -10.26 0.89 19.36
N6 HSS G . -8.15 -1.22 21.22
C4 HSS H . 10.39 21.62 23.14
C5 HSS H . 11.18 20.55 23.56
C6 HSS H . 10.98 20.07 24.84
C8 HSS H . 11.66 21.03 21.51
N1 HSS H . 10.04 20.62 25.62
N3 HSS H . 9.47 22.13 23.98
N11 HSS H . 11.76 20.51 10.55
CE1 HSS H . 11.19 20.26 9.37
N12 HSS H . 9.89 20.10 9.56
CD2 HSS H . 9.64 20.27 10.86
CG HSS H . 10.79 20.52 11.47
CB HSS H . 11.00 20.73 12.97
CA HSS H . 11.76 19.54 13.56
N HSS H . 10.94 18.34 13.42
C HSS H . 12.10 19.81 15.03
O HSS H . 11.48 19.22 15.92
N1S HSS H . 13.11 20.65 15.27
S HSS H . 13.28 21.07 16.84
O2S HSS H . 13.34 19.89 17.77
O3S HSS H . 14.08 22.29 17.18
O5' HSS H . 11.98 21.61 17.08
C5' HSS H . 11.28 21.42 18.32
C4' HSS H . 10.68 22.73 18.83
O4' HSS H . 9.66 22.46 19.81
C3' HSS H . 11.75 23.59 19.52
O3' HSS H . 12.02 24.72 18.68
C2' HSS H . 11.05 24.09 20.78
O2' HSS H . 10.31 25.30 20.51
C1' HSS H . 10.08 22.96 21.08
N9 HSS H . 10.71 21.89 21.89
N7 HSS H . 11.96 20.22 22.53
C2 HSS H . 9.32 21.63 25.19
N6 HSS H . 11.70 19.05 25.30
#